data_7B1D
#
_entry.id   7B1D
#
_cell.length_a   1.00
_cell.length_b   1.00
_cell.length_c   1.00
_cell.angle_alpha   90.00
_cell.angle_beta   90.00
_cell.angle_gamma   90.00
#
_symmetry.space_group_name_H-M   'P 1'
#
loop_
_entity.id
_entity.type
_entity.pdbx_description
1 polymer 'Toll-like receptor'
2 branched 2-acetamido-2-deoxy-beta-D-glucopyranose-(1-4)-2-acetamido-2-deoxy-beta-D-glucopyranose
3 non-polymer 2-acetamido-2-deoxy-beta-D-glucopyranose
#
_entity_poly.entity_id   1
_entity_poly.type   'polypeptide(L)'
_entity_poly.pdbx_seq_one_letter_code
;TSTKRFTCPEESEASNCSCEEFPSKTHFYCPDFNPTLYVDVEDRMRVDFKCYDEPHDFKSLPNLAIGSVKLLTVVDCVLD
DDRPILESFKFLEVADVRSFVYNNHENGIRYNAKYFEGMEQLENLTLARGVVSIDRDTFSGFLNLKRLTIEHNKLNLQPG
TFEALSNLTYLGLVYNGLNEIQPGLFDGLESLEALSLSYNDIKSLSAGSFNGLSSLRMLNLRVNKIESFDANTFASLKEL
SRLEITLNPFVSLPRGLFSENKKLKTLILTNNRKLVTLPEELLANLKELTVVNLSHNGVGNLPESLLSGSSGIIELNLGY
NRLNSLPEELLSDQPQLQVLNLDHNQLESIPDYFLERNVELQTLYLSHNRLRSLSEKAFTKLKNLKELHLENNQLQTIPQ
FLFSGTPKLEEIYMQNNQLALHANSFINEELSIADNDNTPFQVLQKLRILHLRNNSISTIFQDWYINNLEMQSLDLSFNK
LPGLSYTQLQFQSNITLNLSNNEISQVLLIDDLDLQPYQRINVDLNHNPLNCNCNALKFIQLIQSKAEHGLQFNVDQLRC
SEPPNLLDATMDQLQTKDLLCDFESADDCPKDCQCAMRLLDHTVIVNCSGRGLTEFPDLPIPSQLHEDFNALEVHVENNR
LTKLPNLTKHNEITQLYARNNSIQNLLPHNIPSKLRIIDLSQNLLKMIDDSTLAQINRSSHLETIRLSQNQWLCDCPASS
FLIFVQQNSRLISDMSAIRCHPSGKSLDSITVNELCFEDYTTENLYFQ
;
_entity_poly.pdbx_strand_id   B,C
#
loop_
_chem_comp.id
_chem_comp.type
_chem_comp.name
_chem_comp.formula
NAG D-saccharide, beta linking 2-acetamido-2-deoxy-beta-D-glucopyranose 'C8 H15 N O6'
#
# COMPACT_ATOMS: atom_id res chain seq x y z
N ARG A 5 17.07 20.68 3.60
CA ARG A 5 16.96 19.96 2.34
C ARG A 5 18.32 19.63 1.76
N PHE A 6 18.46 18.41 1.23
CA PHE A 6 19.71 17.95 0.64
C PHE A 6 19.65 18.12 -0.87
N THR A 7 20.58 18.90 -1.42
CA THR A 7 20.69 19.12 -2.84
C THR A 7 22.02 18.58 -3.33
N CYS A 8 22.10 18.33 -4.63
CA CYS A 8 23.31 17.77 -5.21
C CYS A 8 24.49 18.72 -4.99
N PRO A 9 25.67 18.20 -4.71
CA PRO A 9 26.85 19.06 -4.58
C PRO A 9 27.18 19.74 -5.91
N GLU A 10 27.77 20.92 -5.81
CA GLU A 10 28.11 21.69 -7.01
C GLU A 10 29.09 20.90 -7.88
N GLU A 11 28.83 20.92 -9.19
CA GLU A 11 29.68 20.19 -10.12
C GLU A 11 31.08 20.78 -10.13
N SER A 12 32.08 19.90 -10.03
CA SER A 12 33.47 20.32 -10.02
C SER A 12 34.34 19.15 -10.44
N GLU A 13 35.57 19.47 -10.84
CA GLU A 13 36.53 18.45 -11.23
C GLU A 13 37.19 17.76 -10.06
N ALA A 14 37.00 18.27 -8.84
CA ALA A 14 37.58 17.63 -7.66
C ALA A 14 36.96 16.26 -7.42
N SER A 15 35.66 16.13 -7.70
CA SER A 15 34.94 14.90 -7.45
C SER A 15 34.35 14.38 -8.76
N ASN A 16 34.40 13.06 -8.95
CA ASN A 16 33.84 12.42 -10.12
C ASN A 16 32.47 11.82 -9.86
N CYS A 17 31.89 12.02 -8.68
CA CYS A 17 30.63 11.37 -8.36
C CYS A 17 29.47 12.18 -8.91
N SER A 18 28.68 11.55 -9.78
CA SER A 18 27.61 12.22 -10.50
C SER A 18 26.32 12.12 -9.70
N CYS A 19 25.79 13.26 -9.28
CA CYS A 19 24.59 13.32 -8.46
C CYS A 19 23.39 13.59 -9.36
N GLU A 20 22.51 12.59 -9.49
CA GLU A 20 21.30 12.71 -10.29
C GLU A 20 20.14 13.04 -9.36
N GLU A 21 19.78 14.31 -9.28
CA GLU A 21 18.73 14.77 -8.37
C GLU A 21 17.36 14.37 -8.93
N PHE A 22 16.65 13.52 -8.20
CA PHE A 22 15.31 13.08 -8.55
C PHE A 22 14.29 13.81 -7.68
N PRO A 23 13.02 13.87 -8.10
CA PRO A 23 12.01 14.53 -7.26
C PRO A 23 11.84 13.89 -5.89
N SER A 24 12.04 12.57 -5.80
CA SER A 24 11.85 11.88 -4.53
C SER A 24 13.14 11.80 -3.73
N LYS A 25 14.18 11.19 -4.30
CA LYS A 25 15.43 10.97 -3.58
C LYS A 25 16.60 11.22 -4.51
N THR A 26 17.56 12.01 -4.05
CA THR A 26 18.75 12.29 -4.85
C THR A 26 19.57 11.01 -5.03
N HIS A 27 19.95 10.73 -6.26
CA HIS A 27 20.67 9.50 -6.58
C HIS A 27 22.14 9.82 -6.86
N PHE A 28 22.96 8.78 -6.85
CA PHE A 28 24.40 8.95 -7.03
C PHE A 28 24.99 7.79 -7.81
N TYR A 29 26.13 8.05 -8.45
CA TYR A 29 27.01 7.04 -9.05
C TYR A 29 28.40 7.67 -9.03
N CYS A 30 29.23 7.25 -8.08
CA CYS A 30 30.47 7.99 -7.84
C CYS A 30 31.58 7.69 -8.85
N PRO A 31 31.88 6.45 -9.20
CA PRO A 31 32.78 6.25 -10.35
C PRO A 31 32.02 6.47 -11.64
N ASP A 32 32.25 7.63 -12.28
CA ASP A 32 31.41 8.04 -13.40
C ASP A 32 31.55 7.10 -14.59
N PHE A 33 32.77 6.64 -14.88
CA PHE A 33 32.96 5.73 -15.99
C PHE A 33 32.28 4.38 -15.73
N ASN A 34 32.46 3.83 -14.54
CA ASN A 34 31.89 2.53 -14.18
C ASN A 34 31.28 2.65 -12.79
N PRO A 35 29.97 2.86 -12.71
CA PRO A 35 29.33 3.11 -11.40
C PRO A 35 29.29 1.89 -10.51
N THR A 36 30.40 1.61 -9.81
CA THR A 36 30.47 0.41 -8.98
C THR A 36 29.58 0.52 -7.75
N LEU A 37 29.24 1.74 -7.34
CA LEU A 37 28.40 1.94 -6.17
C LEU A 37 27.46 3.11 -6.39
N TYR A 38 26.27 3.02 -5.77
CA TYR A 38 25.30 4.10 -5.81
C TYR A 38 24.82 4.39 -4.40
N VAL A 39 24.48 5.65 -4.14
CA VAL A 39 24.07 6.09 -2.82
C VAL A 39 22.74 6.83 -2.97
N ASP A 40 21.64 6.11 -2.78
CA ASP A 40 20.30 6.68 -2.90
C ASP A 40 19.92 7.29 -1.56
N VAL A 41 19.78 8.61 -1.53
CA VAL A 41 19.58 9.37 -0.29
C VAL A 41 18.23 10.07 -0.38
N GLU A 42 17.38 9.85 0.61
CA GLU A 42 16.16 10.64 0.76
C GLU A 42 16.50 11.96 1.45
N ASP A 43 15.47 12.73 1.75
CA ASP A 43 15.69 14.02 2.40
C ASP A 43 16.32 13.84 3.77
N ARG A 44 15.59 13.21 4.70
CA ARG A 44 16.15 12.88 6.00
C ARG A 44 15.65 11.53 6.51
N MET A 45 14.97 10.75 5.68
CA MET A 45 14.37 9.50 6.14
C MET A 45 15.37 8.36 6.13
N ARG A 46 16.06 8.15 5.01
CA ARG A 46 16.92 6.98 4.87
C ARG A 46 18.08 7.28 3.93
N VAL A 47 19.10 6.44 4.03
CA VAL A 47 20.24 6.45 3.11
C VAL A 47 20.48 5.01 2.66
N ASP A 48 20.56 4.81 1.35
CA ASP A 48 20.72 3.48 0.77
C ASP A 48 22.06 3.43 0.05
N PHE A 49 23.04 2.77 0.65
CA PHE A 49 24.39 2.67 0.11
C PHE A 49 24.66 1.22 -0.26
N LYS A 50 24.99 0.98 -1.53
CA LYS A 50 25.23 -0.36 -2.05
C LYS A 50 26.46 -0.36 -2.94
N CYS A 51 27.26 -1.42 -2.84
CA CYS A 51 28.45 -1.61 -3.68
C CYS A 51 28.21 -2.81 -4.59
N TYR A 52 28.71 -2.72 -5.82
CA TYR A 52 28.52 -3.78 -6.81
C TYR A 52 29.76 -4.63 -7.07
N ASP A 53 30.95 -4.10 -6.84
CA ASP A 53 32.18 -4.81 -7.16
C ASP A 53 33.14 -4.76 -5.98
N GLU A 54 34.22 -5.55 -6.10
CA GLU A 54 35.22 -5.75 -5.06
C GLU A 54 35.92 -4.45 -4.61
N PRO A 55 36.40 -3.60 -5.51
CA PRO A 55 37.11 -2.39 -5.05
C PRO A 55 36.22 -1.51 -4.19
N HIS A 56 36.82 -0.92 -3.16
CA HIS A 56 36.11 -0.08 -2.21
C HIS A 56 36.42 1.40 -2.37
N ASP A 57 37.70 1.78 -2.29
CA ASP A 57 38.18 3.15 -2.40
C ASP A 57 37.25 4.16 -1.71
N PHE A 58 36.86 3.87 -0.47
CA PHE A 58 35.96 4.78 0.24
C PHE A 58 36.61 6.11 0.54
N LYS A 59 37.93 6.13 0.69
CA LYS A 59 38.63 7.39 0.96
C LYS A 59 38.66 8.32 -0.25
N SER A 60 38.52 7.79 -1.46
CA SER A 60 38.52 8.61 -2.67
C SER A 60 37.09 8.92 -3.08
N LEU A 61 36.40 9.65 -2.21
CA LEU A 61 35.00 10.00 -2.44
C LEU A 61 34.75 11.47 -2.08
N PRO A 62 33.70 12.09 -2.62
CA PRO A 62 33.57 13.55 -2.51
C PRO A 62 33.29 14.07 -1.11
N ASN A 63 33.20 13.21 -0.11
CA ASN A 63 32.85 13.63 1.25
C ASN A 63 31.47 14.30 1.27
N LEU A 64 30.46 13.50 0.96
CA LEU A 64 29.08 13.97 0.94
C LEU A 64 28.69 14.56 2.29
N ALA A 65 27.61 15.35 2.30
CA ALA A 65 27.12 16.03 3.50
C ALA A 65 25.63 15.77 3.64
N ILE A 66 25.28 14.71 4.35
CA ILE A 66 23.88 14.39 4.63
C ILE A 66 23.46 14.91 6.00
N GLY A 67 24.31 14.74 7.00
CA GLY A 67 23.99 15.22 8.33
C GLY A 67 23.10 14.25 9.07
N SER A 68 22.01 14.75 9.64
CA SER A 68 21.09 13.91 10.37
C SER A 68 20.29 13.04 9.41
N VAL A 69 20.15 11.75 9.77
CA VAL A 69 19.37 10.81 8.96
C VAL A 69 18.90 9.70 9.89
N LYS A 70 17.69 9.20 9.61
CA LYS A 70 17.10 8.18 10.49
C LYS A 70 17.66 6.80 10.21
N LEU A 71 17.48 6.29 9.00
CA LEU A 71 17.86 4.94 8.63
C LEU A 71 19.07 4.97 7.71
N LEU A 72 20.05 4.12 7.99
CA LEU A 72 21.26 4.00 7.16
C LEU A 72 21.33 2.54 6.70
N THR A 73 20.79 2.28 5.52
CA THR A 73 20.80 0.93 4.96
C THR A 73 22.01 0.75 4.05
N VAL A 74 23.05 0.12 4.58
CA VAL A 74 24.24 -0.21 3.81
C VAL A 74 24.17 -1.67 3.41
N VAL A 75 24.42 -1.95 2.14
CA VAL A 75 24.24 -3.28 1.57
C VAL A 75 25.51 -3.67 0.82
N ASP A 76 26.06 -4.83 1.16
CA ASP A 76 27.06 -5.51 0.34
C ASP A 76 28.29 -4.63 0.14
N CYS A 77 28.69 -3.93 1.19
CA CYS A 77 29.87 -3.08 1.15
C CYS A 77 30.84 -3.49 2.25
N VAL A 78 32.13 -3.49 1.93
CA VAL A 78 33.14 -3.97 2.88
C VAL A 78 33.35 -2.96 4.00
N LEU A 79 33.99 -3.41 5.07
CA LEU A 79 34.29 -2.58 6.22
C LEU A 79 35.78 -2.65 6.53
N ASP A 80 36.33 -1.55 7.04
CA ASP A 80 37.74 -1.54 7.43
C ASP A 80 37.95 -2.47 8.62
N ASP A 81 39.08 -3.18 8.60
CA ASP A 81 39.37 -4.19 9.61
C ASP A 81 39.51 -3.54 10.99
N ASP A 82 38.65 -3.97 11.92
CA ASP A 82 38.67 -3.50 13.30
C ASP A 82 38.63 -1.98 13.40
N ARG A 83 37.78 -1.35 12.61
CA ARG A 83 37.56 0.08 12.63
C ARG A 83 36.07 0.38 12.75
N PRO A 84 35.70 1.52 13.32
CA PRO A 84 34.29 1.86 13.43
C PRO A 84 33.62 1.93 12.06
N ILE A 85 32.37 1.49 12.01
CA ILE A 85 31.65 1.51 10.74
C ILE A 85 31.47 2.94 10.25
N LEU A 86 31.10 3.87 11.14
CA LEU A 86 31.00 5.26 10.75
C LEU A 86 32.36 5.83 10.34
N GLU A 87 33.44 5.29 10.89
CA GLU A 87 34.77 5.68 10.44
C GLU A 87 35.06 5.16 9.04
N SER A 88 34.69 3.90 8.76
CA SER A 88 34.87 3.35 7.42
C SER A 88 33.95 4.00 6.40
N PHE A 89 32.88 4.65 6.84
CA PHE A 89 31.94 5.36 5.97
C PHE A 89 32.07 6.86 6.17
N LYS A 90 33.29 7.35 6.33
CA LYS A 90 33.54 8.76 6.60
C LYS A 90 33.13 9.66 5.44
N PHE A 91 33.04 9.11 4.22
CA PHE A 91 32.73 9.94 3.06
C PHE A 91 31.32 10.52 3.13
N LEU A 92 30.48 10.02 4.04
CA LEU A 92 29.20 10.63 4.32
C LEU A 92 29.06 10.78 5.83
N GLU A 93 28.92 12.02 6.29
CA GLU A 93 28.82 12.31 7.72
C GLU A 93 27.37 12.17 8.20
N VAL A 94 26.88 10.93 8.15
CA VAL A 94 25.60 10.63 8.78
C VAL A 94 25.74 10.72 10.29
N ALA A 95 24.76 11.36 10.93
CA ALA A 95 24.79 11.55 12.37
C ALA A 95 23.38 11.41 12.90
N ASP A 96 23.29 11.11 14.19
CA ASP A 96 22.02 10.87 14.88
C ASP A 96 21.20 9.82 14.12
N VAL A 97 21.87 8.71 13.82
CA VAL A 97 21.27 7.61 13.08
C VAL A 97 20.58 6.67 14.07
N ARG A 98 19.33 6.33 13.77
CA ARG A 98 18.54 5.48 14.65
C ARG A 98 18.63 4.00 14.26
N SER A 99 18.38 3.69 13.00
CA SER A 99 18.37 2.32 12.51
C SER A 99 19.56 2.09 11.60
N PHE A 100 20.20 0.93 11.74
CA PHE A 100 21.34 0.54 10.92
C PHE A 100 21.11 -0.86 10.40
N VAL A 101 21.19 -1.04 9.08
CA VAL A 101 20.99 -2.32 8.44
C VAL A 101 22.22 -2.60 7.58
N TYR A 102 22.84 -3.75 7.78
CA TYR A 102 24.10 -4.09 7.13
C TYR A 102 24.01 -5.45 6.46
N ASN A 103 23.63 -5.47 5.19
CA ASN A 103 23.73 -6.68 4.39
C ASN A 103 25.14 -6.82 3.84
N ASN A 104 25.71 -8.02 3.93
CA ASN A 104 27.07 -8.25 3.49
C ASN A 104 27.23 -9.72 3.13
N HIS A 105 27.76 -9.99 1.94
CA HIS A 105 27.78 -11.35 1.42
C HIS A 105 29.18 -11.94 1.27
N GLU A 106 30.13 -11.18 0.74
CA GLU A 106 31.42 -11.77 0.35
C GLU A 106 32.17 -12.33 1.55
N ASN A 107 32.35 -11.53 2.60
CA ASN A 107 33.23 -11.92 3.69
C ASN A 107 32.53 -11.74 5.03
N GLY A 108 32.60 -12.78 5.85
CA GLY A 108 32.16 -12.67 7.22
C GLY A 108 33.07 -11.75 8.02
N ILE A 109 32.48 -11.04 8.98
CA ILE A 109 33.20 -10.06 9.79
C ILE A 109 33.05 -10.46 11.25
N ARG A 110 34.18 -10.70 11.92
CA ARG A 110 34.16 -10.90 13.35
C ARG A 110 33.90 -9.57 14.05
N TYR A 111 32.94 -9.57 14.96
CA TYR A 111 32.42 -8.34 15.54
C TYR A 111 32.94 -8.16 16.95
N ASN A 112 33.36 -6.92 17.25
CA ASN A 112 33.79 -6.52 18.58
C ASN A 112 33.23 -5.14 18.84
N ALA A 113 33.43 -4.65 20.07
CA ALA A 113 32.93 -3.32 20.42
C ALA A 113 33.57 -2.23 19.59
N LYS A 114 34.72 -2.50 18.97
CA LYS A 114 35.43 -1.49 18.20
C LYS A 114 34.76 -1.18 16.87
N TYR A 115 33.82 -2.02 16.41
CA TYR A 115 33.10 -1.75 15.18
C TYR A 115 31.93 -0.80 15.38
N PHE A 116 31.52 -0.54 16.62
CA PHE A 116 30.39 0.32 16.93
C PHE A 116 30.81 1.48 17.81
N GLU A 117 31.91 2.13 17.44
CA GLU A 117 32.41 3.25 18.24
C GLU A 117 31.69 4.56 17.94
N GLY A 118 30.77 4.56 16.96
CA GLY A 118 30.00 5.74 16.64
C GLY A 118 28.50 5.62 16.79
N MET A 119 28.00 4.50 17.32
CA MET A 119 26.56 4.26 17.37
C MET A 119 26.07 4.07 18.81
N GLU A 120 26.50 4.95 19.72
CA GLU A 120 26.10 4.80 21.12
C GLU A 120 24.61 5.05 21.30
N GLN A 121 23.96 5.73 20.36
CA GLN A 121 22.56 6.10 20.51
C GLN A 121 21.71 5.46 19.42
N LEU A 122 21.93 4.17 19.18
CA LEU A 122 21.28 3.45 18.09
C LEU A 122 20.02 2.77 18.62
N GLU A 123 18.90 2.96 17.92
CA GLU A 123 17.64 2.38 18.39
C GLU A 123 17.38 1.03 17.77
N ASN A 124 17.43 0.93 16.45
CA ASN A 124 17.25 -0.32 15.73
C ASN A 124 18.60 -0.81 15.23
N LEU A 125 18.69 -2.10 14.93
CA LEU A 125 19.89 -2.66 14.32
C LEU A 125 19.50 -3.94 13.58
N THR A 126 20.23 -4.24 12.51
CA THR A 126 20.00 -5.45 11.74
C THR A 126 21.31 -5.87 11.09
N LEU A 127 21.60 -7.17 11.13
CA LEU A 127 22.79 -7.73 10.49
C LEU A 127 22.36 -8.94 9.68
N ALA A 128 23.04 -9.18 8.57
CA ALA A 128 22.61 -10.24 7.66
C ALA A 128 23.79 -10.77 6.84
N ARG A 129 23.91 -12.10 6.81
CA ARG A 129 24.74 -12.83 5.86
C ARG A 129 26.24 -12.62 6.07
N GLY A 130 26.63 -11.77 7.01
CA GLY A 130 28.03 -11.39 7.08
C GLY A 130 28.63 -11.30 8.47
N VAL A 131 27.92 -11.75 9.49
CA VAL A 131 28.40 -11.64 10.86
C VAL A 131 28.70 -13.03 11.39
N VAL A 132 29.87 -13.16 12.01
CA VAL A 132 30.30 -14.44 12.56
C VAL A 132 31.10 -14.18 13.84
N SER A 133 30.88 -15.02 14.84
CA SER A 133 31.63 -15.00 16.10
C SER A 133 31.52 -13.64 16.79
N ILE A 134 30.29 -13.30 17.17
CA ILE A 134 30.06 -12.08 17.93
C ILE A 134 30.78 -12.17 19.26
N ASP A 135 31.51 -11.12 19.61
CA ASP A 135 32.23 -11.10 20.87
C ASP A 135 31.33 -10.60 22.00
N ARG A 136 31.67 -10.99 23.23
CA ARG A 136 30.83 -10.69 24.38
C ARG A 136 30.74 -9.19 24.64
N ASP A 137 31.76 -8.42 24.26
CA ASP A 137 31.81 -6.99 24.55
C ASP A 137 31.18 -6.14 23.46
N THR A 138 30.61 -6.75 22.42
CA THR A 138 30.18 -5.99 21.25
C THR A 138 29.08 -4.99 21.59
N PHE A 139 28.11 -5.39 22.41
CA PHE A 139 26.93 -4.58 22.67
C PHE A 139 27.06 -3.71 23.92
N SER A 140 28.24 -3.63 24.53
CA SER A 140 28.40 -2.86 25.75
C SER A 140 28.14 -1.37 25.52
N GLY A 141 28.62 -0.83 24.40
CA GLY A 141 28.58 0.62 24.22
C GLY A 141 27.21 1.14 23.86
N PHE A 142 26.28 0.24 23.51
CA PHE A 142 24.97 0.68 23.05
C PHE A 142 24.12 1.18 24.21
N LEU A 143 23.36 2.25 23.95
CA LEU A 143 22.41 2.82 24.90
C LEU A 143 21.05 2.93 24.22
N ASN A 144 20.01 2.54 24.95
CA ASN A 144 18.63 2.67 24.48
C ASN A 144 18.42 1.93 23.15
N LEU A 145 19.00 0.74 23.04
CA LEU A 145 18.79 -0.10 21.86
C LEU A 145 17.57 -0.98 22.09
N LYS A 146 16.60 -0.90 21.19
CA LYS A 146 15.32 -1.57 21.37
C LYS A 146 15.16 -2.82 20.53
N ARG A 147 15.83 -2.93 19.39
CA ARG A 147 15.65 -4.07 18.51
C ARG A 147 17.01 -4.58 18.04
N LEU A 148 17.08 -5.88 17.78
CA LEU A 148 18.30 -6.51 17.29
C LEU A 148 17.92 -7.73 16.47
N THR A 149 18.56 -7.91 15.31
CA THR A 149 18.25 -9.02 14.42
C THR A 149 19.54 -9.55 13.82
N ILE A 150 19.68 -10.88 13.83
CA ILE A 150 20.80 -11.57 13.22
C ILE A 150 20.21 -12.52 12.19
N GLU A 151 20.27 -12.14 10.91
CA GLU A 151 19.31 -12.62 9.93
C GLU A 151 19.69 -13.96 9.28
N HIS A 152 20.77 -14.01 8.51
CA HIS A 152 21.02 -15.17 7.64
C HIS A 152 22.47 -15.62 7.68
N ASN A 153 23.07 -15.66 8.87
CA ASN A 153 24.49 -15.97 9.00
C ASN A 153 24.69 -17.19 9.89
N LYS A 154 25.60 -18.07 9.48
CA LYS A 154 25.99 -19.19 10.34
C LYS A 154 26.77 -18.66 11.53
N LEU A 155 26.34 -19.05 12.74
CA LEU A 155 26.85 -18.41 13.95
C LEU A 155 26.80 -19.41 15.10
N ASN A 156 27.67 -19.18 16.08
CA ASN A 156 27.66 -19.90 17.34
C ASN A 156 27.91 -18.89 18.44
N LEU A 157 26.97 -18.79 19.39
CA LEU A 157 26.97 -17.75 20.40
C LEU A 157 27.38 -18.34 21.75
N GLN A 158 28.44 -17.78 22.34
CA GLN A 158 28.83 -18.16 23.68
C GLN A 158 27.86 -17.56 24.70
N PRO A 159 27.64 -18.24 25.83
CA PRO A 159 26.68 -17.72 26.81
C PRO A 159 27.14 -16.41 27.43
N GLY A 160 26.35 -15.36 27.22
CA GLY A 160 26.60 -14.06 27.84
C GLY A 160 26.82 -12.91 26.89
N THR A 161 26.59 -13.07 25.58
CA THR A 161 26.86 -11.97 24.66
C THR A 161 25.85 -10.85 24.81
N PHE A 162 24.65 -11.14 25.30
CA PHE A 162 23.57 -10.16 25.38
C PHE A 162 23.41 -9.58 26.79
N GLU A 163 24.36 -9.83 27.69
CA GLU A 163 24.21 -9.39 29.06
C GLU A 163 24.17 -7.87 29.21
N ALA A 164 24.69 -7.14 28.21
CA ALA A 164 24.79 -5.69 28.30
C ALA A 164 23.58 -4.96 27.74
N LEU A 165 22.56 -5.68 27.26
CA LEU A 165 21.39 -5.06 26.66
C LEU A 165 20.20 -5.22 27.60
N SER A 166 20.07 -4.27 28.51
CA SER A 166 18.97 -4.32 29.48
C SER A 166 17.64 -3.91 28.86
N ASN A 167 17.65 -2.91 27.98
CA ASN A 167 16.43 -2.33 27.44
C ASN A 167 15.99 -2.97 26.13
N LEU A 168 16.62 -4.06 25.71
CA LEU A 168 16.26 -4.68 24.45
C LEU A 168 14.81 -5.18 24.50
N THR A 169 14.08 -4.97 23.40
CA THR A 169 12.69 -5.36 23.31
C THR A 169 12.43 -6.51 22.36
N TYR A 170 12.94 -6.45 21.13
CA TYR A 170 12.77 -7.51 20.15
C TYR A 170 14.13 -8.09 19.80
N LEU A 171 14.23 -9.41 19.83
CA LEU A 171 15.47 -10.11 19.49
C LEU A 171 15.16 -11.16 18.44
N GLY A 172 15.86 -11.10 17.32
CA GLY A 172 15.66 -12.06 16.26
C GLY A 172 16.92 -12.84 15.94
N LEU A 173 16.86 -14.16 16.08
CA LEU A 173 18.02 -15.00 15.79
C LEU A 173 17.68 -16.03 14.71
N VAL A 174 17.01 -15.58 13.66
CA VAL A 174 16.56 -16.51 12.63
C VAL A 174 17.74 -17.01 11.80
N TYR A 175 17.57 -18.20 11.22
CA TYR A 175 18.43 -18.71 10.15
C TYR A 175 19.89 -18.86 10.56
N ASN A 176 20.20 -18.67 11.84
CA ASN A 176 21.59 -18.70 12.28
C ASN A 176 22.18 -20.09 12.40
N GLY A 177 21.34 -21.13 12.41
CA GLY A 177 21.86 -22.47 12.57
C GLY A 177 22.53 -22.74 13.90
N LEU A 178 22.01 -22.16 14.98
CA LEU A 178 22.53 -22.45 16.31
C LEU A 178 22.31 -23.92 16.62
N ASN A 179 23.35 -24.58 17.13
CA ASN A 179 23.24 -26.00 17.46
C ASN A 179 22.44 -26.24 18.74
N GLU A 180 22.55 -25.35 19.72
CA GLU A 180 21.88 -25.53 21.00
C GLU A 180 21.87 -24.21 21.74
N ILE A 181 21.01 -24.12 22.75
CA ILE A 181 20.87 -22.93 23.60
C ILE A 181 21.57 -23.21 24.92
N GLN A 182 22.67 -22.52 25.16
CA GLN A 182 23.40 -22.69 26.41
C GLN A 182 22.59 -22.10 27.56
N PRO A 183 22.65 -22.70 28.75
CA PRO A 183 21.92 -22.14 29.89
C PRO A 183 22.50 -20.81 30.34
N GLY A 184 21.77 -19.73 30.10
CA GLY A 184 22.22 -18.40 30.44
C GLY A 184 22.60 -17.52 29.27
N LEU A 185 22.13 -17.82 28.06
CA LEU A 185 22.46 -16.99 26.91
C LEU A 185 21.73 -15.65 26.96
N PHE A 186 20.65 -15.56 27.72
CA PHE A 186 19.81 -14.37 27.81
C PHE A 186 19.84 -13.77 29.20
N ASP A 187 21.03 -13.66 29.79
CA ASP A 187 21.15 -13.22 31.18
C ASP A 187 20.67 -11.79 31.36
N GLY A 188 21.17 -10.87 30.55
CA GLY A 188 20.88 -9.46 30.74
C GLY A 188 19.57 -8.97 30.17
N LEU A 189 18.88 -9.79 29.37
CA LEU A 189 17.64 -9.36 28.72
C LEU A 189 16.50 -9.40 29.73
N GLU A 190 16.40 -8.34 30.52
CA GLU A 190 15.36 -8.24 31.53
C GLU A 190 14.08 -7.60 31.02
N SER A 191 14.16 -6.74 30.00
CA SER A 191 12.99 -6.06 29.46
C SER A 191 12.58 -6.59 28.09
N LEU A 192 12.96 -7.82 27.76
CA LEU A 192 12.64 -8.40 26.46
C LEU A 192 11.16 -8.73 26.40
N GLU A 193 10.49 -8.31 25.34
CA GLU A 193 9.08 -8.60 25.16
C GLU A 193 8.81 -9.63 24.08
N ALA A 194 9.68 -9.73 23.08
CA ALA A 194 9.51 -10.69 22.00
C ALA A 194 10.85 -11.37 21.73
N LEU A 195 10.79 -12.54 21.12
CA LEU A 195 11.98 -13.30 20.78
C LEU A 195 11.66 -14.23 19.63
N SER A 196 12.63 -14.48 18.77
CA SER A 196 12.45 -15.37 17.64
C SER A 196 13.66 -16.28 17.52
N LEU A 197 13.41 -17.58 17.34
CA LEU A 197 14.46 -18.57 17.15
C LEU A 197 14.16 -19.47 15.96
N SER A 198 13.33 -18.99 15.04
CA SER A 198 12.90 -19.81 13.91
C SER A 198 14.06 -20.12 12.98
N TYR A 199 13.96 -21.25 12.29
CA TYR A 199 14.94 -21.70 11.30
C TYR A 199 16.33 -21.85 11.93
N ASN A 200 16.38 -22.61 13.01
CA ASN A 200 17.63 -22.90 13.68
C ASN A 200 17.81 -24.42 13.72
N ASP A 201 18.85 -24.87 14.42
CA ASP A 201 19.11 -26.29 14.61
C ASP A 201 19.20 -26.65 16.09
N ILE A 202 18.37 -26.02 16.92
CA ILE A 202 18.40 -26.24 18.37
C ILE A 202 18.01 -27.69 18.63
N LYS A 203 18.96 -28.49 19.14
CA LYS A 203 18.69 -29.90 19.36
C LYS A 203 17.73 -30.11 20.52
N SER A 204 17.95 -29.40 21.63
CA SER A 204 17.08 -29.56 22.79
C SER A 204 17.09 -28.28 23.60
N LEU A 205 16.06 -28.12 24.43
CA LEU A 205 15.92 -26.98 25.32
C LEU A 205 15.89 -27.49 26.75
N SER A 206 16.92 -27.14 27.53
CA SER A 206 17.02 -27.60 28.90
C SER A 206 16.15 -26.74 29.82
N ALA A 207 16.14 -27.10 31.10
CA ALA A 207 15.34 -26.36 32.07
C ALA A 207 15.80 -24.92 32.20
N GLY A 208 17.11 -24.70 32.23
CA GLY A 208 17.68 -23.38 32.38
C GLY A 208 17.99 -22.66 31.09
N SER A 209 17.45 -23.13 29.96
CA SER A 209 17.77 -22.52 28.67
C SER A 209 17.26 -21.08 28.60
N PHE A 210 16.08 -20.82 29.15
CA PHE A 210 15.45 -19.51 29.06
C PHE A 210 15.63 -18.69 30.33
N ASN A 211 16.77 -18.84 31.01
CA ASN A 211 17.04 -18.03 32.19
C ASN A 211 17.26 -16.58 31.81
N GLY A 212 16.85 -15.68 32.70
CA GLY A 212 17.05 -14.26 32.51
C GLY A 212 15.89 -13.54 31.85
N LEU A 213 14.90 -14.25 31.34
CA LEU A 213 13.74 -13.65 30.70
C LEU A 213 12.55 -13.80 31.64
N SER A 214 11.93 -12.67 32.00
CA SER A 214 10.78 -12.67 32.90
C SER A 214 9.59 -11.95 32.31
N SER A 215 9.80 -10.87 31.58
CA SER A 215 8.72 -10.09 30.97
C SER A 215 8.45 -10.51 29.54
N LEU A 216 9.04 -11.61 29.07
CA LEU A 216 8.83 -12.07 27.70
C LEU A 216 7.36 -12.38 27.47
N ARG A 217 6.84 -11.87 26.35
CA ARG A 217 5.44 -12.09 26.00
C ARG A 217 5.25 -13.03 24.83
N MET A 218 6.12 -12.97 23.82
CA MET A 218 6.00 -13.79 22.63
C MET A 218 7.24 -14.65 22.49
N LEU A 219 7.06 -15.89 22.02
CA LEU A 219 8.15 -16.78 21.73
C LEU A 219 7.92 -17.37 20.34
N ASN A 220 9.00 -17.86 19.73
CA ASN A 220 8.91 -18.28 18.33
C ASN A 220 9.99 -19.31 18.06
N LEU A 221 9.59 -20.56 17.83
CA LEU A 221 10.47 -21.66 17.49
C LEU A 221 9.98 -22.36 16.24
N ARG A 222 9.70 -21.57 15.20
CA ARG A 222 8.89 -22.06 14.09
C ARG A 222 9.53 -23.23 13.36
N VAL A 223 10.85 -23.20 13.14
CA VAL A 223 11.54 -24.31 12.51
C VAL A 223 12.81 -24.60 13.30
N ASN A 224 12.89 -25.78 13.90
CA ASN A 224 14.05 -26.19 14.67
C ASN A 224 14.28 -27.67 14.45
N LYS A 225 15.12 -28.26 15.28
CA LYS A 225 15.34 -29.69 15.34
C LYS A 225 15.20 -30.18 16.78
N ILE A 226 14.22 -29.65 17.50
CA ILE A 226 14.03 -29.98 18.91
C ILE A 226 13.53 -31.41 19.02
N GLU A 227 14.30 -32.25 19.70
CA GLU A 227 13.91 -33.64 19.88
C GLU A 227 13.22 -33.90 21.21
N SER A 228 13.41 -33.02 22.20
CA SER A 228 12.79 -33.21 23.50
C SER A 228 12.79 -31.88 24.25
N PHE A 229 11.87 -31.77 25.20
CA PHE A 229 11.78 -30.65 26.10
C PHE A 229 12.13 -31.09 27.52
N ASP A 230 11.95 -30.16 28.46
CA ASP A 230 12.07 -30.44 29.88
C ASP A 230 10.85 -29.88 30.60
N ALA A 231 10.50 -30.53 31.71
CA ALA A 231 9.26 -30.19 32.41
C ALA A 231 9.22 -28.76 32.90
N ASN A 232 10.38 -28.11 33.07
CA ASN A 232 10.45 -26.74 33.56
C ASN A 232 11.05 -25.81 32.51
N THR A 233 10.89 -26.14 31.23
CA THR A 233 11.47 -25.31 30.18
C THR A 233 10.84 -23.92 30.14
N PHE A 234 9.51 -23.83 30.24
CA PHE A 234 8.80 -22.56 30.17
C PHE A 234 8.36 -22.07 31.55
N ALA A 235 8.85 -22.68 32.62
CA ALA A 235 8.45 -22.28 33.96
C ALA A 235 8.93 -20.87 34.30
N SER A 236 10.05 -20.44 33.72
CA SER A 236 10.62 -19.13 34.03
C SER A 236 9.96 -17.99 33.26
N LEU A 237 9.10 -18.30 32.29
CA LEU A 237 8.42 -17.27 31.51
C LEU A 237 7.01 -17.09 32.08
N LYS A 238 6.92 -16.34 33.18
CA LYS A 238 5.63 -16.11 33.82
C LYS A 238 4.72 -15.21 32.99
N GLU A 239 5.30 -14.38 32.13
CA GLU A 239 4.53 -13.41 31.37
C GLU A 239 4.27 -13.85 29.93
N LEU A 240 4.57 -15.10 29.60
CA LEU A 240 4.39 -15.59 28.24
C LEU A 240 2.92 -15.51 27.83
N SER A 241 2.68 -15.07 26.60
CA SER A 241 1.32 -14.97 26.08
C SER A 241 1.13 -15.65 24.72
N ARG A 242 2.14 -15.69 23.87
CA ARG A 242 2.04 -16.33 22.57
C ARG A 242 3.21 -17.27 22.39
N LEU A 243 2.93 -18.47 21.87
CA LEU A 243 3.96 -19.49 21.72
C LEU A 243 3.74 -20.19 20.39
N GLU A 244 4.79 -20.28 19.58
CA GLU A 244 4.74 -20.90 18.26
C GLU A 244 5.81 -21.97 18.18
N ILE A 245 5.41 -23.23 18.12
CA ILE A 245 6.31 -24.36 18.03
C ILE A 245 5.84 -25.21 16.86
N THR A 246 6.47 -25.03 15.70
CA THR A 246 6.08 -25.75 14.49
C THR A 246 7.24 -26.57 13.96
N LEU A 247 6.91 -27.51 13.08
CA LEU A 247 7.89 -28.26 12.27
C LEU A 247 9.00 -28.87 13.11
N ASN A 248 8.73 -29.15 14.37
CA ASN A 248 9.78 -29.78 15.14
C ASN A 248 9.65 -31.30 15.10
N PRO A 249 10.74 -32.04 15.20
CA PRO A 249 10.70 -33.51 15.08
C PRO A 249 10.53 -34.28 16.37
N PHE A 250 10.18 -33.65 17.50
CA PHE A 250 10.12 -34.38 18.75
C PHE A 250 8.95 -35.34 18.76
N VAL A 251 9.03 -36.36 19.62
CA VAL A 251 8.02 -37.42 19.62
C VAL A 251 6.89 -37.11 20.59
N SER A 252 7.21 -36.49 21.74
CA SER A 252 6.19 -36.20 22.73
C SER A 252 6.61 -35.02 23.58
N LEU A 253 5.61 -34.33 24.13
CA LEU A 253 5.71 -33.23 25.08
C LEU A 253 5.70 -33.75 26.51
N PRO A 254 6.59 -33.27 27.38
CA PRO A 254 6.64 -33.77 28.75
C PRO A 254 5.40 -33.36 29.53
N ARG A 255 5.08 -34.16 30.54
CA ARG A 255 3.90 -33.92 31.36
C ARG A 255 4.03 -32.57 32.08
N GLY A 256 2.95 -31.79 32.04
CA GLY A 256 2.95 -30.50 32.70
C GLY A 256 3.90 -29.48 32.12
N LEU A 257 3.98 -29.38 30.80
CA LEU A 257 4.87 -28.41 30.16
C LEU A 257 4.44 -26.98 30.49
N PHE A 258 3.14 -26.72 30.44
CA PHE A 258 2.58 -25.37 30.64
C PHE A 258 1.97 -25.21 32.02
N SER A 259 2.58 -25.80 33.04
CA SER A 259 2.02 -25.75 34.39
C SER A 259 2.08 -24.34 34.99
N GLU A 260 2.94 -23.48 34.45
CA GLU A 260 3.15 -22.16 35.05
C GLU A 260 2.89 -21.00 34.11
N ASN A 261 2.62 -21.25 32.82
CA ASN A 261 2.34 -20.18 31.88
C ASN A 261 0.86 -19.80 31.95
N LYS A 262 0.49 -19.24 33.10
CA LYS A 262 -0.90 -18.87 33.35
C LYS A 262 -1.36 -17.66 32.55
N LYS A 263 -0.44 -16.94 31.91
CA LYS A 263 -0.79 -15.82 31.06
C LYS A 263 -0.83 -16.17 29.59
N LEU A 264 -0.75 -17.47 29.26
CA LEU A 264 -0.75 -17.88 27.87
C LEU A 264 -2.05 -17.48 27.19
N LYS A 265 -1.93 -16.99 25.96
CA LYS A 265 -3.10 -16.54 25.19
C LYS A 265 -3.27 -17.29 23.88
N THR A 266 -2.18 -17.52 23.15
CA THR A 266 -2.22 -18.25 21.89
C THR A 266 -1.14 -19.33 21.90
N LEU A 267 -1.51 -20.53 21.46
CA LEU A 267 -0.56 -21.63 21.39
C LEU A 267 -0.67 -22.24 20.00
N ILE A 268 0.31 -21.96 19.15
CA ILE A 268 0.35 -22.48 17.79
C ILE A 268 1.35 -23.64 17.76
N LEU A 269 0.83 -24.86 17.67
CA LEU A 269 1.66 -26.07 17.65
C LEU A 269 1.23 -26.91 16.45
N THR A 270 1.80 -26.61 15.29
CA THR A 270 1.35 -27.19 14.04
C THR A 270 2.51 -27.84 13.29
N ASN A 271 2.18 -28.88 12.52
CA ASN A 271 3.12 -29.61 11.67
C ASN A 271 4.19 -30.35 12.47
N ASN A 272 4.02 -30.46 13.79
CA ASN A 272 4.99 -31.15 14.64
C ASN A 272 4.80 -32.65 14.45
N ARG A 273 5.24 -33.15 13.30
CA ARG A 273 5.06 -34.55 12.98
C ARG A 273 5.76 -35.44 14.00
N LYS A 274 5.35 -36.71 14.02
CA LYS A 274 5.79 -37.72 14.97
C LYS A 274 5.40 -37.41 16.41
N LEU A 275 4.54 -36.40 16.62
CA LEU A 275 3.97 -36.13 17.94
C LEU A 275 2.75 -37.03 18.13
N VAL A 276 3.01 -38.23 18.64
CA VAL A 276 1.98 -39.26 18.64
C VAL A 276 1.06 -39.13 19.85
N THR A 277 1.54 -38.54 20.95
CA THR A 277 0.77 -38.46 22.18
C THR A 277 0.86 -37.07 22.78
N LEU A 278 -0.16 -36.72 23.56
CA LEU A 278 -0.20 -35.47 24.30
C LEU A 278 -0.38 -35.75 25.78
N PRO A 279 0.38 -35.10 26.65
CA PRO A 279 0.32 -35.42 28.08
C PRO A 279 -1.00 -35.02 28.70
N GLU A 280 -1.33 -35.70 29.79
CA GLU A 280 -2.56 -35.44 30.53
C GLU A 280 -2.56 -34.01 31.06
N GLU A 281 -3.73 -33.36 30.97
CA GLU A 281 -3.92 -31.94 31.30
C GLU A 281 -2.74 -31.08 30.86
N LEU A 282 -2.45 -31.15 29.55
CA LEU A 282 -1.42 -30.28 28.99
C LEU A 282 -1.81 -28.81 29.09
N LEU A 283 -3.08 -28.50 28.82
CA LEU A 283 -3.58 -27.13 28.81
C LEU A 283 -4.64 -26.88 29.88
N ALA A 284 -4.41 -27.37 31.09
CA ALA A 284 -5.37 -27.19 32.16
C ALA A 284 -5.12 -25.88 32.91
N ASN A 285 -6.22 -25.23 33.31
CA ASN A 285 -6.18 -24.03 34.15
C ASN A 285 -5.45 -22.87 33.48
N LEU A 286 -5.70 -22.63 32.20
CA LEU A 286 -5.18 -21.47 31.50
C LEU A 286 -6.35 -20.55 31.17
N LYS A 287 -6.68 -19.66 32.12
CA LYS A 287 -7.85 -18.81 31.95
C LYS A 287 -7.70 -17.88 30.75
N GLU A 288 -6.52 -17.29 30.57
CA GLU A 288 -6.31 -16.31 29.51
C GLU A 288 -6.29 -16.93 28.13
N LEU A 289 -6.03 -18.24 28.03
CA LEU A 289 -5.91 -18.90 26.74
C LEU A 289 -7.20 -18.74 25.94
N THR A 290 -7.07 -18.36 24.67
CA THR A 290 -8.22 -18.13 23.81
C THR A 290 -8.15 -18.87 22.48
N VAL A 291 -6.95 -19.08 21.94
CA VAL A 291 -6.77 -19.76 20.66
C VAL A 291 -5.84 -20.94 20.87
N VAL A 292 -6.26 -22.12 20.42
CA VAL A 292 -5.46 -23.32 20.49
C VAL A 292 -5.39 -23.91 19.10
N ASN A 293 -4.17 -24.08 18.58
CA ASN A 293 -3.96 -24.56 17.21
C ASN A 293 -3.04 -25.78 17.29
N LEU A 294 -3.63 -26.96 17.19
CA LEU A 294 -2.88 -28.22 17.24
C LEU A 294 -2.96 -29.00 15.94
N SER A 295 -3.05 -28.30 14.80
CA SER A 295 -3.28 -28.97 13.54
C SER A 295 -2.02 -29.64 13.02
N HIS A 296 -2.19 -30.48 12.00
CA HIS A 296 -1.13 -31.08 11.20
C HIS A 296 -0.16 -31.96 12.01
N ASN A 297 -0.47 -32.27 13.26
CA ASN A 297 0.39 -33.11 14.06
C ASN A 297 0.16 -34.58 13.71
N GLY A 298 0.72 -35.47 14.52
CA GLY A 298 0.51 -36.89 14.38
C GLY A 298 -0.19 -37.56 15.54
N VAL A 299 -0.86 -36.79 16.40
CA VAL A 299 -1.52 -37.33 17.59
C VAL A 299 -2.58 -38.34 17.19
N GLY A 300 -2.65 -39.45 17.92
CA GLY A 300 -3.62 -40.49 17.63
C GLY A 300 -4.83 -40.45 18.54
N ASN A 301 -4.67 -39.85 19.72
CA ASN A 301 -5.77 -39.78 20.67
C ASN A 301 -5.51 -38.62 21.63
N LEU A 302 -6.58 -37.92 21.98
CA LEU A 302 -6.40 -36.84 22.94
C LEU A 302 -6.80 -37.29 24.33
N PRO A 303 -6.02 -36.91 25.34
CA PRO A 303 -6.42 -37.19 26.72
C PRO A 303 -7.69 -36.42 27.09
N GLU A 304 -8.50 -37.05 27.95
CA GLU A 304 -9.79 -36.48 28.30
C GLU A 304 -9.65 -35.13 28.99
N SER A 305 -8.67 -35.00 29.89
CA SER A 305 -8.48 -33.79 30.68
C SER A 305 -7.60 -32.77 29.98
N LEU A 306 -7.48 -32.84 28.66
CA LEU A 306 -6.57 -31.96 27.92
C LEU A 306 -6.95 -30.49 28.13
N LEU A 307 -8.24 -30.17 28.06
CA LEU A 307 -8.71 -28.80 28.17
C LEU A 307 -9.57 -28.58 29.41
N SER A 308 -9.27 -29.27 30.51
CA SER A 308 -10.06 -29.10 31.73
C SER A 308 -9.75 -27.77 32.39
N GLY A 309 -10.74 -26.89 32.44
CA GLY A 309 -10.61 -25.63 33.14
C GLY A 309 -10.32 -24.43 32.27
N SER A 310 -9.84 -24.62 31.05
CA SER A 310 -9.54 -23.50 30.15
C SER A 310 -10.83 -23.04 29.50
N SER A 311 -11.58 -22.22 30.23
CA SER A 311 -12.88 -21.76 29.78
C SER A 311 -12.80 -20.61 28.79
N GLY A 312 -11.64 -19.99 28.64
CA GLY A 312 -11.51 -18.84 27.77
C GLY A 312 -11.31 -19.12 26.30
N ILE A 313 -11.25 -20.39 25.91
CA ILE A 313 -10.98 -20.73 24.51
C ILE A 313 -12.15 -20.29 23.64
N ILE A 314 -11.84 -19.64 22.52
CA ILE A 314 -12.85 -19.29 21.54
C ILE A 314 -12.61 -19.98 20.19
N GLU A 315 -11.38 -20.37 19.88
CA GLU A 315 -11.06 -21.05 18.64
C GLU A 315 -10.20 -22.26 18.96
N LEU A 316 -10.62 -23.43 18.50
CA LEU A 316 -9.91 -24.67 18.78
C LEU A 316 -9.75 -25.43 17.47
N ASN A 317 -8.52 -25.48 16.95
CA ASN A 317 -8.23 -26.16 15.69
C ASN A 317 -7.57 -27.50 16.01
N LEU A 318 -8.08 -28.57 15.38
CA LEU A 318 -7.50 -29.89 15.57
C LEU A 318 -7.42 -30.68 14.27
N GLY A 319 -7.27 -30.00 13.14
CA GLY A 319 -7.35 -30.67 11.86
C GLY A 319 -6.07 -31.39 11.47
N TYR A 320 -6.20 -32.24 10.46
CA TYR A 320 -5.09 -32.92 9.80
C TYR A 320 -4.27 -33.80 10.74
N ASN A 321 -4.85 -34.24 11.85
CA ASN A 321 -4.21 -35.21 12.72
C ASN A 321 -4.59 -36.62 12.27
N ARG A 322 -4.25 -37.60 13.11
CA ARG A 322 -4.78 -38.95 13.00
C ARG A 322 -5.72 -39.26 14.16
N LEU A 323 -6.49 -38.25 14.58
CA LEU A 323 -7.23 -38.29 15.83
C LEU A 323 -8.60 -38.93 15.63
N ASN A 324 -8.79 -40.10 16.22
CA ASN A 324 -10.05 -40.83 16.16
C ASN A 324 -10.55 -41.12 17.56
N SER A 325 -11.86 -41.32 17.67
CA SER A 325 -12.52 -41.66 18.94
C SER A 325 -12.26 -40.60 20.01
N LEU A 326 -12.81 -39.41 19.74
CA LEU A 326 -12.71 -38.31 20.67
C LEU A 326 -13.34 -38.67 22.02
N PRO A 327 -12.75 -38.22 23.12
CA PRO A 327 -13.38 -38.44 24.43
C PRO A 327 -14.69 -37.67 24.52
N GLU A 328 -15.62 -38.21 25.31
CA GLU A 328 -16.97 -37.66 25.39
C GLU A 328 -16.97 -36.25 25.99
N GLU A 329 -16.27 -36.08 27.11
CA GLU A 329 -16.31 -34.82 27.86
C GLU A 329 -15.08 -33.96 27.63
N LEU A 330 -14.49 -34.02 26.44
CA LEU A 330 -13.31 -33.19 26.14
C LEU A 330 -13.68 -31.71 26.11
N LEU A 331 -14.79 -31.38 25.46
CA LEU A 331 -15.22 -29.99 25.30
C LEU A 331 -16.31 -29.62 26.29
N SER A 332 -16.28 -30.16 27.51
CA SER A 332 -17.32 -29.85 28.48
C SER A 332 -17.13 -28.47 29.08
N ASP A 333 -15.89 -28.01 29.19
CA ASP A 333 -15.57 -26.78 29.92
C ASP A 333 -15.21 -25.62 29.00
N GLN A 334 -15.78 -25.56 27.79
CA GLN A 334 -15.51 -24.48 26.84
C GLN A 334 -16.83 -23.89 26.36
N PRO A 335 -17.44 -22.99 27.14
CA PRO A 335 -18.72 -22.41 26.72
C PRO A 335 -18.61 -21.24 25.74
N GLN A 336 -17.42 -20.65 25.59
CA GLN A 336 -17.22 -19.56 24.62
C GLN A 336 -16.67 -20.04 23.29
N LEU A 337 -16.49 -21.35 23.10
CA LEU A 337 -15.88 -21.87 21.88
C LEU A 337 -16.67 -21.42 20.66
N GLN A 338 -15.99 -20.84 19.68
CA GLN A 338 -16.65 -20.30 18.50
C GLN A 338 -16.39 -21.13 17.24
N VAL A 339 -15.15 -21.50 16.97
CA VAL A 339 -14.79 -22.27 15.78
C VAL A 339 -14.10 -23.55 16.22
N LEU A 340 -14.59 -24.68 15.72
CA LEU A 340 -14.00 -25.98 16.04
C LEU A 340 -13.67 -26.69 14.73
N ASN A 341 -12.45 -27.21 14.62
CA ASN A 341 -12.00 -27.91 13.43
C ASN A 341 -11.64 -29.35 13.78
N LEU A 342 -12.16 -30.30 13.01
CA LEU A 342 -11.84 -31.70 13.22
C LEU A 342 -11.65 -32.44 11.90
N ASP A 343 -11.23 -31.73 10.85
CA ASP A 343 -11.16 -32.31 9.53
C ASP A 343 -9.88 -33.13 9.33
N HIS A 344 -9.96 -34.09 8.41
CA HIS A 344 -8.85 -34.98 8.04
C HIS A 344 -8.36 -35.79 9.24
N ASN A 345 -9.24 -36.00 10.22
CA ASN A 345 -8.85 -36.66 11.45
C ASN A 345 -9.11 -38.17 11.46
N GLN A 346 -9.68 -38.73 10.40
CA GLN A 346 -10.03 -40.15 10.35
C GLN A 346 -10.97 -40.55 11.49
N LEU A 347 -11.92 -39.68 11.83
CA LEU A 347 -12.89 -39.99 12.86
C LEU A 347 -13.95 -40.94 12.33
N GLU A 348 -14.12 -42.09 12.98
CA GLU A 348 -15.20 -42.99 12.62
C GLU A 348 -16.55 -42.49 13.11
N SER A 349 -16.60 -41.87 14.29
CA SER A 349 -17.83 -41.30 14.84
C SER A 349 -17.45 -40.44 16.03
N ILE A 350 -18.34 -39.53 16.39
CA ILE A 350 -18.13 -38.65 17.53
C ILE A 350 -19.13 -39.02 18.63
N PRO A 351 -18.80 -38.83 19.90
CA PRO A 351 -19.77 -39.13 20.96
C PRO A 351 -21.01 -38.27 20.84
N ASP A 352 -22.14 -38.83 21.28
CA ASP A 352 -23.41 -38.13 21.15
C ASP A 352 -23.43 -36.84 21.97
N TYR A 353 -22.90 -36.87 23.19
CA TYR A 353 -22.88 -35.71 24.06
C TYR A 353 -21.58 -34.92 23.94
N PHE A 354 -20.92 -34.98 22.78
CA PHE A 354 -19.64 -34.32 22.61
C PHE A 354 -19.79 -32.80 22.63
N LEU A 355 -20.85 -32.27 22.01
CA LEU A 355 -21.00 -30.84 21.81
C LEU A 355 -22.19 -30.25 22.56
N GLU A 356 -22.71 -30.97 23.56
CA GLU A 356 -23.88 -30.46 24.27
C GLU A 356 -23.53 -29.26 25.15
N ARG A 357 -22.34 -29.27 25.76
CA ARG A 357 -21.97 -28.20 26.68
C ARG A 357 -21.76 -26.85 26.00
N ASN A 358 -21.45 -26.83 24.70
CA ASN A 358 -21.20 -25.58 23.99
C ASN A 358 -22.53 -25.00 23.53
N VAL A 359 -23.11 -24.15 24.38
CA VAL A 359 -24.36 -23.49 24.02
C VAL A 359 -24.15 -22.53 22.85
N GLU A 360 -22.96 -21.94 22.77
CA GLU A 360 -22.62 -21.00 21.71
C GLU A 360 -21.47 -21.55 20.90
N LEU A 361 -21.66 -21.67 19.59
CA LEU A 361 -20.63 -22.16 18.68
C LEU A 361 -21.04 -21.76 17.27
N GLN A 362 -20.23 -20.94 16.61
CA GLN A 362 -20.64 -20.43 15.30
C GLN A 362 -20.36 -21.44 14.18
N THR A 363 -19.10 -21.80 13.96
CA THR A 363 -18.71 -22.60 12.81
C THR A 363 -18.12 -23.93 13.27
N LEU A 364 -18.60 -25.01 12.68
CA LEU A 364 -18.16 -26.36 13.02
C LEU A 364 -17.64 -27.04 11.77
N TYR A 365 -16.49 -27.70 11.88
CA TYR A 365 -15.90 -28.46 10.79
C TYR A 365 -15.89 -29.93 11.16
N LEU A 366 -16.34 -30.78 10.24
CA LEU A 366 -16.25 -32.23 10.40
C LEU A 366 -15.88 -32.91 9.09
N SER A 367 -15.29 -32.17 8.14
CA SER A 367 -15.05 -32.68 6.81
C SER A 367 -13.94 -33.74 6.82
N HIS A 368 -13.86 -34.48 5.72
CA HIS A 368 -12.77 -35.40 5.40
C HIS A 368 -12.55 -36.46 6.47
N ASN A 369 -13.50 -36.64 7.38
CA ASN A 369 -13.42 -37.71 8.37
C ASN A 369 -13.94 -39.00 7.73
N ARG A 370 -14.16 -40.02 8.56
CA ARG A 370 -14.80 -41.25 8.14
C ARG A 370 -16.12 -41.47 8.87
N LEU A 371 -16.87 -40.39 9.09
CA LEU A 371 -18.15 -40.50 9.77
C LEU A 371 -19.10 -41.38 8.99
N ARG A 372 -19.80 -42.26 9.70
CA ARG A 372 -20.77 -43.15 9.07
C ARG A 372 -22.18 -42.62 9.21
N SER A 373 -22.57 -42.21 10.42
CA SER A 373 -23.86 -41.59 10.65
C SER A 373 -23.76 -40.68 11.88
N LEU A 374 -24.40 -39.53 11.80
CA LEU A 374 -24.42 -38.58 12.90
C LEU A 374 -25.52 -38.91 13.88
N SER A 375 -25.23 -38.74 15.16
CA SER A 375 -26.23 -38.96 16.19
C SER A 375 -27.26 -37.84 16.16
N GLU A 376 -28.52 -38.20 16.46
CA GLU A 376 -29.59 -37.22 16.44
C GLU A 376 -29.38 -36.13 17.49
N LYS A 377 -28.68 -36.45 18.57
CA LYS A 377 -28.45 -35.52 19.66
C LYS A 377 -27.15 -34.72 19.49
N ALA A 378 -26.49 -34.83 18.34
CA ALA A 378 -25.24 -34.12 18.14
C ALA A 378 -25.44 -32.60 18.16
N PHE A 379 -26.48 -32.11 17.50
CA PHE A 379 -26.72 -30.68 17.37
C PHE A 379 -27.99 -30.24 18.08
N THR A 380 -28.25 -30.79 19.27
CA THR A 380 -29.47 -30.43 19.98
C THR A 380 -29.40 -29.03 20.58
N LYS A 381 -28.27 -28.64 21.14
CA LYS A 381 -28.16 -27.38 21.87
C LYS A 381 -27.14 -26.44 21.28
N LEU A 382 -26.92 -26.49 19.96
CA LEU A 382 -26.05 -25.54 19.27
C LEU A 382 -26.93 -24.46 18.65
N LYS A 383 -27.43 -23.56 19.51
CA LYS A 383 -28.39 -22.57 19.05
C LYS A 383 -27.76 -21.47 18.21
N ASN A 384 -26.44 -21.35 18.22
CA ASN A 384 -25.75 -20.31 17.46
C ASN A 384 -25.03 -20.83 16.23
N LEU A 385 -25.18 -22.10 15.89
CA LEU A 385 -24.45 -22.67 14.76
C LEU A 385 -24.82 -21.96 13.48
N LYS A 386 -23.82 -21.60 12.68
CA LYS A 386 -24.04 -20.90 11.43
C LYS A 386 -23.53 -21.64 10.21
N GLU A 387 -22.29 -22.13 10.22
CA GLU A 387 -21.69 -22.81 9.08
C GLU A 387 -21.33 -24.23 9.50
N LEU A 388 -21.84 -25.22 8.75
CA LEU A 388 -21.62 -26.62 9.05
C LEU A 388 -20.99 -27.31 7.86
N HIS A 389 -19.87 -27.99 8.09
CA HIS A 389 -19.17 -28.72 7.04
C HIS A 389 -19.19 -30.20 7.36
N LEU A 390 -19.60 -31.01 6.38
CA LEU A 390 -19.59 -32.47 6.53
C LEU A 390 -19.13 -33.17 5.27
N GLU A 391 -18.41 -32.46 4.40
CA GLU A 391 -18.01 -33.02 3.12
C GLU A 391 -16.98 -34.13 3.30
N ASN A 392 -16.89 -35.01 2.30
CA ASN A 392 -15.92 -36.09 2.25
C ASN A 392 -16.05 -37.02 3.47
N ASN A 393 -17.24 -37.61 3.60
CA ASN A 393 -17.48 -38.58 4.66
C ASN A 393 -18.04 -39.87 4.08
N GLN A 394 -18.49 -40.77 4.94
CA GLN A 394 -19.17 -42.00 4.51
C GLN A 394 -20.61 -42.02 5.00
N LEU A 395 -21.25 -40.84 5.05
CA LEU A 395 -22.62 -40.72 5.53
C LEU A 395 -23.56 -41.48 4.62
N GLN A 396 -24.49 -42.22 5.22
CA GLN A 396 -25.55 -42.91 4.49
C GLN A 396 -26.84 -42.13 4.48
N THR A 397 -27.20 -41.50 5.59
CA THR A 397 -28.40 -40.68 5.70
C THR A 397 -28.23 -39.77 6.90
N ILE A 398 -29.25 -38.96 7.17
CA ILE A 398 -29.23 -38.05 8.30
C ILE A 398 -30.51 -38.23 9.12
N PRO A 399 -30.43 -38.18 10.45
CA PRO A 399 -31.63 -38.36 11.26
C PRO A 399 -32.63 -37.25 11.01
N GLN A 400 -33.92 -37.59 11.19
CA GLN A 400 -34.99 -36.67 10.85
C GLN A 400 -34.98 -35.41 11.72
N PHE A 401 -34.45 -35.48 12.93
CA PHE A 401 -34.39 -34.34 13.84
C PHE A 401 -32.96 -33.82 13.99
N LEU A 402 -32.13 -33.99 12.96
CA LEU A 402 -30.71 -33.64 13.10
C LEU A 402 -30.51 -32.15 13.31
N PHE A 403 -31.27 -31.30 12.61
CA PHE A 403 -31.11 -29.85 12.70
C PHE A 403 -32.21 -29.19 13.53
N SER A 404 -32.77 -29.91 14.51
CA SER A 404 -33.85 -29.32 15.31
C SER A 404 -33.35 -28.15 16.16
N GLY A 405 -32.14 -28.27 16.71
CA GLY A 405 -31.61 -27.28 17.62
C GLY A 405 -30.66 -26.26 17.03
N THR A 406 -30.60 -26.13 15.71
CA THR A 406 -29.72 -25.16 15.05
C THR A 406 -30.53 -24.35 14.05
N PRO A 407 -31.42 -23.47 14.53
CA PRO A 407 -32.28 -22.72 13.60
C PRO A 407 -31.55 -21.59 12.89
N LYS A 408 -30.31 -21.29 13.24
CA LYS A 408 -29.57 -20.21 12.64
C LYS A 408 -28.51 -20.69 11.65
N LEU A 409 -28.62 -21.93 11.19
CA LEU A 409 -27.61 -22.53 10.30
C LEU A 409 -27.72 -21.86 8.94
N GLU A 410 -26.73 -21.02 8.63
CA GLU A 410 -26.73 -20.30 7.35
C GLU A 410 -26.32 -21.21 6.20
N GLU A 411 -25.12 -21.78 6.27
CA GLU A 411 -24.54 -22.56 5.17
C GLU A 411 -24.24 -23.97 5.63
N ILE A 412 -24.41 -24.93 4.72
CA ILE A 412 -24.19 -26.33 5.01
C ILE A 412 -23.54 -26.97 3.79
N TYR A 413 -22.61 -27.90 4.02
CA TYR A 413 -21.88 -28.58 2.97
C TYR A 413 -21.91 -30.07 3.24
N MET A 414 -22.55 -30.83 2.35
CA MET A 414 -22.67 -32.28 2.48
C MET A 414 -22.15 -33.02 1.26
N GLN A 415 -21.29 -32.38 0.47
CA GLN A 415 -20.84 -32.98 -0.78
C GLN A 415 -19.92 -34.18 -0.51
N ASN A 416 -19.74 -35.00 -1.55
CA ASN A 416 -18.85 -36.15 -1.51
C ASN A 416 -19.22 -37.11 -0.37
N ASN A 417 -20.41 -37.67 -0.50
CA ASN A 417 -20.96 -38.55 0.52
C ASN A 417 -21.66 -39.71 -0.18
N GLN A 418 -22.44 -40.47 0.58
CA GLN A 418 -23.27 -41.53 0.03
C GLN A 418 -24.70 -41.39 0.53
N LEU A 419 -25.19 -40.16 0.60
CA LEU A 419 -26.55 -39.89 1.07
C LEU A 419 -27.55 -40.45 0.07
N ALA A 420 -28.49 -41.25 0.56
CA ALA A 420 -29.52 -41.78 -0.33
C ALA A 420 -30.65 -40.78 -0.54
N LEU A 421 -31.35 -40.42 0.53
CA LEU A 421 -32.41 -39.42 0.53
C LEU A 421 -33.38 -39.61 -0.64
N HIS A 422 -34.03 -40.78 -0.66
CA HIS A 422 -35.09 -41.01 -1.62
C HIS A 422 -36.29 -40.11 -1.30
N ALA A 423 -37.22 -40.05 -2.24
CA ALA A 423 -38.41 -39.23 -2.04
C ALA A 423 -39.23 -39.71 -0.86
N ASN A 424 -39.35 -41.03 -0.70
CA ASN A 424 -40.11 -41.60 0.42
C ASN A 424 -39.24 -41.90 1.63
N SER A 425 -38.01 -41.36 1.69
CA SER A 425 -37.14 -41.66 2.81
C SER A 425 -37.70 -41.13 4.13
N PHE A 426 -38.27 -39.93 4.14
CA PHE A 426 -38.79 -39.32 5.36
C PHE A 426 -40.31 -39.24 5.32
N ILE A 427 -40.97 -40.20 4.68
CA ILE A 427 -42.42 -40.22 4.63
C ILE A 427 -42.98 -40.44 6.02
N ASN A 428 -43.99 -39.65 6.39
CA ASN A 428 -44.60 -39.75 7.70
C ASN A 428 -45.39 -41.07 7.82
N GLU A 429 -45.81 -41.36 9.05
CA GLU A 429 -46.54 -42.59 9.34
C GLU A 429 -48.00 -42.47 8.89
N GLU A 430 -48.18 -42.25 7.59
CA GLU A 430 -49.47 -42.11 6.93
C GLU A 430 -50.33 -41.00 7.51
N LEU A 431 -49.73 -40.09 8.28
CA LEU A 431 -50.50 -38.97 8.83
C LEU A 431 -50.97 -38.03 7.73
N SER A 432 -50.09 -37.72 6.78
CA SER A 432 -50.40 -36.80 5.68
C SER A 432 -50.88 -35.44 6.19
N ILE A 433 -50.38 -35.02 7.34
CA ILE A 433 -50.79 -33.74 7.90
C ILE A 433 -50.19 -32.58 7.13
N ALA A 434 -48.96 -32.73 6.64
CA ALA A 434 -48.25 -31.68 5.93
C ALA A 434 -47.94 -32.14 4.52
N ASP A 435 -48.19 -31.27 3.55
CA ASP A 435 -47.88 -31.60 2.16
C ASP A 435 -46.38 -31.75 1.97
N ASN A 436 -45.58 -30.85 2.55
CA ASN A 436 -44.14 -30.93 2.46
C ASN A 436 -43.62 -32.17 3.18
N ASP A 437 -42.51 -32.70 2.66
CA ASP A 437 -41.90 -33.88 3.26
C ASP A 437 -41.33 -33.55 4.64
N ASN A 438 -41.08 -34.60 5.42
CA ASN A 438 -40.57 -34.46 6.78
C ASN A 438 -39.05 -34.41 6.84
N THR A 439 -38.41 -33.96 5.78
CA THR A 439 -36.96 -33.86 5.76
C THR A 439 -36.50 -32.87 6.83
N PRO A 440 -35.32 -33.10 7.43
CA PRO A 440 -34.86 -32.21 8.51
C PRO A 440 -34.63 -30.77 8.08
N PHE A 441 -34.52 -30.50 6.78
CA PHE A 441 -34.33 -29.15 6.30
C PHE A 441 -35.58 -28.28 6.46
N GLN A 442 -36.71 -28.87 6.83
CA GLN A 442 -37.95 -28.10 6.92
C GLN A 442 -37.89 -27.04 8.01
N VAL A 443 -37.19 -27.31 9.12
CA VAL A 443 -37.11 -26.33 10.21
C VAL A 443 -35.99 -25.33 10.00
N LEU A 444 -35.21 -25.47 8.92
CA LEU A 444 -34.04 -24.62 8.70
C LEU A 444 -34.41 -23.47 7.76
N GLN A 445 -35.17 -22.52 8.30
CA GLN A 445 -35.66 -21.41 7.49
C GLN A 445 -34.54 -20.45 7.12
N LYS A 446 -33.48 -20.40 7.92
CA LYS A 446 -32.39 -19.46 7.68
C LYS A 446 -31.39 -19.97 6.64
N LEU A 447 -31.55 -21.18 6.14
CA LEU A 447 -30.57 -21.79 5.25
C LEU A 447 -30.41 -20.95 3.98
N ARG A 448 -29.15 -20.73 3.60
CA ARG A 448 -28.83 -19.94 2.42
C ARG A 448 -28.11 -20.76 1.35
N ILE A 449 -26.99 -21.40 1.69
CA ILE A 449 -26.19 -22.16 0.73
C ILE A 449 -26.18 -23.62 1.15
N LEU A 450 -26.49 -24.50 0.20
CA LEU A 450 -26.51 -25.94 0.45
C LEU A 450 -25.78 -26.63 -0.70
N HIS A 451 -24.90 -27.57 -0.36
CA HIS A 451 -24.16 -28.34 -1.35
C HIS A 451 -24.44 -29.82 -1.16
N LEU A 452 -24.73 -30.52 -2.25
CA LEU A 452 -24.93 -31.96 -2.21
C LEU A 452 -24.25 -32.64 -3.40
N ARG A 453 -23.14 -32.06 -3.87
CA ARG A 453 -22.39 -32.61 -4.97
C ARG A 453 -21.94 -34.05 -4.65
N ASN A 454 -21.91 -34.88 -5.69
CA ASN A 454 -21.37 -36.24 -5.60
C ASN A 454 -22.09 -37.05 -4.51
N ASN A 455 -23.38 -37.27 -4.74
CA ASN A 455 -24.19 -38.01 -3.78
C ASN A 455 -25.05 -39.04 -4.50
N SER A 456 -26.01 -39.61 -3.78
CA SER A 456 -27.02 -40.48 -4.37
C SER A 456 -28.42 -39.89 -4.23
N ILE A 457 -28.51 -38.56 -4.27
CA ILE A 457 -29.80 -37.89 -4.20
C ILE A 457 -30.65 -38.31 -5.39
N SER A 458 -31.93 -38.57 -5.15
CA SER A 458 -32.83 -39.06 -6.19
C SER A 458 -34.11 -38.24 -6.29
N THR A 459 -34.09 -37.00 -5.81
CA THR A 459 -35.25 -36.12 -5.89
C THR A 459 -34.84 -34.73 -5.45
N ILE A 460 -35.77 -33.79 -5.59
CA ILE A 460 -35.66 -32.47 -4.96
C ILE A 460 -36.83 -32.36 -3.99
N PHE A 461 -36.52 -32.37 -2.70
CA PHE A 461 -37.57 -32.43 -1.69
C PHE A 461 -38.39 -31.14 -1.69
N GLN A 462 -39.68 -31.28 -1.36
CA GLN A 462 -40.58 -30.14 -1.40
C GLN A 462 -40.16 -29.06 -0.41
N ASP A 463 -39.54 -29.44 0.70
CA ASP A 463 -39.13 -28.45 1.69
C ASP A 463 -37.95 -27.61 1.23
N TRP A 464 -37.32 -27.94 0.11
CA TRP A 464 -36.20 -27.16 -0.38
C TRP A 464 -36.63 -25.89 -1.12
N TYR A 465 -37.92 -25.76 -1.45
CA TYR A 465 -38.44 -24.56 -2.08
C TYR A 465 -39.70 -24.03 -1.43
N ILE A 466 -40.22 -24.69 -0.39
CA ILE A 466 -41.40 -24.25 0.33
C ILE A 466 -41.03 -23.61 1.67
N ASN A 467 -40.27 -24.33 2.49
CA ASN A 467 -39.90 -23.82 3.80
C ASN A 467 -38.65 -22.96 3.78
N ASN A 468 -37.64 -23.34 3.00
CA ASN A 468 -36.40 -22.56 2.90
C ASN A 468 -36.67 -21.40 1.95
N LEU A 469 -36.85 -20.21 2.51
CA LEU A 469 -37.23 -19.04 1.74
C LEU A 469 -36.06 -18.19 1.28
N GLU A 470 -34.91 -18.29 1.93
CA GLU A 470 -33.76 -17.48 1.58
C GLU A 470 -32.68 -18.26 0.84
N MET A 471 -32.99 -19.48 0.38
CA MET A 471 -31.99 -20.29 -0.31
C MET A 471 -31.49 -19.56 -1.56
N GLN A 472 -30.17 -19.51 -1.73
CA GLN A 472 -29.56 -18.80 -2.84
C GLN A 472 -28.60 -19.66 -3.65
N SER A 473 -28.37 -20.90 -3.25
CA SER A 473 -27.55 -21.83 -4.01
C SER A 473 -27.90 -23.24 -3.59
N LEU A 474 -28.01 -24.14 -4.55
CA LEU A 474 -28.39 -25.52 -4.26
C LEU A 474 -27.69 -26.40 -5.29
N ASP A 475 -26.53 -26.93 -4.91
CA ASP A 475 -25.72 -27.73 -5.81
C ASP A 475 -26.15 -29.19 -5.71
N LEU A 476 -26.57 -29.75 -6.84
CA LEU A 476 -27.01 -31.14 -6.93
C LEU A 476 -26.33 -31.84 -8.10
N SER A 477 -25.02 -31.69 -8.21
CA SER A 477 -24.29 -32.36 -9.28
C SER A 477 -23.97 -33.80 -8.91
N PHE A 478 -23.74 -34.60 -9.95
CA PHE A 478 -23.21 -35.96 -9.81
C PHE A 478 -24.04 -36.82 -8.86
N ASN A 479 -25.36 -36.70 -8.97
CA ASN A 479 -26.25 -37.53 -8.18
C ASN A 479 -27.47 -37.89 -9.03
N LYS A 480 -28.13 -38.98 -8.66
CA LYS A 480 -29.08 -39.66 -9.54
C LYS A 480 -30.45 -38.99 -9.51
N LEU A 481 -30.53 -37.80 -10.09
CA LEU A 481 -31.82 -37.12 -10.25
C LEU A 481 -32.60 -37.77 -11.39
N PRO A 482 -33.81 -38.24 -11.16
CA PRO A 482 -34.54 -38.95 -12.21
C PRO A 482 -35.16 -38.03 -13.25
N GLY A 483 -35.62 -36.86 -12.82
CA GLY A 483 -36.27 -35.93 -13.74
C GLY A 483 -36.48 -34.59 -13.07
N LEU A 484 -37.00 -33.65 -13.87
CA LEU A 484 -37.24 -32.30 -13.40
C LEU A 484 -38.60 -31.84 -13.91
N SER A 485 -39.33 -31.11 -13.09
CA SER A 485 -40.64 -30.59 -13.45
C SER A 485 -40.69 -29.10 -13.13
N TYR A 486 -41.76 -28.45 -13.60
CA TYR A 486 -41.91 -27.02 -13.37
C TYR A 486 -42.23 -26.71 -11.92
N THR A 487 -42.88 -27.64 -11.22
CA THR A 487 -43.22 -27.41 -9.82
C THR A 487 -41.97 -27.26 -8.97
N GLN A 488 -40.95 -28.09 -9.20
CA GLN A 488 -39.75 -28.04 -8.41
C GLN A 488 -38.92 -26.78 -8.66
N LEU A 489 -39.25 -25.99 -9.67
CA LEU A 489 -38.57 -24.74 -9.93
C LEU A 489 -39.25 -23.54 -9.27
N GLN A 490 -40.29 -23.78 -8.47
CA GLN A 490 -41.07 -22.71 -7.87
C GLN A 490 -40.33 -22.15 -6.65
N PHE A 491 -39.17 -21.56 -6.91
CA PHE A 491 -38.38 -20.90 -5.88
C PHE A 491 -38.81 -19.45 -5.76
N GLN A 492 -38.52 -18.86 -4.60
CA GLN A 492 -38.89 -17.48 -4.30
C GLN A 492 -37.69 -16.59 -4.05
N SER A 493 -36.52 -16.96 -4.56
CA SER A 493 -35.32 -16.15 -4.42
C SER A 493 -34.35 -16.48 -5.54
N ASN A 494 -33.42 -15.56 -5.80
CA ASN A 494 -32.38 -15.78 -6.79
C ASN A 494 -31.56 -17.00 -6.40
N ILE A 495 -31.67 -18.08 -7.18
CA ILE A 495 -31.01 -19.34 -6.86
C ILE A 495 -30.30 -19.86 -8.11
N THR A 496 -29.06 -20.30 -7.95
CA THR A 496 -28.30 -20.93 -9.04
C THR A 496 -28.38 -22.44 -8.84
N LEU A 497 -29.57 -22.99 -9.09
CA LEU A 497 -29.83 -24.41 -8.85
C LEU A 497 -29.06 -25.22 -9.86
N ASN A 498 -27.92 -25.77 -9.43
CA ASN A 498 -27.07 -26.55 -10.32
C ASN A 498 -27.57 -27.99 -10.38
N LEU A 499 -27.75 -28.50 -11.61
CA LEU A 499 -28.23 -29.87 -11.80
C LEU A 499 -27.44 -30.60 -12.89
N SER A 500 -26.13 -30.33 -12.97
CA SER A 500 -25.33 -30.98 -13.99
C SER A 500 -25.02 -32.43 -13.60
N ASN A 501 -24.60 -33.21 -14.60
CA ASN A 501 -24.13 -34.58 -14.42
C ASN A 501 -25.11 -35.47 -13.69
N ASN A 502 -26.41 -35.21 -13.82
CA ASN A 502 -27.44 -36.06 -13.27
C ASN A 502 -28.05 -36.91 -14.36
N GLU A 503 -28.80 -37.94 -13.95
CA GLU A 503 -29.51 -38.77 -14.90
C GLU A 503 -30.88 -38.17 -15.23
N ILE A 504 -30.91 -36.92 -15.66
CA ILE A 504 -32.18 -36.23 -15.94
C ILE A 504 -32.63 -36.67 -17.33
N SER A 505 -33.44 -37.72 -17.39
CA SER A 505 -33.90 -38.23 -18.68
C SER A 505 -34.79 -37.23 -19.40
N GLN A 506 -35.73 -36.62 -18.69
CA GLN A 506 -36.68 -35.73 -19.32
C GLN A 506 -37.09 -34.64 -18.34
N VAL A 507 -37.56 -33.52 -18.89
CA VAL A 507 -37.97 -32.37 -18.10
C VAL A 507 -39.29 -31.85 -18.68
N LEU A 508 -40.19 -31.43 -17.79
CA LEU A 508 -41.53 -30.98 -18.17
C LEU A 508 -41.72 -29.54 -17.73
N LEU A 509 -42.23 -28.71 -18.63
CA LEU A 509 -42.52 -27.31 -18.33
C LEU A 509 -43.87 -26.92 -18.90
N ILE A 510 -44.46 -25.87 -18.34
CA ILE A 510 -45.71 -25.32 -18.81
C ILE A 510 -45.44 -24.04 -19.60
N ASP A 511 -46.33 -23.73 -20.54
CA ASP A 511 -46.15 -22.56 -21.40
C ASP A 511 -46.19 -21.25 -20.63
N ASP A 512 -46.72 -21.24 -19.41
CA ASP A 512 -46.79 -20.03 -18.58
C ASP A 512 -45.88 -20.17 -17.38
N LEU A 513 -45.03 -19.17 -17.16
CA LEU A 513 -44.09 -19.16 -16.06
C LEU A 513 -44.57 -18.17 -15.00
N ASP A 514 -44.77 -18.68 -13.78
CA ASP A 514 -45.21 -17.87 -12.66
C ASP A 514 -44.05 -17.29 -11.85
N LEU A 515 -42.88 -17.14 -12.46
CA LEU A 515 -41.72 -16.62 -11.76
C LEU A 515 -41.96 -15.18 -11.33
N GLN A 516 -41.54 -14.86 -10.11
CA GLN A 516 -41.66 -13.51 -9.58
C GLN A 516 -40.73 -12.58 -10.34
N PRO A 517 -41.03 -11.27 -10.36
CA PRO A 517 -40.13 -10.34 -11.06
C PRO A 517 -38.81 -10.13 -10.33
N TYR A 518 -37.75 -10.72 -10.86
CA TYR A 518 -36.42 -10.57 -10.29
C TYR A 518 -35.39 -10.77 -11.39
N GLN A 519 -34.12 -10.86 -10.98
CA GLN A 519 -33.01 -10.95 -11.93
C GLN A 519 -33.08 -12.21 -12.79
N ARG A 520 -32.92 -13.38 -12.16
CA ARG A 520 -32.86 -14.63 -12.89
C ARG A 520 -32.89 -15.78 -11.89
N ILE A 521 -33.18 -16.97 -12.42
CA ILE A 521 -33.12 -18.22 -11.65
C ILE A 521 -32.34 -19.22 -12.50
N ASN A 522 -31.03 -19.31 -12.27
CA ASN A 522 -30.16 -20.12 -13.10
C ASN A 522 -30.34 -21.60 -12.81
N VAL A 523 -30.25 -22.42 -13.87
CA VAL A 523 -30.28 -23.86 -13.73
C VAL A 523 -29.21 -24.46 -14.63
N ASP A 524 -28.08 -24.84 -14.05
CA ASP A 524 -27.00 -25.46 -14.82
C ASP A 524 -27.39 -26.89 -15.16
N LEU A 525 -27.41 -27.20 -16.45
CA LEU A 525 -27.95 -28.47 -16.94
C LEU A 525 -27.02 -29.05 -17.99
N ASN A 526 -25.73 -29.13 -17.67
CA ASN A 526 -24.71 -29.36 -18.71
C ASN A 526 -24.71 -30.80 -19.23
N HIS A 527 -24.37 -31.76 -18.39
CA HIS A 527 -24.10 -33.12 -18.87
C HIS A 527 -25.19 -34.06 -18.36
N ASN A 528 -26.27 -34.18 -19.13
CA ASN A 528 -27.37 -35.04 -18.76
C ASN A 528 -27.77 -35.90 -19.95
N PRO A 529 -28.09 -37.18 -19.70
CA PRO A 529 -28.66 -38.02 -20.79
C PRO A 529 -30.11 -37.67 -21.07
N LEU A 530 -30.33 -36.42 -21.49
CA LEU A 530 -31.68 -35.93 -21.71
C LEU A 530 -32.32 -36.67 -22.88
N ASN A 531 -33.58 -37.06 -22.71
CA ASN A 531 -34.35 -37.68 -23.78
C ASN A 531 -34.97 -36.59 -24.64
N CYS A 532 -34.53 -36.49 -25.90
CA CYS A 532 -35.06 -35.49 -26.82
C CYS A 532 -36.29 -35.99 -27.56
N ASN A 533 -37.03 -36.91 -26.95
CA ASN A 533 -38.28 -37.42 -27.46
C ASN A 533 -39.45 -36.52 -27.03
N CYS A 534 -40.64 -37.09 -27.13
CA CYS A 534 -41.89 -36.47 -26.72
C CYS A 534 -41.80 -35.93 -25.29
N ASN A 535 -42.70 -34.98 -25.00
CA ASN A 535 -42.90 -34.33 -23.70
C ASN A 535 -41.81 -33.31 -23.37
N ALA A 536 -40.78 -33.17 -24.18
CA ALA A 536 -39.72 -32.21 -23.93
C ALA A 536 -39.82 -30.97 -24.80
N LEU A 537 -40.88 -30.84 -25.59
CA LEU A 537 -40.94 -29.77 -26.60
C LEU A 537 -40.88 -28.39 -25.96
N LYS A 538 -41.73 -28.16 -24.94
CA LYS A 538 -41.84 -26.81 -24.39
C LYS A 538 -40.54 -26.34 -23.78
N PHE A 539 -39.76 -27.26 -23.21
CA PHE A 539 -38.40 -26.92 -22.78
C PHE A 539 -37.54 -26.53 -23.96
N ILE A 540 -37.65 -27.25 -25.07
CA ILE A 540 -36.84 -26.95 -26.24
C ILE A 540 -37.23 -25.60 -26.82
N GLN A 541 -38.54 -25.34 -26.93
CA GLN A 541 -38.98 -24.04 -27.43
C GLN A 541 -38.58 -22.91 -26.49
N LEU A 542 -38.55 -23.20 -25.18
CA LEU A 542 -38.09 -22.19 -24.23
C LEU A 542 -36.63 -21.85 -24.43
N ILE A 543 -35.77 -22.87 -24.50
CA ILE A 543 -34.32 -22.62 -24.52
C ILE A 543 -33.89 -21.98 -25.84
N GLN A 544 -34.44 -22.46 -26.97
CA GLN A 544 -33.98 -21.96 -28.25
C GLN A 544 -34.46 -20.52 -28.48
N SER A 545 -35.71 -20.23 -28.12
CA SER A 545 -36.21 -18.88 -28.25
C SER A 545 -35.57 -17.95 -27.23
N LYS A 546 -35.27 -16.74 -27.67
CA LYS A 546 -34.68 -15.73 -26.80
C LYS A 546 -35.78 -14.94 -26.10
N ALA A 547 -35.67 -14.82 -24.78
CA ALA A 547 -36.69 -14.12 -24.00
C ALA A 547 -36.05 -13.60 -22.72
N GLU A 548 -36.78 -12.70 -22.05
CA GLU A 548 -36.35 -12.12 -20.79
C GLU A 548 -36.84 -12.91 -19.58
N HIS A 549 -37.09 -14.20 -19.75
CA HIS A 549 -37.57 -15.02 -18.64
C HIS A 549 -36.51 -15.14 -17.56
N GLY A 550 -36.96 -15.39 -16.33
CA GLY A 550 -36.03 -15.55 -15.23
C GLY A 550 -35.13 -16.76 -15.40
N LEU A 551 -35.68 -17.87 -15.87
CA LEU A 551 -34.92 -19.10 -16.02
C LEU A 551 -33.85 -18.91 -17.09
N GLN A 552 -32.60 -19.17 -16.73
CA GLN A 552 -31.47 -19.08 -17.65
C GLN A 552 -30.72 -20.41 -17.61
N PHE A 553 -31.18 -21.36 -18.41
CA PHE A 553 -30.52 -22.65 -18.48
C PHE A 553 -29.15 -22.52 -19.13
N ASN A 554 -28.22 -23.37 -18.70
CA ASN A 554 -26.89 -23.47 -19.30
C ASN A 554 -26.77 -24.87 -19.89
N VAL A 555 -27.19 -25.01 -21.15
CA VAL A 555 -27.29 -26.31 -21.79
C VAL A 555 -26.34 -26.38 -22.98
N ASP A 556 -25.27 -25.58 -22.94
CA ASP A 556 -24.33 -25.56 -24.06
C ASP A 556 -23.67 -26.93 -24.23
N GLN A 557 -23.46 -27.65 -23.14
CA GLN A 557 -22.86 -28.98 -23.19
C GLN A 557 -23.89 -30.09 -23.18
N LEU A 558 -25.18 -29.76 -23.22
CA LEU A 558 -26.25 -30.74 -23.12
C LEU A 558 -26.53 -31.33 -24.50
N ARG A 559 -26.67 -32.65 -24.56
CA ARG A 559 -26.96 -33.36 -25.80
C ARG A 559 -28.23 -34.19 -25.62
N CYS A 560 -28.56 -34.98 -26.62
CA CYS A 560 -29.73 -35.83 -26.62
C CYS A 560 -29.33 -37.28 -26.39
N SER A 561 -30.33 -38.15 -26.29
CA SER A 561 -30.12 -39.57 -26.05
C SER A 561 -31.07 -40.43 -26.88
N GLU A 562 -31.44 -39.98 -28.07
CA GLU A 562 -32.37 -40.73 -28.92
C GLU A 562 -31.66 -41.24 -30.16
N PRO A 563 -31.36 -42.53 -30.25
CA PRO A 563 -30.75 -43.09 -31.46
C PRO A 563 -31.58 -42.84 -32.71
N PRO A 564 -32.92 -42.95 -32.66
CA PRO A 564 -33.70 -42.58 -33.85
C PRO A 564 -33.48 -41.15 -34.30
N ASN A 565 -33.35 -40.22 -33.37
CA ASN A 565 -32.99 -38.85 -33.69
C ASN A 565 -31.48 -38.75 -33.85
N LEU A 566 -30.99 -37.53 -34.09
CA LEU A 566 -29.56 -37.33 -34.19
C LEU A 566 -28.98 -37.31 -32.77
N LEU A 567 -28.43 -38.45 -32.34
CA LEU A 567 -27.83 -38.52 -31.01
C LEU A 567 -26.62 -37.58 -30.93
N ASP A 568 -26.40 -37.04 -29.73
CA ASP A 568 -25.32 -36.11 -29.41
C ASP A 568 -25.57 -34.74 -30.04
N ALA A 569 -26.77 -34.50 -30.55
CA ALA A 569 -27.11 -33.18 -31.06
C ALA A 569 -27.26 -32.16 -29.94
N THR A 570 -27.04 -30.90 -30.26
CA THR A 570 -27.22 -29.80 -29.32
C THR A 570 -28.53 -29.08 -29.60
N MET A 571 -29.13 -28.51 -28.56
CA MET A 571 -30.40 -27.82 -28.71
C MET A 571 -30.27 -26.54 -29.53
N ASP A 572 -29.16 -25.81 -29.39
CA ASP A 572 -28.96 -24.60 -30.17
C ASP A 572 -28.93 -24.88 -31.67
N GLN A 573 -28.62 -26.11 -32.06
CA GLN A 573 -28.62 -26.54 -33.46
C GLN A 573 -29.52 -27.76 -33.62
N LEU A 574 -30.68 -27.73 -32.96
CA LEU A 574 -31.66 -28.80 -33.03
C LEU A 574 -32.91 -28.31 -33.75
N GLN A 575 -33.36 -29.09 -34.72
CA GLN A 575 -34.57 -28.78 -35.47
C GLN A 575 -35.78 -29.19 -34.61
N THR A 576 -36.48 -28.19 -34.08
CA THR A 576 -37.62 -28.47 -33.21
C THR A 576 -38.72 -29.22 -33.94
N LYS A 577 -38.72 -29.16 -35.28
CA LYS A 577 -39.72 -29.88 -36.06
C LYS A 577 -39.59 -31.39 -35.88
N ASP A 578 -38.37 -31.88 -35.59
CA ASP A 578 -38.11 -33.30 -35.57
C ASP A 578 -38.49 -33.98 -34.25
N LEU A 579 -38.97 -33.21 -33.27
CA LEU A 579 -39.47 -33.81 -32.05
C LEU A 579 -40.61 -34.78 -32.38
N LEU A 580 -40.55 -35.98 -31.80
CA LEU A 580 -41.52 -37.01 -32.12
C LEU A 580 -42.06 -37.63 -30.84
N CYS A 581 -43.23 -38.28 -30.97
CA CYS A 581 -43.94 -38.86 -29.85
C CYS A 581 -44.54 -40.17 -30.29
N ASP A 582 -44.12 -41.26 -29.67
CA ASP A 582 -44.62 -42.57 -30.08
C ASP A 582 -46.02 -42.81 -29.51
N PHE A 583 -46.82 -43.55 -30.28
CA PHE A 583 -48.18 -43.89 -29.87
C PHE A 583 -48.20 -45.29 -29.27
N GLU A 584 -47.48 -45.42 -28.15
CA GLU A 584 -47.39 -46.71 -27.46
C GLU A 584 -48.68 -47.09 -26.75
N SER A 585 -49.42 -46.10 -26.22
CA SER A 585 -50.66 -46.39 -25.51
C SER A 585 -51.73 -46.98 -26.42
N ALA A 586 -51.76 -46.60 -27.69
CA ALA A 586 -52.74 -47.10 -28.64
C ALA A 586 -52.21 -48.37 -29.32
N ASP A 587 -53.14 -49.14 -29.88
CA ASP A 587 -52.81 -50.39 -30.56
C ASP A 587 -53.58 -50.54 -31.87
N ASP A 588 -54.30 -49.51 -32.30
CA ASP A 588 -55.05 -49.54 -33.55
C ASP A 588 -54.26 -48.99 -34.72
N CYS A 589 -53.01 -48.59 -34.50
CA CYS A 589 -52.18 -48.08 -35.58
C CYS A 589 -51.81 -49.22 -36.53
N PRO A 590 -51.68 -48.96 -37.83
CA PRO A 590 -51.36 -50.06 -38.77
C PRO A 590 -50.03 -50.72 -38.43
N LYS A 591 -49.99 -52.04 -38.63
CA LYS A 591 -48.82 -52.81 -38.29
C LYS A 591 -47.69 -52.55 -39.27
N ASP A 592 -46.45 -52.78 -38.82
CA ASP A 592 -45.25 -52.62 -39.63
C ASP A 592 -45.12 -51.19 -40.17
N CYS A 593 -45.52 -50.21 -39.36
CA CYS A 593 -45.43 -48.81 -39.74
C CYS A 593 -44.96 -48.00 -38.54
N GLN A 594 -44.08 -47.03 -38.81
CA GLN A 594 -43.50 -46.18 -37.76
C GLN A 594 -44.57 -45.21 -37.28
N CYS A 595 -45.14 -45.51 -36.12
CA CYS A 595 -46.30 -44.77 -35.62
C CYS A 595 -45.87 -43.73 -34.60
N ALA A 596 -45.96 -42.46 -34.96
CA ALA A 596 -45.60 -41.37 -34.07
C ALA A 596 -46.32 -40.10 -34.49
N MET A 597 -46.41 -39.14 -33.57
CA MET A 597 -46.96 -37.83 -33.85
C MET A 597 -46.03 -36.74 -33.32
N ARG A 598 -46.03 -35.59 -33.98
CA ARG A 598 -45.21 -34.45 -33.59
C ARG A 598 -46.13 -33.38 -33.01
N LEU A 599 -45.85 -32.95 -31.78
CA LEU A 599 -46.75 -32.04 -31.09
C LEU A 599 -46.53 -30.59 -31.53
N LEU A 600 -45.31 -30.24 -31.94
CA LEU A 600 -45.04 -28.86 -32.35
C LEU A 600 -45.90 -28.47 -33.54
N ASP A 601 -45.69 -29.13 -34.68
CA ASP A 601 -46.46 -28.86 -35.89
C ASP A 601 -47.92 -29.25 -35.77
N HIS A 602 -48.28 -29.98 -34.70
CA HIS A 602 -49.58 -30.65 -34.64
C HIS A 602 -49.77 -31.54 -35.86
N THR A 603 -49.00 -32.61 -35.94
CA THR A 603 -49.12 -33.63 -36.97
C THR A 603 -49.06 -35.02 -36.34
N VAL A 604 -49.74 -35.97 -36.97
CA VAL A 604 -49.63 -37.38 -36.64
C VAL A 604 -49.12 -38.12 -37.87
N ILE A 605 -48.10 -38.96 -37.68
CA ILE A 605 -47.46 -39.68 -38.76
C ILE A 605 -47.81 -41.16 -38.65
N VAL A 606 -48.27 -41.73 -39.75
CA VAL A 606 -48.50 -43.16 -39.86
C VAL A 606 -47.26 -43.88 -40.37
N ASN A 607 -46.67 -43.36 -41.45
CA ASN A 607 -45.39 -43.83 -41.99
C ASN A 607 -45.43 -45.33 -42.29
N CYS A 608 -46.31 -45.69 -43.21
CA CYS A 608 -46.34 -47.02 -43.79
C CYS A 608 -45.49 -47.10 -45.05
N SER A 609 -44.59 -46.13 -45.24
CA SER A 609 -43.76 -46.09 -46.45
C SER A 609 -42.77 -47.24 -46.51
N GLY A 610 -42.42 -47.81 -45.37
CA GLY A 610 -41.45 -48.90 -45.37
C GLY A 610 -41.97 -50.14 -46.06
N ARG A 611 -43.25 -50.46 -45.87
CA ARG A 611 -43.81 -51.68 -46.40
C ARG A 611 -44.58 -51.42 -47.70
N GLY A 612 -44.71 -52.47 -48.49
CA GLY A 612 -45.57 -52.46 -49.67
C GLY A 612 -46.71 -53.44 -49.47
N LEU A 613 -47.91 -53.04 -49.88
CA LEU A 613 -49.10 -53.82 -49.62
C LEU A 613 -49.97 -53.88 -50.87
N THR A 614 -51.11 -54.57 -50.73
CA THR A 614 -52.08 -54.67 -51.81
C THR A 614 -53.27 -53.73 -51.62
N GLU A 615 -53.41 -53.13 -50.44
CA GLU A 615 -54.48 -52.20 -50.15
C GLU A 615 -53.98 -51.10 -49.23
N PHE A 616 -54.67 -49.97 -49.26
CA PHE A 616 -54.31 -48.86 -48.38
C PHE A 616 -54.56 -49.25 -46.92
N PRO A 617 -53.58 -49.08 -46.03
CA PRO A 617 -53.80 -49.48 -44.64
C PRO A 617 -54.88 -48.65 -43.99
N ASP A 618 -55.63 -49.28 -43.08
CA ASP A 618 -56.67 -48.58 -42.35
C ASP A 618 -56.06 -47.50 -41.48
N LEU A 619 -56.53 -46.27 -41.66
CA LEU A 619 -55.94 -45.16 -40.92
C LEU A 619 -56.78 -44.83 -39.71
N PRO A 620 -56.28 -45.07 -38.50
CA PRO A 620 -57.07 -44.76 -37.30
C PRO A 620 -57.36 -43.27 -37.19
N ILE A 621 -58.55 -42.95 -36.72
CA ILE A 621 -58.97 -41.58 -36.47
C ILE A 621 -58.11 -41.04 -35.32
N PRO A 622 -57.78 -39.75 -35.29
CA PRO A 622 -57.06 -39.25 -34.10
C PRO A 622 -57.92 -39.27 -32.84
N SER A 623 -58.20 -40.48 -32.37
CA SER A 623 -58.97 -40.65 -31.15
C SER A 623 -58.25 -40.06 -29.96
N GLN A 624 -56.93 -40.23 -29.89
CA GLN A 624 -56.14 -39.55 -28.89
C GLN A 624 -56.30 -38.04 -29.04
N LEU A 625 -56.51 -37.36 -27.91
CA LEU A 625 -56.85 -35.94 -27.96
C LEU A 625 -55.72 -35.12 -28.59
N HIS A 626 -54.50 -35.28 -28.08
CA HIS A 626 -53.35 -34.49 -28.53
C HIS A 626 -53.69 -33.00 -28.54
N GLU A 627 -54.33 -32.55 -27.45
CA GLU A 627 -54.88 -31.20 -27.36
C GLU A 627 -55.94 -30.94 -28.43
N ASP A 628 -56.94 -31.82 -28.52
CA ASP A 628 -58.04 -31.70 -29.48
C ASP A 628 -57.52 -31.60 -30.92
N PHE A 629 -56.74 -32.60 -31.33
CA PHE A 629 -56.05 -32.51 -32.62
C PHE A 629 -56.68 -33.43 -33.65
N ASN A 630 -56.92 -32.90 -34.85
CA ASN A 630 -57.62 -33.62 -35.91
C ASN A 630 -56.95 -33.53 -37.27
N ALA A 631 -55.66 -33.86 -37.39
CA ALA A 631 -55.00 -33.94 -38.69
C ALA A 631 -54.05 -35.14 -38.71
N LEU A 632 -53.91 -35.76 -39.87
CA LEU A 632 -53.10 -36.97 -40.03
C LEU A 632 -52.18 -36.82 -41.23
N GLU A 633 -50.94 -37.30 -41.07
CA GLU A 633 -49.96 -37.34 -42.15
C GLU A 633 -49.57 -38.78 -42.40
N VAL A 634 -49.65 -39.22 -43.66
CA VAL A 634 -49.45 -40.61 -44.03
C VAL A 634 -48.38 -40.69 -45.13
N HIS A 635 -47.51 -41.70 -45.03
CA HIS A 635 -46.50 -41.98 -46.04
C HIS A 635 -46.71 -43.39 -46.55
N VAL A 636 -47.03 -43.53 -47.84
CA VAL A 636 -47.39 -44.82 -48.42
C VAL A 636 -46.57 -45.06 -49.68
N GLU A 637 -45.35 -44.53 -49.72
CA GLU A 637 -44.60 -44.45 -50.97
C GLU A 637 -44.35 -45.83 -51.59
N ASN A 638 -44.03 -46.83 -50.77
CA ASN A 638 -43.71 -48.14 -51.31
C ASN A 638 -44.95 -48.85 -51.85
N ASN A 639 -46.07 -48.74 -51.13
CA ASN A 639 -47.29 -49.42 -51.55
C ASN A 639 -47.82 -48.79 -52.83
N ARG A 640 -47.92 -49.60 -53.88
CA ARG A 640 -48.39 -49.16 -55.19
C ARG A 640 -49.35 -50.17 -55.79
N LEU A 641 -50.17 -50.79 -54.93
CA LEU A 641 -51.09 -51.84 -55.39
C LEU A 641 -52.48 -51.70 -54.78
N THR A 642 -52.75 -50.63 -54.05
CA THR A 642 -54.08 -50.47 -53.43
C THR A 642 -55.16 -50.35 -54.50
N LYS A 643 -54.84 -49.70 -55.61
CA LYS A 643 -55.71 -49.48 -56.77
C LYS A 643 -56.77 -48.44 -56.45
N LEU A 644 -56.92 -48.11 -55.15
CA LEU A 644 -57.71 -46.99 -54.66
C LEU A 644 -57.51 -46.80 -53.16
N PRO A 645 -57.13 -45.61 -52.71
CA PRO A 645 -57.32 -45.25 -51.30
C PRO A 645 -58.62 -44.51 -51.06
N ASN A 646 -59.77 -45.17 -51.20
CA ASN A 646 -61.05 -44.49 -51.10
C ASN A 646 -61.53 -44.29 -49.67
N LEU A 647 -60.80 -44.81 -48.68
CA LEU A 647 -61.14 -44.54 -47.29
C LEU A 647 -60.84 -43.12 -46.87
N THR A 648 -60.17 -42.34 -47.73
CA THR A 648 -59.82 -40.96 -47.38
C THR A 648 -61.04 -40.08 -47.14
N LYS A 649 -62.19 -40.45 -47.70
CA LYS A 649 -63.41 -39.70 -47.42
C LYS A 649 -63.79 -39.85 -45.95
N HIS A 650 -64.37 -38.78 -45.40
CA HIS A 650 -64.72 -38.72 -43.98
C HIS A 650 -63.50 -38.96 -43.10
N ASN A 651 -62.36 -38.43 -43.53
CA ASN A 651 -61.11 -38.53 -42.78
C ASN A 651 -60.48 -37.15 -42.68
N GLU A 652 -59.56 -37.00 -41.73
CA GLU A 652 -58.92 -35.72 -41.44
C GLU A 652 -57.43 -35.72 -41.79
N ILE A 653 -57.03 -36.49 -42.81
CA ILE A 653 -55.62 -36.52 -43.20
C ILE A 653 -55.24 -35.17 -43.80
N THR A 654 -53.99 -34.75 -43.55
CA THR A 654 -53.49 -33.49 -44.06
C THR A 654 -52.27 -33.61 -44.94
N GLN A 655 -51.58 -34.76 -44.93
CA GLN A 655 -50.41 -34.97 -45.76
C GLN A 655 -50.50 -36.34 -46.42
N LEU A 656 -50.05 -36.42 -47.68
CA LEU A 656 -50.08 -37.65 -48.45
C LEU A 656 -48.84 -37.70 -49.33
N TYR A 657 -48.15 -38.84 -49.32
CA TYR A 657 -46.96 -39.05 -50.14
C TYR A 657 -47.04 -40.45 -50.76
N ALA A 658 -47.05 -40.50 -52.09
CA ALA A 658 -47.00 -41.75 -52.84
C ALA A 658 -45.91 -41.63 -53.89
N ARG A 659 -44.67 -41.94 -53.49
CA ARG A 659 -43.56 -41.92 -54.45
C ARG A 659 -43.75 -42.99 -55.52
N ASN A 660 -44.21 -44.17 -55.12
CA ASN A 660 -44.58 -45.23 -56.06
C ASN A 660 -46.04 -45.59 -55.81
N ASN A 661 -46.89 -45.37 -56.82
CA ASN A 661 -48.32 -45.52 -56.66
C ASN A 661 -48.88 -46.34 -57.81
N SER A 662 -50.02 -46.98 -57.55
CA SER A 662 -50.73 -47.72 -58.57
C SER A 662 -51.27 -46.77 -59.65
N ILE A 663 -51.88 -47.35 -60.67
CA ILE A 663 -52.43 -46.57 -61.77
C ILE A 663 -53.41 -45.54 -61.24
N GLN A 664 -53.23 -44.29 -61.67
CA GLN A 664 -54.02 -43.16 -61.16
C GLN A 664 -55.38 -43.14 -61.87
N ASN A 665 -56.18 -44.18 -61.60
CA ASN A 665 -57.55 -44.25 -62.05
C ASN A 665 -58.53 -43.89 -60.93
N LEU A 666 -58.16 -42.94 -60.08
CA LEU A 666 -58.89 -42.72 -58.85
C LEU A 666 -60.19 -41.96 -59.10
N LEU A 667 -61.19 -42.27 -58.28
CA LEU A 667 -62.50 -41.63 -58.35
C LEU A 667 -62.55 -40.45 -57.40
N PRO A 668 -63.56 -39.57 -57.55
CA PRO A 668 -63.71 -38.48 -56.58
C PRO A 668 -63.98 -38.96 -55.16
N HIS A 669 -64.28 -40.24 -54.97
CA HIS A 669 -64.40 -40.78 -53.61
C HIS A 669 -63.09 -40.63 -52.84
N ASN A 670 -61.96 -40.80 -53.53
CA ASN A 670 -60.67 -40.66 -52.87
C ASN A 670 -60.41 -39.20 -52.49
N ILE A 671 -61.03 -38.26 -53.20
CA ILE A 671 -60.78 -36.83 -53.01
C ILE A 671 -60.96 -36.49 -51.53
N PRO A 672 -59.90 -36.03 -50.86
CA PRO A 672 -59.96 -35.84 -49.41
C PRO A 672 -60.36 -34.43 -49.01
N SER A 673 -60.78 -34.28 -47.74
CA SER A 673 -61.36 -33.02 -47.30
C SER A 673 -60.28 -32.01 -46.93
N LYS A 674 -59.26 -32.44 -46.18
CA LYS A 674 -58.31 -31.52 -45.56
C LYS A 674 -56.86 -31.81 -45.92
N LEU A 675 -56.62 -32.40 -47.09
CA LEU A 675 -55.27 -32.76 -47.52
C LEU A 675 -54.58 -31.51 -48.06
N ARG A 676 -53.46 -31.12 -47.42
CA ARG A 676 -52.71 -29.98 -47.91
C ARG A 676 -51.73 -30.39 -49.01
N ILE A 677 -50.82 -31.32 -48.71
CA ILE A 677 -49.79 -31.77 -49.64
C ILE A 677 -50.17 -33.13 -50.18
N ILE A 678 -50.03 -33.31 -51.48
CA ILE A 678 -50.38 -34.55 -52.16
C ILE A 678 -49.29 -34.88 -53.17
N ASP A 679 -48.94 -36.16 -53.28
CA ASP A 679 -47.92 -36.63 -54.21
C ASP A 679 -48.46 -37.83 -54.98
N LEU A 680 -48.32 -37.79 -56.30
CA LEU A 680 -48.79 -38.86 -57.18
C LEU A 680 -47.67 -39.35 -58.10
N SER A 681 -46.49 -39.58 -57.53
CA SER A 681 -45.34 -39.96 -58.33
C SER A 681 -45.42 -41.43 -58.75
N GLN A 682 -44.82 -41.72 -59.91
CA GLN A 682 -44.69 -43.08 -60.42
C GLN A 682 -46.05 -43.77 -60.56
N ASN A 683 -46.89 -43.24 -61.45
CA ASN A 683 -48.20 -43.81 -61.71
C ASN A 683 -48.61 -43.49 -63.14
N LEU A 684 -49.74 -44.06 -63.55
CA LEU A 684 -50.29 -43.81 -64.88
C LEU A 684 -51.22 -42.60 -64.80
N LEU A 685 -50.69 -41.44 -65.18
CA LEU A 685 -51.49 -40.22 -65.15
C LEU A 685 -52.59 -40.22 -66.21
N LYS A 686 -52.50 -41.13 -67.18
CA LYS A 686 -53.50 -41.16 -68.25
C LYS A 686 -54.87 -41.57 -67.73
N MET A 687 -54.91 -42.38 -66.67
CA MET A 687 -56.17 -42.94 -66.22
C MET A 687 -57.03 -41.90 -65.51
N ILE A 688 -56.40 -40.86 -64.93
CA ILE A 688 -57.17 -39.89 -64.17
C ILE A 688 -58.07 -39.10 -65.12
N ASP A 689 -59.20 -38.64 -64.60
CA ASP A 689 -60.20 -37.94 -65.39
C ASP A 689 -60.30 -36.49 -64.95
N ASP A 690 -60.92 -35.68 -65.81
CA ASP A 690 -61.03 -34.25 -65.53
C ASP A 690 -62.02 -33.97 -64.40
N SER A 691 -63.09 -34.77 -64.32
CA SER A 691 -64.11 -34.54 -63.30
C SER A 691 -63.53 -34.67 -61.89
N THR A 692 -62.68 -35.68 -61.68
CA THR A 692 -61.97 -35.78 -60.41
C THR A 692 -61.06 -34.57 -60.19
N LEU A 693 -60.33 -34.17 -61.23
CA LEU A 693 -59.46 -33.01 -61.12
C LEU A 693 -60.26 -31.73 -60.95
N ALA A 694 -61.42 -31.64 -61.59
CA ALA A 694 -62.27 -30.46 -61.45
C ALA A 694 -62.75 -30.31 -60.01
N GLN A 695 -63.12 -31.43 -59.37
CA GLN A 695 -63.63 -31.36 -58.00
C GLN A 695 -62.53 -30.97 -57.01
N ILE A 696 -61.26 -31.04 -57.44
CA ILE A 696 -60.17 -30.62 -56.58
C ILE A 696 -60.28 -29.13 -56.31
N ASN A 697 -60.32 -28.75 -55.04
CA ASN A 697 -60.48 -27.37 -54.62
C ASN A 697 -59.46 -27.02 -53.56
N ARG A 698 -58.85 -25.84 -53.71
CA ARG A 698 -57.90 -25.33 -52.73
C ARG A 698 -58.57 -24.53 -51.63
N SER A 699 -59.90 -24.51 -51.59
CA SER A 699 -60.61 -23.72 -50.58
C SER A 699 -60.29 -24.20 -49.18
N SER A 700 -60.23 -25.52 -48.98
CA SER A 700 -59.95 -26.05 -47.65
C SER A 700 -58.54 -25.66 -47.19
N HIS A 701 -57.53 -25.95 -48.01
CA HIS A 701 -56.15 -25.61 -47.71
C HIS A 701 -55.40 -25.49 -49.04
N LEU A 702 -54.18 -24.98 -48.96
CA LEU A 702 -53.33 -24.88 -50.14
C LEU A 702 -53.03 -26.28 -50.68
N GLU A 703 -52.98 -26.39 -52.01
CA GLU A 703 -52.80 -27.67 -52.68
C GLU A 703 -51.54 -27.64 -53.52
N THR A 704 -50.69 -28.65 -53.34
CA THR A 704 -49.50 -28.85 -54.14
C THR A 704 -49.43 -30.31 -54.56
N ILE A 705 -49.36 -30.55 -55.87
CA ILE A 705 -49.45 -31.88 -56.44
C ILE A 705 -48.11 -32.23 -57.09
N ARG A 706 -47.80 -33.51 -57.17
CA ARG A 706 -46.58 -34.00 -57.81
C ARG A 706 -46.96 -34.70 -59.11
N LEU A 707 -46.37 -34.25 -60.22
CA LEU A 707 -46.55 -34.87 -61.52
C LEU A 707 -45.33 -35.68 -61.96
N SER A 708 -44.39 -35.93 -61.05
CA SER A 708 -43.17 -36.63 -61.41
C SER A 708 -43.46 -38.08 -61.77
N GLN A 709 -42.75 -38.59 -62.77
CA GLN A 709 -42.88 -39.99 -63.21
C GLN A 709 -44.33 -40.34 -63.53
N ASN A 710 -45.03 -39.41 -64.18
CA ASN A 710 -46.44 -39.59 -64.51
C ASN A 710 -46.60 -39.57 -66.02
N GLN A 711 -47.35 -40.53 -66.55
CA GLN A 711 -47.59 -40.66 -67.99
C GLN A 711 -49.07 -40.43 -68.25
N TRP A 712 -49.38 -39.40 -69.04
CA TRP A 712 -50.75 -39.02 -69.35
C TRP A 712 -50.91 -38.88 -70.86
N LEU A 713 -51.99 -39.45 -71.39
CA LEU A 713 -52.27 -39.34 -72.81
C LEU A 713 -52.71 -37.93 -73.17
N CYS A 714 -52.30 -37.48 -74.36
CA CYS A 714 -52.63 -36.15 -74.87
C CYS A 714 -53.40 -36.32 -76.17
N ASP A 715 -54.68 -35.94 -76.15
CA ASP A 715 -55.54 -36.05 -77.33
C ASP A 715 -56.82 -35.26 -77.06
N CYS A 716 -57.72 -35.30 -78.04
CA CYS A 716 -59.02 -34.64 -77.87
C CYS A 716 -59.82 -35.16 -76.69
N PRO A 717 -59.97 -36.47 -76.46
CA PRO A 717 -60.70 -36.90 -75.25
C PRO A 717 -60.04 -36.45 -73.96
N ALA A 718 -58.71 -36.36 -73.94
CA ALA A 718 -57.98 -35.87 -72.77
C ALA A 718 -57.68 -34.38 -72.99
N SER A 719 -58.73 -33.57 -72.88
CA SER A 719 -58.63 -32.14 -73.07
C SER A 719 -58.83 -31.42 -71.75
N SER A 720 -58.49 -30.12 -71.76
CA SER A 720 -58.55 -29.19 -70.64
C SER A 720 -57.51 -29.50 -69.57
N PHE A 721 -56.71 -30.56 -69.73
CA PHE A 721 -55.66 -30.85 -68.76
C PHE A 721 -54.59 -29.77 -68.76
N LEU A 722 -54.26 -29.22 -69.93
CA LEU A 722 -53.29 -28.14 -70.00
C LEU A 722 -53.78 -26.90 -69.28
N ILE A 723 -55.06 -26.57 -69.43
CA ILE A 723 -55.62 -25.42 -68.73
C ILE A 723 -55.58 -25.64 -67.22
N PHE A 724 -55.88 -26.87 -66.79
CA PHE A 724 -55.82 -27.18 -65.36
C PHE A 724 -54.39 -27.07 -64.83
N VAL A 725 -53.42 -27.50 -65.64
CA VAL A 725 -52.01 -27.37 -65.24
C VAL A 725 -51.62 -25.91 -65.13
N GLN A 726 -52.06 -25.09 -66.09
CA GLN A 726 -51.76 -23.66 -66.04
C GLN A 726 -52.37 -23.01 -64.82
N GLN A 727 -53.62 -23.37 -64.50
CA GLN A 727 -54.26 -22.84 -63.30
C GLN A 727 -53.54 -23.29 -62.04
N ASN A 728 -53.10 -24.55 -62.01
CA ASN A 728 -52.39 -25.12 -60.88
C ASN A 728 -50.88 -25.14 -61.09
N SER A 729 -50.33 -24.11 -61.75
CA SER A 729 -48.89 -24.06 -61.98
C SER A 729 -48.13 -24.03 -60.66
N ARG A 730 -48.61 -23.25 -59.69
CA ARG A 730 -48.01 -23.26 -58.36
C ARG A 730 -48.17 -24.62 -57.69
N LEU A 731 -49.33 -25.26 -57.89
CA LEU A 731 -49.56 -26.57 -57.31
C LEU A 731 -48.61 -27.60 -57.89
N ILE A 732 -48.35 -27.54 -59.19
CA ILE A 732 -47.45 -28.48 -59.84
C ILE A 732 -46.01 -28.13 -59.49
N SER A 733 -45.28 -29.08 -58.91
CA SER A 733 -43.88 -28.84 -58.58
C SER A 733 -43.05 -28.62 -59.84
N ASP A 734 -43.27 -29.44 -60.87
CA ASP A 734 -42.58 -29.30 -62.15
C ASP A 734 -43.60 -29.56 -63.27
N MET A 735 -44.23 -28.50 -63.74
CA MET A 735 -45.20 -28.62 -64.82
C MET A 735 -44.53 -29.06 -66.12
N SER A 736 -43.31 -28.55 -66.37
CA SER A 736 -42.58 -28.94 -67.58
C SER A 736 -42.24 -30.43 -67.54
N ALA A 737 -41.89 -30.97 -66.38
CA ALA A 737 -41.57 -32.38 -66.26
C ALA A 737 -42.78 -33.25 -66.63
N ILE A 738 -43.98 -32.76 -66.38
CA ILE A 738 -45.18 -33.46 -66.81
C ILE A 738 -45.18 -33.56 -68.33
N ARG A 739 -45.37 -34.77 -68.84
CA ARG A 739 -45.21 -35.02 -70.26
C ARG A 739 -46.28 -35.98 -70.75
N CYS A 740 -46.53 -35.96 -72.05
CA CYS A 740 -47.45 -36.92 -72.65
C CYS A 740 -46.86 -38.32 -72.57
N HIS A 741 -47.74 -39.30 -72.34
CA HIS A 741 -47.28 -40.68 -72.15
C HIS A 741 -46.54 -41.22 -73.37
N PRO A 742 -47.04 -41.13 -74.60
CA PRO A 742 -46.25 -41.65 -75.73
C PRO A 742 -45.08 -40.76 -76.10
N SER A 743 -45.28 -39.44 -76.13
CA SER A 743 -44.22 -38.53 -76.55
C SER A 743 -43.10 -38.47 -75.52
N GLY A 744 -43.44 -38.42 -74.24
CA GLY A 744 -42.44 -38.25 -73.21
C GLY A 744 -41.84 -36.87 -73.16
N LYS A 745 -42.54 -35.87 -73.69
CA LYS A 745 -42.06 -34.50 -73.72
C LYS A 745 -43.16 -33.58 -73.23
N SER A 746 -42.76 -32.40 -72.75
CA SER A 746 -43.70 -31.45 -72.18
C SER A 746 -44.75 -31.04 -73.21
N LEU A 747 -45.99 -30.91 -72.73
CA LEU A 747 -47.11 -30.51 -73.57
C LEU A 747 -47.21 -29.00 -73.73
N ASP A 748 -46.32 -28.24 -73.10
CA ASP A 748 -46.37 -26.79 -73.23
C ASP A 748 -46.11 -26.35 -74.66
N SER A 749 -45.19 -27.01 -75.35
CA SER A 749 -44.91 -26.67 -76.74
C SER A 749 -46.09 -27.01 -77.65
N ILE A 750 -46.90 -27.99 -77.25
CA ILE A 750 -48.05 -28.43 -78.03
C ILE A 750 -49.36 -27.91 -77.46
N THR A 751 -49.32 -26.79 -76.72
CA THR A 751 -50.54 -26.26 -76.10
C THR A 751 -51.55 -25.82 -77.16
N VAL A 752 -51.07 -25.29 -78.28
CA VAL A 752 -51.98 -24.93 -79.37
C VAL A 752 -52.58 -26.17 -80.00
N ASN A 753 -51.85 -27.28 -79.97
CA ASN A 753 -52.36 -28.53 -80.54
C ASN A 753 -53.38 -29.19 -79.63
N GLU A 754 -53.48 -28.74 -78.38
CA GLU A 754 -54.46 -29.33 -77.45
C GLU A 754 -55.87 -29.10 -77.93
N LEU A 755 -56.17 -27.89 -78.42
CA LEU A 755 -57.49 -27.60 -78.95
C LEU A 755 -57.71 -28.36 -80.26
N CYS A 756 -58.84 -29.07 -80.34
CA CYS A 756 -59.11 -29.87 -81.54
C CYS A 756 -59.38 -28.99 -82.74
N PHE A 757 -60.07 -27.87 -82.55
CA PHE A 757 -60.38 -26.96 -83.64
C PHE A 757 -59.13 -26.19 -84.08
N PHE B 6 -6.26 -22.65 0.26
CA PHE B 6 -7.13 -23.79 -0.02
C PHE B 6 -6.71 -25.03 0.77
N THR B 7 -7.33 -26.16 0.48
CA THR B 7 -7.08 -27.38 1.24
C THR B 7 -5.74 -27.99 0.88
N CYS B 8 -4.92 -28.22 1.90
CA CYS B 8 -3.64 -28.86 1.70
C CYS B 8 -3.82 -30.34 1.37
N PRO B 9 -2.79 -31.00 0.81
CA PRO B 9 -2.93 -32.42 0.47
C PRO B 9 -3.37 -33.29 1.63
N GLU B 10 -4.25 -34.24 1.36
CA GLU B 10 -4.90 -34.99 2.43
C GLU B 10 -3.95 -36.02 3.04
N GLU B 11 -3.86 -35.98 4.37
CA GLU B 11 -3.22 -37.00 5.20
C GLU B 11 -1.70 -37.00 5.08
N SER B 12 -1.15 -36.24 4.12
CA SER B 12 0.30 -36.09 3.95
C SER B 12 1.03 -37.44 3.99
N GLU B 13 0.35 -38.50 3.52
CA GLU B 13 0.89 -39.84 3.63
C GLU B 13 1.90 -40.09 2.52
N ALA B 14 3.01 -40.75 2.87
CA ALA B 14 4.09 -41.05 1.93
C ALA B 14 4.64 -39.79 1.27
N SER B 15 4.57 -38.67 1.99
CA SER B 15 5.05 -37.38 1.51
C SER B 15 5.91 -36.75 2.59
N ASN B 16 7.04 -36.18 2.17
CA ASN B 16 7.97 -35.53 3.08
C ASN B 16 7.76 -34.03 3.16
N CYS B 17 6.69 -33.51 2.57
CA CYS B 17 6.45 -32.07 2.50
C CYS B 17 5.13 -31.72 3.16
N SER B 18 5.14 -30.62 3.91
CA SER B 18 4.03 -30.24 4.77
C SER B 18 3.49 -28.87 4.38
N CYS B 19 2.24 -28.62 4.78
CA CYS B 19 1.50 -27.41 4.41
C CYS B 19 1.21 -26.59 5.66
N GLU B 20 1.26 -25.26 5.50
CA GLU B 20 0.99 -24.37 6.64
C GLU B 20 -0.44 -23.85 6.64
N GLU B 21 -0.96 -23.46 5.47
CA GLU B 21 -2.36 -23.04 5.32
C GLU B 21 -2.71 -21.84 6.19
N PHE B 22 -2.07 -20.72 5.92
CA PHE B 22 -2.49 -19.45 6.49
C PHE B 22 -3.75 -18.96 5.79
N PRO B 23 -4.53 -18.08 6.43
CA PRO B 23 -5.76 -17.60 5.78
C PRO B 23 -5.52 -16.88 4.47
N SER B 24 -4.38 -16.20 4.33
CA SER B 24 -4.11 -15.47 3.09
C SER B 24 -3.46 -16.34 2.03
N LYS B 25 -2.49 -17.17 2.41
CA LYS B 25 -1.79 -18.02 1.46
C LYS B 25 -1.29 -19.26 2.18
N THR B 26 -1.19 -20.36 1.46
CA THR B 26 -0.76 -21.63 2.03
C THR B 26 0.71 -21.88 1.67
N HIS B 27 1.56 -21.99 2.67
CA HIS B 27 2.97 -22.26 2.46
C HIS B 27 3.23 -23.76 2.40
N PHE B 28 4.39 -24.12 1.84
CA PHE B 28 4.84 -25.49 1.81
C PHE B 28 6.31 -25.54 2.20
N TYR B 29 6.72 -26.65 2.79
CA TYR B 29 8.13 -26.96 3.01
C TYR B 29 8.27 -28.47 2.93
N CYS B 30 9.52 -28.94 2.92
CA CYS B 30 9.81 -30.37 2.90
C CYS B 30 10.77 -30.66 4.05
N PRO B 31 10.25 -30.66 5.29
CA PRO B 31 11.12 -30.63 6.47
C PRO B 31 11.52 -31.99 7.00
N ASP B 32 11.39 -33.04 6.18
CA ASP B 32 11.65 -34.40 6.66
C ASP B 32 13.00 -34.52 7.35
N PHE B 33 14.02 -33.86 6.82
CA PHE B 33 15.28 -33.71 7.52
C PHE B 33 15.56 -32.23 7.76
N ASN B 34 15.39 -31.43 6.70
CA ASN B 34 15.51 -29.98 6.78
C ASN B 34 14.85 -29.36 5.55
N PRO B 35 13.97 -28.38 5.72
CA PRO B 35 13.25 -27.81 4.56
C PRO B 35 14.16 -27.00 3.66
N THR B 36 14.48 -27.57 2.49
CA THR B 36 15.36 -26.87 1.55
C THR B 36 14.61 -25.80 0.77
N LEU B 37 13.36 -26.05 0.43
CA LEU B 37 12.59 -25.18 -0.46
C LEU B 37 11.22 -24.92 0.12
N TYR B 38 10.66 -23.76 -0.21
CA TYR B 38 9.32 -23.41 0.21
C TYR B 38 8.50 -23.00 -1.00
N VAL B 39 7.24 -23.43 -1.03
CA VAL B 39 6.31 -23.07 -2.07
C VAL B 39 5.06 -22.50 -1.41
N ASP B 40 4.77 -21.23 -1.68
CA ASP B 40 3.56 -20.61 -1.17
C ASP B 40 2.71 -20.11 -2.33
N VAL B 41 1.40 -20.27 -2.20
CA VAL B 41 0.48 -20.02 -3.29
C VAL B 41 -0.69 -19.19 -2.78
N GLU B 42 -1.18 -18.30 -3.64
CA GLU B 42 -2.46 -17.64 -3.42
C GLU B 42 -3.58 -18.55 -3.93
N ASP B 43 -4.81 -18.05 -3.86
CA ASP B 43 -5.94 -18.82 -4.36
C ASP B 43 -5.81 -19.05 -5.87
N ARG B 44 -5.61 -17.98 -6.62
CA ARG B 44 -5.36 -18.08 -8.05
C ARG B 44 -4.34 -17.09 -8.56
N MET B 45 -3.69 -16.31 -7.68
CA MET B 45 -2.87 -15.20 -8.13
C MET B 45 -1.43 -15.61 -8.40
N ARG B 46 -0.76 -16.16 -7.39
CA ARG B 46 0.69 -16.36 -7.45
C ARG B 46 1.08 -17.76 -7.04
N VAL B 47 2.27 -18.16 -7.48
CA VAL B 47 2.99 -19.31 -6.94
C VAL B 47 4.47 -18.94 -6.91
N ASP B 48 5.05 -18.94 -5.72
CA ASP B 48 6.45 -18.59 -5.52
C ASP B 48 7.22 -19.83 -5.07
N PHE B 49 8.32 -20.12 -5.75
CA PHE B 49 9.07 -21.36 -5.55
C PHE B 49 10.54 -21.02 -5.45
N LYS B 50 11.12 -21.24 -4.27
CA LYS B 50 12.53 -20.94 -4.02
C LYS B 50 13.18 -22.11 -3.31
N CYS B 51 14.38 -22.48 -3.76
CA CYS B 51 15.13 -23.59 -3.17
C CYS B 51 16.53 -23.10 -2.82
N TYR B 52 17.09 -23.64 -1.73
CA TYR B 52 18.34 -23.13 -1.17
C TYR B 52 19.43 -24.19 -1.04
N ASP B 53 19.32 -25.30 -1.76
CA ASP B 53 20.32 -26.35 -1.69
C ASP B 53 20.37 -27.11 -3.01
N GLU B 54 20.95 -28.32 -2.95
CA GLU B 54 21.19 -29.11 -4.13
C GLU B 54 19.88 -29.46 -4.84
N PRO B 55 19.88 -29.49 -6.18
CA PRO B 55 18.64 -29.76 -6.91
C PRO B 55 18.08 -31.16 -6.71
N HIS B 56 18.89 -32.10 -6.21
CA HIS B 56 18.39 -33.46 -6.01
C HIS B 56 17.28 -33.51 -4.97
N ASP B 57 17.14 -32.48 -4.14
CA ASP B 57 16.11 -32.44 -3.12
C ASP B 57 14.71 -32.34 -3.69
N PHE B 58 14.55 -31.89 -4.93
CA PHE B 58 13.23 -31.81 -5.56
C PHE B 58 13.19 -32.63 -6.85
N LYS B 59 13.92 -33.73 -6.87
CA LYS B 59 13.85 -34.63 -8.02
C LYS B 59 12.51 -35.35 -8.10
N SER B 60 12.00 -35.84 -6.97
CA SER B 60 10.77 -36.64 -6.95
C SER B 60 9.86 -36.19 -5.81
N LEU B 61 9.65 -34.88 -5.67
CA LEU B 61 8.73 -34.40 -4.66
C LEU B 61 7.30 -34.85 -4.96
N PRO B 62 6.48 -35.03 -3.93
CA PRO B 62 5.05 -35.29 -4.17
C PRO B 62 4.41 -34.15 -4.91
N ASN B 63 3.56 -34.48 -5.87
CA ASN B 63 2.89 -33.45 -6.66
C ASN B 63 1.89 -32.68 -5.79
N LEU B 64 1.95 -31.36 -5.89
CA LEU B 64 1.08 -30.49 -5.11
C LEU B 64 -0.31 -30.37 -5.70
N ALA B 65 -0.45 -30.53 -7.02
CA ALA B 65 -1.75 -30.45 -7.70
C ALA B 65 -2.47 -29.15 -7.39
N ILE B 66 -1.71 -28.06 -7.37
CA ILE B 66 -2.26 -26.74 -7.11
C ILE B 66 -2.96 -26.24 -8.36
N GLY B 67 -4.02 -25.45 -8.16
CA GLY B 67 -4.73 -24.89 -9.30
C GLY B 67 -3.84 -23.95 -10.08
N SER B 68 -4.09 -23.86 -11.38
CA SER B 68 -3.28 -23.03 -12.25
C SER B 68 -3.44 -21.55 -11.87
N VAL B 69 -2.32 -20.84 -11.81
CA VAL B 69 -2.30 -19.45 -11.38
C VAL B 69 -1.60 -18.62 -12.46
N LYS B 70 -1.98 -17.34 -12.53
CA LYS B 70 -1.48 -16.49 -13.60
C LYS B 70 0.01 -16.21 -13.47
N LEU B 71 0.49 -15.96 -12.25
CA LEU B 71 1.87 -15.55 -12.02
C LEU B 71 2.65 -16.69 -11.38
N LEU B 72 3.81 -16.99 -11.94
CA LEU B 72 4.71 -18.01 -11.41
C LEU B 72 6.07 -17.37 -11.17
N THR B 73 6.77 -17.83 -10.13
CA THR B 73 8.08 -17.29 -9.77
C THR B 73 8.98 -18.43 -9.33
N VAL B 74 10.23 -18.41 -9.81
CA VAL B 74 11.24 -19.39 -9.42
C VAL B 74 12.49 -18.63 -9.00
N VAL B 75 13.10 -19.07 -7.90
CA VAL B 75 14.27 -18.41 -7.35
C VAL B 75 15.35 -19.45 -7.08
N ASP B 76 16.51 -19.29 -7.73
CA ASP B 76 17.72 -20.03 -7.40
C ASP B 76 17.50 -21.54 -7.46
N CYS B 77 16.70 -21.99 -8.42
CA CYS B 77 16.41 -23.41 -8.58
C CYS B 77 17.04 -23.91 -9.88
N VAL B 78 17.82 -24.98 -9.78
CA VAL B 78 18.51 -25.52 -10.94
C VAL B 78 17.58 -26.45 -11.70
N LEU B 79 17.71 -26.45 -13.03
CA LEU B 79 16.87 -27.27 -13.90
C LEU B 79 17.74 -27.87 -15.01
N ASP B 80 17.23 -28.94 -15.60
CA ASP B 80 18.03 -29.78 -16.49
C ASP B 80 18.33 -29.06 -17.81
N ASP B 81 19.08 -29.74 -18.68
CA ASP B 81 19.72 -29.07 -19.81
C ASP B 81 18.76 -28.83 -20.97
N ASP B 82 17.81 -29.74 -21.19
CA ASP B 82 17.04 -29.61 -22.42
C ASP B 82 15.52 -29.64 -22.20
N ARG B 83 15.05 -30.34 -21.19
CA ARG B 83 13.61 -30.48 -20.98
C ARG B 83 13.00 -29.12 -20.63
N PRO B 84 11.74 -28.89 -21.03
CA PRO B 84 11.11 -27.59 -20.81
C PRO B 84 10.96 -27.29 -19.33
N ILE B 85 10.66 -26.01 -19.04
CA ILE B 85 10.55 -25.56 -17.66
C ILE B 85 9.41 -26.27 -16.95
N LEU B 86 8.26 -26.38 -17.61
CA LEU B 86 7.12 -27.04 -16.99
C LEU B 86 7.40 -28.51 -16.71
N GLU B 87 8.12 -29.19 -17.61
CA GLU B 87 8.47 -30.58 -17.37
C GLU B 87 9.37 -30.72 -16.14
N SER B 88 10.32 -29.81 -15.98
CA SER B 88 11.21 -29.87 -14.82
C SER B 88 10.45 -29.63 -13.52
N PHE B 89 9.47 -28.72 -13.55
CA PHE B 89 8.65 -28.40 -12.39
C PHE B 89 7.25 -29.01 -12.51
N LYS B 90 7.17 -30.23 -13.05
CA LYS B 90 5.87 -30.86 -13.28
C LYS B 90 5.12 -31.14 -11.98
N PHE B 91 5.82 -31.28 -10.86
CA PHE B 91 5.15 -31.61 -9.60
C PHE B 91 4.20 -30.50 -9.17
N LEU B 92 4.49 -29.25 -9.54
CA LEU B 92 3.55 -28.17 -9.25
C LEU B 92 2.24 -28.34 -9.98
N GLU B 93 2.25 -28.98 -11.15
CA GLU B 93 1.07 -29.23 -11.96
C GLU B 93 0.30 -27.97 -12.31
N VAL B 94 1.00 -26.88 -12.60
CA VAL B 94 0.39 -25.63 -13.03
C VAL B 94 0.56 -25.50 -14.54
N ALA B 95 -0.50 -25.15 -15.23
CA ALA B 95 -0.45 -25.05 -16.69
C ALA B 95 -0.86 -23.70 -17.24
N ASP B 96 -1.88 -23.07 -16.65
CA ASP B 96 -2.35 -21.77 -17.13
C ASP B 96 -1.51 -20.65 -16.50
N VAL B 97 -0.36 -20.42 -17.11
CA VAL B 97 0.61 -19.44 -16.64
C VAL B 97 0.54 -18.21 -17.54
N ARG B 98 0.36 -17.04 -16.92
CA ARG B 98 0.35 -15.78 -17.64
C ARG B 98 1.50 -14.86 -17.24
N SER B 99 2.45 -15.33 -16.44
CA SER B 99 3.60 -14.52 -16.06
C SER B 99 4.65 -15.44 -15.46
N PHE B 100 5.88 -15.34 -15.94
CA PHE B 100 6.97 -16.21 -15.51
C PHE B 100 8.17 -15.34 -15.15
N VAL B 101 8.71 -15.54 -13.95
CA VAL B 101 9.91 -14.85 -13.49
C VAL B 101 10.86 -15.90 -12.94
N TYR B 102 12.11 -15.86 -13.38
CA TYR B 102 13.08 -16.89 -13.05
C TYR B 102 14.38 -16.25 -12.60
N ASN B 103 14.51 -16.02 -11.30
CA ASN B 103 15.77 -15.58 -10.71
C ASN B 103 16.66 -16.80 -10.49
N ASN B 104 17.91 -16.70 -10.96
CA ASN B 104 18.80 -17.86 -10.92
C ASN B 104 20.22 -17.37 -10.63
N HIS B 105 20.62 -17.42 -9.36
CA HIS B 105 21.97 -17.08 -8.95
C HIS B 105 22.92 -18.27 -9.02
N GLU B 106 22.41 -19.47 -9.30
CA GLU B 106 23.22 -20.68 -9.11
C GLU B 106 24.21 -20.88 -10.24
N ASN B 107 23.73 -21.06 -11.48
CA ASN B 107 24.61 -21.38 -12.58
C ASN B 107 23.97 -20.94 -13.88
N GLY B 108 24.79 -20.36 -14.75
CA GLY B 108 24.30 -19.93 -16.06
C GLY B 108 23.88 -21.12 -16.90
N ILE B 109 22.90 -20.87 -17.77
CA ILE B 109 22.32 -21.91 -18.62
C ILE B 109 22.15 -21.35 -20.02
N ARG B 110 22.54 -22.14 -21.02
CA ARG B 110 22.43 -21.73 -22.42
C ARG B 110 21.03 -22.07 -22.92
N TYR B 111 20.19 -21.04 -23.06
CA TYR B 111 18.79 -21.27 -23.42
C TYR B 111 18.65 -21.70 -24.87
N ASN B 112 17.82 -22.72 -25.10
CA ASN B 112 17.42 -23.19 -26.41
C ASN B 112 15.90 -23.09 -26.49
N ALA B 113 15.37 -23.22 -27.71
CA ALA B 113 13.93 -23.08 -27.91
C ALA B 113 13.12 -24.14 -27.18
N LYS B 114 13.75 -25.23 -26.75
CA LYS B 114 13.05 -26.32 -26.09
C LYS B 114 12.60 -25.98 -24.66
N TYR B 115 13.09 -24.88 -24.08
CA TYR B 115 12.86 -24.64 -22.66
C TYR B 115 11.44 -24.18 -22.37
N PHE B 116 10.81 -23.45 -23.29
CA PHE B 116 9.55 -22.77 -22.98
C PHE B 116 8.34 -23.43 -23.63
N GLU B 117 8.41 -24.70 -23.98
CA GLU B 117 7.24 -25.40 -24.48
C GLU B 117 6.20 -25.55 -23.39
N GLY B 118 4.93 -25.39 -23.77
CA GLY B 118 3.84 -25.39 -22.82
C GLY B 118 3.46 -24.02 -22.29
N MET B 119 4.10 -22.96 -22.78
CA MET B 119 3.79 -21.61 -22.35
C MET B 119 3.39 -20.76 -23.55
N GLU B 120 2.55 -21.31 -24.42
CA GLU B 120 2.14 -20.65 -25.65
C GLU B 120 1.12 -19.54 -25.43
N GLN B 121 0.79 -19.22 -24.18
CA GLN B 121 -0.02 -18.05 -23.86
C GLN B 121 0.64 -17.16 -22.82
N LEU B 122 1.96 -17.26 -22.65
CA LEU B 122 2.67 -16.56 -21.59
C LEU B 122 2.88 -15.09 -21.92
N GLU B 123 2.87 -14.26 -20.88
CA GLU B 123 3.23 -12.85 -20.98
C GLU B 123 4.14 -12.51 -19.82
N ASN B 124 4.72 -11.31 -19.87
CA ASN B 124 5.58 -10.79 -18.80
C ASN B 124 6.72 -11.75 -18.49
N LEU B 125 7.25 -12.38 -19.54
CA LEU B 125 8.39 -13.27 -19.36
C LEU B 125 9.59 -12.48 -18.86
N THR B 126 10.32 -13.04 -17.90
CA THR B 126 11.43 -12.35 -17.27
C THR B 126 12.52 -13.36 -16.92
N LEU B 127 13.73 -13.11 -17.41
CA LEU B 127 14.89 -13.96 -17.15
C LEU B 127 15.96 -13.10 -16.50
N ALA B 128 16.19 -13.30 -15.20
CA ALA B 128 17.12 -12.48 -14.44
C ALA B 128 18.29 -13.33 -13.97
N ARG B 129 19.51 -12.85 -14.22
CA ARG B 129 20.77 -13.34 -13.66
C ARG B 129 21.12 -14.75 -14.11
N GLY B 130 20.34 -15.38 -14.99
CA GLY B 130 20.61 -16.75 -15.37
C GLY B 130 21.09 -16.93 -16.78
N VAL B 131 20.66 -16.07 -17.70
CA VAL B 131 20.95 -16.26 -19.11
C VAL B 131 22.42 -16.00 -19.38
N VAL B 132 23.03 -16.84 -20.22
CA VAL B 132 24.37 -16.63 -20.71
C VAL B 132 24.39 -16.40 -22.22
N SER B 133 23.52 -17.09 -22.95
CA SER B 133 23.42 -16.92 -24.40
C SER B 133 22.06 -17.46 -24.85
N ILE B 134 21.47 -16.79 -25.84
CA ILE B 134 20.17 -17.17 -26.38
C ILE B 134 20.34 -17.52 -27.85
N ASP B 135 19.88 -18.71 -28.23
CA ASP B 135 19.93 -19.14 -29.61
C ASP B 135 18.77 -18.53 -30.39
N ARG B 136 18.91 -18.54 -31.71
CA ARG B 136 17.88 -17.99 -32.58
C ARG B 136 16.59 -18.80 -32.47
N ASP B 137 15.47 -18.11 -32.65
CA ASP B 137 14.13 -18.68 -32.58
C ASP B 137 13.83 -19.33 -31.23
N THR B 138 14.53 -18.91 -30.18
CA THR B 138 14.23 -19.43 -28.84
C THR B 138 12.85 -18.99 -28.39
N PHE B 139 12.47 -17.74 -28.69
CA PHE B 139 11.19 -17.19 -28.30
C PHE B 139 10.08 -17.53 -29.28
N SER B 140 10.40 -18.12 -30.43
CA SER B 140 9.38 -18.50 -31.39
C SER B 140 8.46 -19.55 -30.80
N GLY B 141 7.16 -19.34 -30.97
CA GLY B 141 6.13 -20.25 -30.50
C GLY B 141 5.18 -19.64 -29.49
N PHE B 142 5.60 -18.58 -28.81
CA PHE B 142 4.73 -17.93 -27.83
C PHE B 142 3.45 -17.41 -28.49
N LEU B 143 3.61 -16.72 -29.62
CA LEU B 143 2.56 -16.20 -30.48
C LEU B 143 1.80 -15.04 -29.84
N ASN B 144 2.02 -14.75 -28.56
CA ASN B 144 1.48 -13.56 -27.92
C ASN B 144 2.29 -13.19 -26.68
N LEU B 145 3.17 -12.20 -26.81
CA LEU B 145 4.01 -11.74 -25.70
C LEU B 145 3.95 -10.23 -25.64
N LYS B 146 3.72 -9.69 -24.45
CA LYS B 146 3.59 -8.25 -24.28
C LYS B 146 4.77 -7.61 -23.56
N ARG B 147 5.44 -8.33 -22.67
CA ARG B 147 6.56 -7.78 -21.91
C ARG B 147 7.65 -8.83 -21.78
N LEU B 148 8.90 -8.42 -21.98
CA LEU B 148 10.05 -9.29 -21.82
C LEU B 148 11.14 -8.53 -21.08
N THR B 149 11.95 -9.26 -20.31
CA THR B 149 13.02 -8.64 -19.54
C THR B 149 14.16 -9.62 -19.36
N ILE B 150 15.37 -9.16 -19.64
CA ILE B 150 16.59 -9.93 -19.41
C ILE B 150 17.57 -9.00 -18.72
N GLU B 151 18.04 -9.37 -17.53
CA GLU B 151 18.81 -8.45 -16.72
C GLU B 151 19.85 -9.17 -15.88
N HIS B 152 20.88 -8.42 -15.50
CA HIS B 152 21.89 -8.84 -14.53
C HIS B 152 22.67 -10.07 -14.98
N ASN B 153 23.04 -10.12 -16.26
CA ASN B 153 23.76 -11.27 -16.79
C ASN B 153 24.47 -10.89 -18.08
N LYS B 154 25.75 -11.24 -18.17
CA LYS B 154 26.54 -10.93 -19.36
C LYS B 154 25.99 -11.66 -20.58
N LEU B 155 25.99 -10.99 -21.73
CA LEU B 155 25.36 -11.54 -22.92
C LEU B 155 26.07 -11.04 -24.18
N ASN B 156 25.87 -11.80 -25.26
CA ASN B 156 26.27 -11.41 -26.61
C ASN B 156 25.26 -12.02 -27.56
N LEU B 157 24.49 -11.18 -28.25
CA LEU B 157 23.30 -11.61 -28.95
C LEU B 157 23.49 -11.55 -30.46
N GLN B 158 22.84 -12.47 -31.17
CA GLN B 158 22.83 -12.49 -32.62
C GLN B 158 21.77 -11.53 -33.17
N PRO B 159 21.94 -11.05 -34.40
CA PRO B 159 20.96 -10.08 -34.94
C PRO B 159 19.53 -10.62 -35.05
N GLY B 160 19.35 -11.91 -35.31
CA GLY B 160 18.03 -12.43 -35.60
C GLY B 160 17.30 -13.06 -34.44
N THR B 161 17.72 -12.75 -33.21
CA THR B 161 17.17 -13.43 -32.04
C THR B 161 15.71 -13.02 -31.79
N PHE B 162 15.41 -11.73 -31.92
CA PHE B 162 14.08 -11.21 -31.59
C PHE B 162 13.12 -11.18 -32.78
N GLU B 163 13.53 -11.72 -33.93
CA GLU B 163 12.70 -11.59 -35.13
C GLU B 163 11.37 -12.31 -34.98
N ALA B 164 11.31 -13.33 -34.14
CA ALA B 164 10.14 -14.20 -34.11
C ALA B 164 8.95 -13.54 -33.40
N LEU B 165 9.22 -12.70 -32.40
CA LEU B 165 8.17 -12.25 -31.49
C LEU B 165 7.11 -11.44 -32.22
N SER B 166 7.47 -10.26 -32.72
CA SER B 166 6.62 -9.44 -33.59
C SER B 166 5.33 -8.96 -32.92
N ASN B 167 5.11 -9.30 -31.66
CA ASN B 167 4.01 -8.75 -30.89
C ASN B 167 4.46 -8.08 -29.60
N LEU B 168 5.76 -8.09 -29.32
CA LEU B 168 6.29 -7.56 -28.07
C LEU B 168 6.05 -6.06 -27.99
N THR B 169 5.68 -5.58 -26.79
CA THR B 169 5.49 -4.16 -26.56
C THR B 169 6.51 -3.53 -25.62
N TYR B 170 6.93 -4.23 -24.57
CA TYR B 170 7.94 -3.74 -23.65
C TYR B 170 9.11 -4.72 -23.63
N LEU B 171 10.29 -4.24 -23.97
CA LEU B 171 11.50 -5.04 -23.98
C LEU B 171 12.49 -4.42 -23.02
N GLY B 172 13.13 -5.25 -22.21
CA GLY B 172 14.11 -4.76 -21.26
C GLY B 172 15.42 -5.51 -21.30
N LEU B 173 16.50 -4.83 -21.69
CA LEU B 173 17.84 -5.39 -21.67
C LEU B 173 18.67 -4.51 -20.74
N VAL B 174 18.61 -4.82 -19.45
CA VAL B 174 19.20 -4.00 -18.41
C VAL B 174 20.41 -4.71 -17.84
N TYR B 175 21.52 -3.98 -17.71
CA TYR B 175 22.70 -4.46 -17.00
C TYR B 175 23.25 -5.75 -17.64
N ASN B 176 22.94 -5.96 -18.91
CA ASN B 176 23.33 -7.16 -19.62
C ASN B 176 24.78 -7.14 -20.10
N GLY B 177 25.45 -5.99 -19.99
CA GLY B 177 26.83 -5.91 -20.46
C GLY B 177 26.97 -6.13 -21.95
N LEU B 178 26.06 -5.60 -22.74
CA LEU B 178 26.15 -5.71 -24.19
C LEU B 178 27.32 -4.86 -24.69
N ASN B 179 28.23 -5.48 -25.45
CA ASN B 179 29.38 -4.75 -25.96
C ASN B 179 28.95 -3.67 -26.94
N GLU B 180 28.05 -4.02 -27.86
CA GLU B 180 27.59 -3.09 -28.89
C GLU B 180 26.33 -3.65 -29.52
N ILE B 181 25.63 -2.79 -30.24
CA ILE B 181 24.35 -3.14 -30.86
C ILE B 181 24.59 -3.40 -32.34
N GLN B 182 24.38 -4.64 -32.77
CA GLN B 182 24.51 -4.99 -34.17
C GLN B 182 23.33 -4.41 -34.97
N PRO B 183 23.57 -4.01 -36.21
CA PRO B 183 22.46 -3.54 -37.05
C PRO B 183 21.44 -4.65 -37.27
N GLY B 184 20.16 -4.26 -37.28
CA GLY B 184 19.11 -5.23 -37.50
C GLY B 184 18.89 -6.21 -36.37
N LEU B 185 19.44 -5.94 -35.19
CA LEU B 185 19.26 -6.85 -34.07
C LEU B 185 17.84 -6.75 -33.51
N PHE B 186 17.14 -5.66 -33.81
CA PHE B 186 15.75 -5.44 -33.41
C PHE B 186 14.80 -5.57 -34.60
N ASP B 187 15.17 -6.37 -35.61
CA ASP B 187 14.49 -6.33 -36.89
C ASP B 187 13.02 -6.73 -36.78
N GLY B 188 12.73 -7.79 -36.04
CA GLY B 188 11.40 -8.35 -36.01
C GLY B 188 10.42 -7.72 -35.04
N LEU B 189 10.85 -6.74 -34.24
CA LEU B 189 10.00 -6.16 -33.20
C LEU B 189 9.27 -4.95 -33.77
N GLU B 190 8.14 -5.23 -34.43
CA GLU B 190 7.37 -4.18 -35.08
C GLU B 190 6.64 -3.30 -34.06
N SER B 191 5.99 -3.92 -33.07
CA SER B 191 5.12 -3.19 -32.15
C SER B 191 5.81 -2.85 -30.84
N LEU B 192 7.14 -2.78 -30.83
CA LEU B 192 7.86 -2.43 -29.61
C LEU B 192 7.55 -1.01 -29.17
N GLU B 193 7.54 -0.78 -27.86
CA GLU B 193 7.27 0.54 -27.30
C GLU B 193 8.18 0.91 -26.14
N ALA B 194 9.28 0.20 -25.93
CA ALA B 194 10.27 0.56 -24.93
C ALA B 194 11.48 -0.36 -25.08
N LEU B 195 12.64 0.14 -24.70
CA LEU B 195 13.84 -0.68 -24.82
C LEU B 195 14.58 -0.86 -23.51
N SER B 196 14.68 0.19 -22.70
CA SER B 196 15.34 0.13 -21.40
C SER B 196 16.72 -0.52 -21.50
N LEU B 197 17.56 0.10 -22.33
CA LEU B 197 18.91 -0.41 -22.59
C LEU B 197 19.94 0.14 -21.62
N SER B 198 19.52 0.49 -20.40
CA SER B 198 20.41 1.10 -19.43
C SER B 198 21.42 0.09 -18.89
N TYR B 199 22.49 0.62 -18.30
CA TYR B 199 23.51 -0.15 -17.60
C TYR B 199 24.23 -1.15 -18.49
N ASN B 200 24.08 -1.04 -19.81
CA ASN B 200 24.85 -1.86 -20.74
C ASN B 200 26.22 -1.23 -20.95
N ASP B 201 26.92 -1.72 -21.97
CA ASP B 201 28.22 -1.19 -22.36
C ASP B 201 28.28 -0.85 -23.85
N ILE B 202 27.19 -0.29 -24.38
CA ILE B 202 27.13 0.01 -25.81
C ILE B 202 28.17 1.06 -26.16
N LYS B 203 29.12 0.69 -27.02
CA LYS B 203 30.20 1.60 -27.37
C LYS B 203 29.72 2.76 -28.25
N SER B 204 28.88 2.46 -29.25
CA SER B 204 28.36 3.50 -30.13
C SER B 204 27.08 3.00 -30.79
N LEU B 205 26.34 3.94 -31.34
CA LEU B 205 25.09 3.64 -32.05
C LEU B 205 25.26 3.92 -33.53
N SER B 206 25.02 2.91 -34.35
CA SER B 206 25.11 3.07 -35.80
C SER B 206 23.83 3.71 -36.33
N ALA B 207 23.86 4.06 -37.61
CA ALA B 207 22.66 4.63 -38.24
C ALA B 207 21.52 3.63 -38.27
N GLY B 208 21.83 2.35 -38.51
CA GLY B 208 20.82 1.33 -38.61
C GLY B 208 20.64 0.51 -37.35
N SER B 209 21.04 1.07 -36.21
CA SER B 209 20.92 0.35 -34.94
C SER B 209 19.48 0.15 -34.50
N PHE B 210 18.52 0.82 -35.12
CA PHE B 210 17.11 0.71 -34.78
C PHE B 210 16.27 0.48 -36.03
N ASN B 211 16.71 -0.46 -36.87
CA ASN B 211 16.04 -0.68 -38.14
C ASN B 211 14.63 -1.22 -37.96
N GLY B 212 14.48 -2.26 -37.16
CA GLY B 212 13.21 -2.95 -37.04
C GLY B 212 12.19 -2.34 -36.12
N LEU B 213 12.44 -1.14 -35.62
CA LEU B 213 11.56 -0.49 -34.64
C LEU B 213 10.80 0.64 -35.34
N SER B 214 9.49 0.59 -35.27
CA SER B 214 8.65 1.59 -35.93
C SER B 214 7.65 2.25 -34.99
N SER B 215 7.07 1.50 -34.05
CA SER B 215 6.13 2.05 -33.08
C SER B 215 6.79 2.37 -31.74
N LEU B 216 8.11 2.54 -31.72
CA LEU B 216 8.83 2.73 -30.47
C LEU B 216 8.43 4.03 -29.79
N ARG B 217 8.44 4.01 -28.46
CA ARG B 217 8.43 5.20 -27.62
C ARG B 217 9.30 4.94 -26.40
N MET B 218 9.67 6.01 -25.71
CA MET B 218 10.34 5.93 -24.41
C MET B 218 11.63 5.11 -24.50
N LEU B 219 12.40 5.35 -25.56
CA LEU B 219 13.71 4.74 -25.67
C LEU B 219 14.58 5.17 -24.49
N ASN B 220 15.22 4.20 -23.83
CA ASN B 220 15.96 4.45 -22.61
C ASN B 220 17.40 4.01 -22.80
N LEU B 221 18.34 4.90 -22.51
CA LEU B 221 19.78 4.63 -22.55
C LEU B 221 20.45 5.21 -21.32
N ARG B 222 19.88 4.91 -20.14
CA ARG B 222 20.16 5.68 -18.94
C ARG B 222 21.65 5.61 -18.55
N VAL B 223 22.27 4.44 -18.69
CA VAL B 223 23.70 4.29 -18.38
C VAL B 223 24.32 3.45 -19.48
N ASN B 224 25.18 4.07 -20.29
CA ASN B 224 25.93 3.35 -21.32
C ASN B 224 27.27 4.02 -21.52
N LYS B 225 28.21 3.27 -22.08
CA LYS B 225 29.50 3.83 -22.47
C LYS B 225 29.49 4.27 -23.93
N ILE B 226 28.50 5.09 -24.30
CA ILE B 226 28.36 5.53 -25.68
C ILE B 226 29.44 6.56 -25.98
N GLU B 227 30.26 6.27 -26.99
CA GLU B 227 31.37 7.15 -27.36
C GLU B 227 31.02 8.12 -28.47
N SER B 228 30.08 7.75 -29.35
CA SER B 228 29.73 8.60 -30.48
C SER B 228 28.33 8.25 -30.95
N PHE B 229 27.77 9.14 -31.76
CA PHE B 229 26.46 8.96 -32.36
C PHE B 229 26.58 9.11 -33.88
N ASP B 230 25.65 8.49 -34.59
CA ASP B 230 25.56 8.66 -36.03
C ASP B 230 24.57 9.77 -36.36
N ALA B 231 24.73 10.34 -37.57
CA ALA B 231 23.89 11.48 -37.96
C ALA B 231 22.41 11.08 -38.03
N ASN B 232 22.14 9.88 -38.56
CA ASN B 232 20.77 9.38 -38.71
C ASN B 232 20.46 8.26 -37.73
N THR B 233 20.97 8.36 -36.49
CA THR B 233 20.72 7.32 -35.50
C THR B 233 19.24 7.20 -35.20
N PHE B 234 18.57 8.32 -34.98
CA PHE B 234 17.17 8.34 -34.60
C PHE B 234 16.24 8.62 -35.77
N ALA B 235 16.77 8.67 -37.00
CA ALA B 235 15.93 8.94 -38.15
C ALA B 235 14.94 7.81 -38.41
N SER B 236 15.34 6.57 -38.15
CA SER B 236 14.47 5.42 -38.42
C SER B 236 13.26 5.36 -37.49
N LEU B 237 13.22 6.16 -36.43
CA LEU B 237 12.12 6.16 -35.48
C LEU B 237 11.29 7.42 -35.73
N LYS B 238 10.21 7.26 -36.51
CA LYS B 238 9.34 8.39 -36.78
C LYS B 238 8.56 8.81 -35.53
N GLU B 239 8.05 7.84 -34.78
CA GLU B 239 7.38 8.10 -33.52
C GLU B 239 8.36 7.80 -32.39
N LEU B 240 8.53 8.76 -31.48
CA LEU B 240 9.40 8.58 -30.33
C LEU B 240 8.98 9.59 -29.28
N SER B 241 8.34 9.11 -28.20
CA SER B 241 7.82 10.03 -27.20
C SER B 241 8.92 10.52 -26.26
N ARG B 242 9.54 9.60 -25.52
CA ARG B 242 10.57 9.94 -24.55
C ARG B 242 11.93 9.42 -25.02
N LEU B 243 12.98 10.08 -24.55
CA LEU B 243 14.34 9.68 -24.85
C LEU B 243 15.23 10.07 -23.67
N GLU B 244 15.77 9.07 -22.99
CA GLU B 244 16.63 9.30 -21.83
C GLU B 244 18.04 8.87 -22.19
N ILE B 245 18.95 9.83 -22.25
CA ILE B 245 20.36 9.58 -22.60
C ILE B 245 21.18 10.24 -21.50
N THR B 246 21.66 9.44 -20.55
CA THR B 246 22.38 9.95 -19.40
C THR B 246 23.66 9.15 -19.19
N LEU B 247 24.59 9.75 -18.46
CA LEU B 247 25.80 9.09 -17.97
C LEU B 247 26.55 8.38 -19.10
N ASN B 248 27.00 9.17 -20.07
CA ASN B 248 27.76 8.64 -21.19
C ASN B 248 29.00 9.48 -21.40
N PRO B 249 30.07 8.90 -21.96
CA PRO B 249 31.32 9.64 -22.13
C PRO B 249 31.50 10.34 -23.47
N PHE B 250 30.47 10.45 -24.30
CA PHE B 250 30.65 11.12 -25.58
C PHE B 250 30.89 12.62 -25.37
N VAL B 251 31.61 13.22 -26.31
CA VAL B 251 32.05 14.60 -26.18
C VAL B 251 31.13 15.57 -26.91
N SER B 252 30.48 15.12 -27.99
CA SER B 252 29.62 16.00 -28.77
C SER B 252 28.57 15.16 -29.49
N LEU B 253 27.51 15.83 -29.92
CA LEU B 253 26.46 15.19 -30.68
C LEU B 253 26.54 15.59 -32.15
N PRO B 254 26.10 14.73 -33.06
CA PRO B 254 26.08 15.11 -34.48
C PRO B 254 25.02 16.17 -34.75
N ARG B 255 25.26 16.95 -35.79
CA ARG B 255 24.31 17.97 -36.20
C ARG B 255 23.02 17.33 -36.73
N GLY B 256 21.88 17.86 -36.29
CA GLY B 256 20.60 17.31 -36.70
C GLY B 256 20.32 15.91 -36.20
N LEU B 257 20.67 15.63 -34.94
CA LEU B 257 20.47 14.28 -34.41
C LEU B 257 18.99 13.93 -34.30
N PHE B 258 18.17 14.90 -33.87
CA PHE B 258 16.74 14.67 -33.68
C PHE B 258 15.90 15.33 -34.77
N SER B 259 16.40 15.34 -36.01
CA SER B 259 15.68 16.01 -37.08
C SER B 259 14.35 15.34 -37.38
N GLU B 260 14.33 14.01 -37.42
CA GLU B 260 13.18 13.26 -37.90
C GLU B 260 12.18 12.91 -36.82
N ASN B 261 12.49 13.12 -35.54
CA ASN B 261 11.60 12.71 -34.45
C ASN B 261 10.71 13.90 -34.09
N LYS B 262 9.63 14.06 -34.85
CA LYS B 262 8.71 15.17 -34.61
C LYS B 262 7.86 14.94 -33.38
N LYS B 263 7.60 13.68 -33.04
CA LYS B 263 6.75 13.33 -31.90
C LYS B 263 7.50 13.44 -30.57
N LEU B 264 8.77 13.84 -30.61
CA LEU B 264 9.58 13.91 -29.40
C LEU B 264 8.93 14.81 -28.36
N LYS B 265 8.58 14.24 -27.21
CA LYS B 265 7.86 14.96 -26.16
C LYS B 265 8.70 15.21 -24.91
N THR B 266 9.65 14.33 -24.61
CA THR B 266 10.46 14.47 -23.39
C THR B 266 11.88 14.01 -23.70
N LEU B 267 12.81 14.96 -23.70
CA LEU B 267 14.22 14.69 -23.95
C LEU B 267 14.99 14.90 -22.65
N ILE B 268 15.42 13.80 -22.04
CA ILE B 268 16.21 13.83 -20.82
C ILE B 268 17.66 13.50 -21.20
N LEU B 269 18.53 14.49 -21.08
CA LEU B 269 19.93 14.38 -21.52
C LEU B 269 20.80 15.01 -20.44
N THR B 270 21.21 14.20 -19.46
CA THR B 270 21.90 14.72 -18.29
C THR B 270 23.17 13.92 -18.03
N ASN B 271 24.04 14.49 -17.18
CA ASN B 271 25.20 13.80 -16.63
C ASN B 271 26.17 13.32 -17.71
N ASN B 272 26.19 13.96 -18.86
CA ASN B 272 27.20 13.70 -19.89
C ASN B 272 28.35 14.67 -19.64
N ARG B 273 29.20 14.29 -18.68
CA ARG B 273 30.23 15.21 -18.18
C ARG B 273 31.18 15.65 -19.28
N LYS B 274 31.34 14.84 -20.33
CA LYS B 274 32.25 15.16 -21.42
C LYS B 274 31.59 15.97 -22.52
N LEU B 275 30.29 16.22 -22.45
CA LEU B 275 29.57 16.94 -23.50
C LEU B 275 29.93 18.42 -23.42
N VAL B 276 31.00 18.79 -24.11
CA VAL B 276 31.54 20.14 -23.99
C VAL B 276 30.61 21.16 -24.67
N THR B 277 30.04 20.80 -25.82
CA THR B 277 29.24 21.75 -26.59
C THR B 277 28.02 21.05 -27.15
N LEU B 278 27.01 21.86 -27.49
CA LEU B 278 25.78 21.41 -28.12
C LEU B 278 25.69 21.92 -29.56
N PRO B 279 25.26 21.07 -30.49
CA PRO B 279 25.08 21.52 -31.88
C PRO B 279 23.94 22.51 -32.01
N GLU B 280 24.03 23.35 -33.04
CA GLU B 280 23.00 24.33 -33.31
C GLU B 280 21.74 23.66 -33.84
N GLU B 281 20.60 24.32 -33.59
CA GLU B 281 19.25 23.86 -33.98
C GLU B 281 19.09 22.36 -33.82
N LEU B 282 19.50 21.85 -32.66
CA LEU B 282 19.33 20.43 -32.38
C LEU B 282 17.89 20.11 -32.01
N LEU B 283 17.21 21.02 -31.30
CA LEU B 283 15.83 20.85 -30.89
C LEU B 283 14.85 21.50 -31.87
N ALA B 284 15.28 21.74 -33.10
CA ALA B 284 14.48 22.51 -34.05
C ALA B 284 13.24 21.73 -34.48
N ASN B 285 12.13 22.46 -34.66
CA ASN B 285 10.90 21.93 -35.26
C ASN B 285 10.33 20.75 -34.47
N LEU B 286 10.33 20.85 -33.15
CA LEU B 286 9.72 19.82 -32.30
C LEU B 286 8.50 20.45 -31.62
N LYS B 287 7.36 20.40 -32.30
CA LYS B 287 6.14 21.01 -31.79
C LYS B 287 5.59 20.29 -30.57
N GLU B 288 5.64 18.97 -30.56
CA GLU B 288 5.07 18.17 -29.48
C GLU B 288 5.94 18.16 -28.23
N LEU B 289 7.11 18.77 -28.28
CA LEU B 289 8.01 18.76 -27.12
C LEU B 289 7.37 19.47 -25.94
N THR B 290 7.46 18.84 -24.77
CA THR B 290 6.89 19.40 -23.55
C THR B 290 7.94 19.76 -22.51
N VAL B 291 8.81 18.81 -22.15
CA VAL B 291 9.87 19.04 -21.17
C VAL B 291 11.20 18.63 -21.78
N VAL B 292 12.21 19.49 -21.62
CA VAL B 292 13.56 19.21 -22.07
C VAL B 292 14.49 19.42 -20.89
N ASN B 293 15.43 18.49 -20.71
CA ASN B 293 16.31 18.46 -19.54
C ASN B 293 17.75 18.36 -20.03
N LEU B 294 18.56 19.38 -19.72
CA LEU B 294 19.97 19.41 -20.09
C LEU B 294 20.88 19.55 -18.87
N SER B 295 20.42 19.13 -17.69
CA SER B 295 21.15 19.40 -16.47
C SER B 295 22.41 18.54 -16.36
N HIS B 296 23.33 18.99 -15.51
CA HIS B 296 24.54 18.29 -15.09
C HIS B 296 25.49 17.96 -16.24
N ASN B 297 25.32 18.52 -17.43
CA ASN B 297 26.26 18.27 -18.51
C ASN B 297 27.54 19.09 -18.29
N GLY B 298 28.42 19.02 -19.28
CA GLY B 298 29.61 19.84 -19.31
C GLY B 298 29.57 20.98 -20.32
N VAL B 299 28.38 21.32 -20.84
CA VAL B 299 28.28 22.34 -21.87
C VAL B 299 28.75 23.68 -21.31
N GLY B 300 29.50 24.42 -22.13
CA GLY B 300 30.02 25.70 -21.72
C GLY B 300 29.40 26.87 -22.46
N ASN B 301 28.99 26.64 -23.70
CA ASN B 301 28.37 27.66 -24.52
C ASN B 301 27.20 27.05 -25.28
N LEU B 302 26.23 27.88 -25.64
CA LEU B 302 25.02 27.41 -26.29
C LEU B 302 24.81 28.15 -27.60
N PRO B 303 24.16 27.52 -28.58
CA PRO B 303 23.85 28.19 -29.83
C PRO B 303 22.56 28.98 -29.74
N GLU B 304 22.46 30.00 -30.61
CA GLU B 304 21.29 30.87 -30.61
C GLU B 304 20.01 30.11 -30.94
N SER B 305 20.06 29.25 -31.96
CA SER B 305 18.87 28.59 -32.49
C SER B 305 18.61 27.23 -31.86
N LEU B 306 19.02 27.03 -30.60
CA LEU B 306 18.89 25.72 -29.98
C LEU B 306 17.43 25.28 -29.89
N LEU B 307 16.53 26.20 -29.51
CA LEU B 307 15.13 25.88 -29.30
C LEU B 307 14.22 26.55 -30.31
N SER B 308 14.74 26.94 -31.47
CA SER B 308 13.92 27.60 -32.48
C SER B 308 12.84 26.66 -33.00
N GLY B 309 11.62 27.19 -33.11
CA GLY B 309 10.52 26.45 -33.69
C GLY B 309 9.84 25.47 -32.76
N SER B 310 10.01 25.59 -31.44
CA SER B 310 9.38 24.70 -30.47
C SER B 310 8.67 25.56 -29.42
N SER B 311 7.38 25.80 -29.63
CA SER B 311 6.60 26.61 -28.71
C SER B 311 5.87 25.80 -27.65
N GLY B 312 5.95 24.47 -27.71
CA GLY B 312 5.28 23.62 -26.75
C GLY B 312 6.03 23.38 -25.46
N ILE B 313 7.25 23.92 -25.34
CA ILE B 313 8.06 23.67 -24.14
C ILE B 313 7.41 24.35 -22.95
N ILE B 314 7.15 23.58 -21.90
CA ILE B 314 6.67 24.12 -20.64
C ILE B 314 7.72 24.05 -19.53
N GLU B 315 8.72 23.18 -19.66
CA GLU B 315 9.79 23.07 -18.68
C GLU B 315 11.11 23.03 -19.42
N LEU B 316 12.13 23.66 -18.84
CA LEU B 316 13.46 23.68 -19.46
C LEU B 316 14.49 23.75 -18.35
N ASN B 317 15.18 22.65 -18.12
CA ASN B 317 16.20 22.56 -17.09
C ASN B 317 17.58 22.70 -17.74
N LEU B 318 18.38 23.65 -17.26
CA LEU B 318 19.73 23.86 -17.74
C LEU B 318 20.72 23.96 -16.59
N GLY B 319 20.38 23.39 -15.45
CA GLY B 319 21.16 23.53 -14.24
C GLY B 319 22.42 22.68 -14.23
N TYR B 320 23.32 23.04 -13.33
CA TYR B 320 24.56 22.33 -13.02
C TYR B 320 25.52 22.24 -14.21
N ASN B 321 25.24 22.92 -15.32
CA ASN B 321 26.15 22.91 -16.45
C ASN B 321 27.31 23.86 -16.20
N ARG B 322 28.13 24.07 -17.23
CA ARG B 322 29.24 25.02 -17.19
C ARG B 322 28.96 26.25 -18.03
N LEU B 323 27.70 26.68 -18.12
CA LEU B 323 27.34 27.84 -18.92
C LEU B 323 28.06 29.08 -18.41
N ASN B 324 28.57 29.89 -19.34
CA ASN B 324 29.25 31.14 -19.00
C ASN B 324 28.61 32.35 -19.63
N SER B 325 28.04 32.22 -20.83
CA SER B 325 27.31 33.29 -21.48
C SER B 325 25.99 32.74 -22.02
N LEU B 326 25.09 33.64 -22.38
CA LEU B 326 23.77 33.24 -22.84
C LEU B 326 23.42 33.93 -24.14
N PRO B 327 22.67 33.26 -25.00
CA PRO B 327 22.13 33.92 -26.19
C PRO B 327 20.99 34.86 -25.82
N GLU B 328 20.68 35.78 -26.74
CA GLU B 328 19.65 36.76 -26.48
C GLU B 328 18.25 36.18 -26.70
N GLU B 329 18.02 35.57 -27.86
CA GLU B 329 16.72 35.02 -28.22
C GLU B 329 16.65 33.50 -28.01
N LEU B 330 17.31 33.01 -26.95
CA LEU B 330 17.30 31.57 -26.69
C LEU B 330 15.89 31.06 -26.43
N LEU B 331 15.06 31.87 -25.77
CA LEU B 331 13.68 31.50 -25.46
C LEU B 331 12.68 32.42 -26.14
N SER B 332 13.02 32.92 -27.33
CA SER B 332 12.09 33.80 -28.05
C SER B 332 10.84 33.04 -28.46
N ASP B 333 10.99 31.78 -28.88
CA ASP B 333 9.89 30.99 -29.42
C ASP B 333 9.18 30.16 -28.35
N GLN B 334 9.28 30.53 -27.09
CA GLN B 334 8.64 29.74 -26.03
C GLN B 334 7.75 30.62 -25.15
N PRO B 335 6.59 31.05 -25.64
CA PRO B 335 5.68 31.84 -24.79
C PRO B 335 4.90 31.01 -23.78
N GLN B 336 5.06 29.68 -23.78
CA GLN B 336 4.31 28.80 -22.89
C GLN B 336 5.18 28.19 -21.81
N LEU B 337 6.40 28.69 -21.61
CA LEU B 337 7.29 28.14 -20.61
C LEU B 337 6.71 28.36 -19.21
N GLN B 338 6.97 27.41 -18.31
CA GLN B 338 6.51 27.49 -16.93
C GLN B 338 7.64 27.55 -15.91
N VAL B 339 8.68 26.73 -16.07
CA VAL B 339 9.82 26.72 -15.16
C VAL B 339 11.10 26.84 -15.99
N LEU B 340 12.07 27.58 -15.46
CA LEU B 340 13.36 27.75 -16.10
C LEU B 340 14.45 27.62 -15.06
N ASN B 341 15.33 26.65 -15.23
CA ASN B 341 16.38 26.34 -14.26
C ASN B 341 17.73 26.70 -14.86
N LEU B 342 18.42 27.67 -14.23
CA LEU B 342 19.76 28.07 -14.63
C LEU B 342 20.75 27.94 -13.48
N ASP B 343 20.42 27.15 -12.47
CA ASP B 343 21.19 27.12 -11.23
C ASP B 343 22.51 26.38 -11.41
N HIS B 344 23.48 26.70 -10.55
CA HIS B 344 24.76 26.03 -10.42
C HIS B 344 25.66 26.19 -11.64
N ASN B 345 25.35 27.13 -12.53
CA ASN B 345 26.19 27.41 -13.69
C ASN B 345 27.23 28.47 -13.33
N GLN B 346 27.89 29.00 -14.35
CA GLN B 346 28.89 30.05 -14.17
C GLN B 346 28.44 31.39 -14.74
N LEU B 347 27.13 31.61 -14.87
CA LEU B 347 26.63 32.88 -15.40
C LEU B 347 27.09 34.05 -14.55
N GLU B 348 27.71 35.03 -15.19
CA GLU B 348 28.13 36.26 -14.53
C GLU B 348 27.15 37.40 -14.71
N SER B 349 26.22 37.28 -15.66
CA SER B 349 25.23 38.32 -15.91
C SER B 349 24.05 37.70 -16.64
N ILE B 350 22.94 38.44 -16.66
CA ILE B 350 21.72 38.03 -17.34
C ILE B 350 21.48 39.00 -18.49
N PRO B 351 21.15 38.53 -19.70
CA PRO B 351 20.85 39.46 -20.79
C PRO B 351 19.66 40.34 -20.45
N ASP B 352 19.73 41.61 -20.87
CA ASP B 352 18.66 42.55 -20.59
C ASP B 352 17.37 42.15 -21.31
N TYR B 353 17.48 41.70 -22.57
CA TYR B 353 16.33 41.34 -23.39
C TYR B 353 16.00 39.86 -23.29
N PHE B 354 16.27 39.23 -22.15
CA PHE B 354 16.22 37.77 -22.09
C PHE B 354 14.78 37.24 -22.03
N LEU B 355 13.89 37.93 -21.32
CA LEU B 355 12.57 37.37 -21.04
C LEU B 355 11.47 38.40 -21.31
N GLU B 356 11.53 39.09 -22.45
CA GLU B 356 10.42 39.96 -22.82
C GLU B 356 9.25 39.17 -23.36
N ARG B 357 9.51 38.13 -24.14
CA ARG B 357 8.47 37.39 -24.83
C ARG B 357 7.93 36.21 -24.05
N ASN B 358 8.44 35.96 -22.84
CA ASN B 358 7.96 34.89 -21.99
C ASN B 358 7.09 35.48 -20.89
N VAL B 359 5.87 34.98 -20.77
CA VAL B 359 4.91 35.51 -19.80
C VAL B 359 4.27 34.45 -18.93
N GLU B 360 4.36 33.16 -19.26
CA GLU B 360 3.77 32.11 -18.45
C GLU B 360 4.73 31.54 -17.43
N LEU B 361 5.93 32.12 -17.31
CA LEU B 361 6.93 31.63 -16.38
C LEU B 361 6.42 31.71 -14.96
N GLN B 362 6.34 30.55 -14.28
CA GLN B 362 5.88 30.53 -12.90
C GLN B 362 7.04 30.60 -11.92
N THR B 363 8.04 29.73 -12.08
CA THR B 363 9.19 29.70 -11.19
C THR B 363 10.46 29.87 -12.00
N LEU B 364 11.36 30.73 -11.51
CA LEU B 364 12.63 31.01 -12.18
C LEU B 364 13.75 30.74 -11.20
N TYR B 365 14.69 29.87 -11.58
CA TYR B 365 15.79 29.48 -10.71
C TYR B 365 17.08 30.12 -11.21
N LEU B 366 17.83 30.73 -10.30
CA LEU B 366 19.12 31.32 -10.64
C LEU B 366 20.17 31.10 -9.57
N SER B 367 19.97 30.13 -8.67
CA SER B 367 20.85 29.98 -7.52
C SER B 367 22.24 29.48 -7.93
N HIS B 368 23.19 29.66 -7.02
CA HIS B 368 24.55 29.12 -7.13
C HIS B 368 25.30 29.62 -8.37
N ASN B 369 24.77 30.62 -9.06
CA ASN B 369 25.49 31.23 -10.16
C ASN B 369 26.47 32.27 -9.61
N ARG B 370 27.05 33.08 -10.50
CA ARG B 370 27.94 34.15 -10.10
C ARG B 370 27.47 35.48 -10.70
N LEU B 371 26.17 35.74 -10.62
CA LEU B 371 25.62 37.00 -11.08
C LEU B 371 26.20 38.17 -10.32
N ARG B 372 26.54 39.25 -11.03
CA ARG B 372 27.00 40.46 -10.37
C ARG B 372 25.84 41.38 -10.02
N SER B 373 24.83 41.47 -10.89
CA SER B 373 23.66 42.28 -10.62
C SER B 373 22.56 41.84 -11.59
N LEU B 374 21.35 42.36 -11.35
CA LEU B 374 20.21 42.11 -12.20
C LEU B 374 19.82 43.38 -12.94
N SER B 375 19.52 43.25 -14.22
CA SER B 375 19.05 44.39 -15.01
C SER B 375 17.67 44.83 -14.53
N GLU B 376 17.40 46.12 -14.69
CA GLU B 376 16.13 46.69 -14.22
C GLU B 376 14.95 46.07 -14.97
N LYS B 377 15.09 45.88 -16.28
CA LYS B 377 14.01 45.34 -17.10
C LYS B 377 14.07 43.82 -17.22
N ALA B 378 14.80 43.15 -16.34
CA ALA B 378 14.90 41.69 -16.42
C ALA B 378 13.55 41.02 -16.20
N PHE B 379 12.76 41.54 -15.27
CA PHE B 379 11.46 40.97 -14.93
C PHE B 379 10.30 41.86 -15.37
N THR B 380 10.52 42.70 -16.39
CA THR B 380 9.51 43.69 -16.77
C THR B 380 8.28 43.03 -17.38
N LYS B 381 8.42 41.84 -17.96
CA LYS B 381 7.33 41.20 -18.69
C LYS B 381 6.88 39.89 -18.04
N LEU B 382 7.10 39.74 -16.73
CA LEU B 382 6.75 38.50 -16.03
C LEU B 382 5.47 38.72 -15.24
N LYS B 383 4.34 38.35 -15.86
CA LYS B 383 3.04 38.55 -15.22
C LYS B 383 2.55 37.34 -14.44
N ASN B 384 3.32 36.25 -14.41
CA ASN B 384 2.92 35.05 -13.68
C ASN B 384 4.06 34.45 -12.87
N LEU B 385 5.14 35.20 -12.62
CA LEU B 385 6.22 34.69 -11.80
C LEU B 385 5.71 34.44 -10.38
N LYS B 386 6.05 33.27 -9.83
CA LYS B 386 5.58 32.89 -8.51
C LYS B 386 6.72 32.65 -7.54
N GLU B 387 7.72 31.85 -7.93
CA GLU B 387 8.89 31.59 -7.10
C GLU B 387 10.13 32.10 -7.80
N LEU B 388 11.00 32.76 -7.04
CA LEU B 388 12.26 33.26 -7.55
C LEU B 388 13.38 32.86 -6.61
N HIS B 389 14.45 32.31 -7.16
CA HIS B 389 15.61 31.88 -6.39
C HIS B 389 16.82 32.65 -6.87
N LEU B 390 17.56 33.24 -5.93
CA LEU B 390 18.79 33.96 -6.23
C LEU B 390 19.86 33.63 -5.18
N GLU B 391 19.92 32.37 -4.77
CA GLU B 391 20.82 31.97 -3.71
C GLU B 391 22.27 31.96 -4.20
N ASN B 392 23.19 32.08 -3.24
CA ASN B 392 24.61 31.82 -3.46
C ASN B 392 25.19 32.66 -4.61
N ASN B 393 24.61 33.82 -4.85
CA ASN B 393 25.05 34.72 -5.91
C ASN B 393 25.93 35.81 -5.33
N GLN B 394 26.37 36.72 -6.20
CA GLN B 394 27.17 37.87 -5.82
C GLN B 394 26.44 39.19 -6.07
N LEU B 395 25.15 39.22 -5.80
CA LEU B 395 24.36 40.43 -6.01
C LEU B 395 24.80 41.52 -5.03
N GLN B 396 25.08 42.71 -5.56
CA GLN B 396 25.45 43.83 -4.70
C GLN B 396 24.22 44.50 -4.09
N THR B 397 23.35 45.06 -4.93
CA THR B 397 22.11 45.67 -4.48
C THR B 397 21.00 45.26 -5.43
N ILE B 398 19.79 45.71 -5.13
CA ILE B 398 18.60 45.43 -5.92
C ILE B 398 18.13 46.72 -6.58
N PRO B 399 17.81 46.73 -7.86
CA PRO B 399 17.26 47.93 -8.49
C PRO B 399 15.90 48.29 -7.90
N GLN B 400 15.60 49.59 -7.93
CA GLN B 400 14.39 50.09 -7.28
C GLN B 400 13.13 49.57 -7.94
N PHE B 401 13.19 49.24 -9.23
CA PHE B 401 12.03 48.78 -9.98
C PHE B 401 12.20 47.34 -10.47
N LEU B 402 12.92 46.52 -9.69
CA LEU B 402 13.17 45.14 -10.11
C LEU B 402 11.87 44.35 -10.21
N PHE B 403 10.97 44.54 -9.25
CA PHE B 403 9.72 43.79 -9.21
C PHE B 403 8.53 44.61 -9.69
N SER B 404 8.77 45.62 -10.52
CA SER B 404 7.67 46.47 -10.99
C SER B 404 6.67 45.69 -11.83
N GLY B 405 7.15 44.83 -12.71
CA GLY B 405 6.30 44.13 -13.65
C GLY B 405 5.84 42.76 -13.24
N THR B 406 6.06 42.35 -11.99
CA THR B 406 5.69 41.02 -11.51
C THR B 406 4.84 41.13 -10.24
N PRO B 407 3.54 41.40 -10.40
CA PRO B 407 2.68 41.54 -9.21
C PRO B 407 2.22 40.22 -8.63
N LYS B 408 2.39 39.11 -9.34
CA LYS B 408 1.96 37.80 -8.86
C LYS B 408 3.02 37.10 -8.02
N LEU B 409 4.19 37.72 -7.86
CA LEU B 409 5.30 37.08 -7.18
C LEU B 409 4.93 36.68 -5.75
N GLU B 410 5.32 35.48 -5.36
CA GLU B 410 4.98 34.91 -4.06
C GLU B 410 6.18 34.72 -3.15
N GLU B 411 7.20 34.00 -3.60
CA GLU B 411 8.36 33.68 -2.80
C GLU B 411 9.60 34.31 -3.40
N ILE B 412 10.54 34.68 -2.53
CA ILE B 412 11.84 35.22 -2.95
C ILE B 412 12.91 34.62 -2.05
N TYR B 413 14.01 34.18 -2.65
CA TYR B 413 15.14 33.63 -1.89
C TYR B 413 16.39 34.38 -2.30
N MET B 414 17.10 34.95 -1.33
CA MET B 414 18.30 35.74 -1.60
C MET B 414 19.39 35.41 -0.59
N GLN B 415 19.53 34.14 -0.26
CA GLN B 415 20.56 33.73 0.69
C GLN B 415 21.95 33.89 0.10
N ASN B 416 22.94 34.05 0.98
CA ASN B 416 24.35 33.99 0.63
C ASN B 416 24.70 34.98 -0.48
N ASN B 417 24.16 36.19 -0.37
CA ASN B 417 24.42 37.25 -1.34
C ASN B 417 25.22 38.36 -0.68
N GLN B 418 25.65 39.31 -1.50
CA GLN B 418 26.36 40.50 -1.04
C GLN B 418 25.42 41.67 -0.81
N LEU B 419 24.16 41.41 -0.48
CA LEU B 419 23.19 42.48 -0.30
C LEU B 419 23.60 43.41 0.83
N ALA B 420 23.47 44.70 0.59
CA ALA B 420 23.82 45.74 1.56
C ALA B 420 22.72 46.79 1.64
N LEU B 421 21.47 46.32 1.74
CA LEU B 421 20.34 47.22 1.84
C LEU B 421 20.41 48.02 3.15
N HIS B 422 20.18 49.32 3.06
CA HIS B 422 20.24 50.21 4.22
C HIS B 422 19.03 51.14 4.19
N ALA B 423 18.98 52.02 5.20
CA ALA B 423 17.86 52.95 5.29
C ALA B 423 17.86 53.93 4.12
N ASN B 424 19.04 54.44 3.74
CA ASN B 424 19.15 55.40 2.65
C ASN B 424 19.65 54.78 1.36
N SER B 425 19.64 53.44 1.26
CA SER B 425 20.08 52.79 0.04
C SER B 425 19.10 53.00 -1.10
N PHE B 426 17.87 53.44 -0.82
CA PHE B 426 16.86 53.65 -1.84
C PHE B 426 16.18 55.00 -1.75
N ILE B 427 16.31 55.73 -0.63
CA ILE B 427 15.57 56.97 -0.46
C ILE B 427 16.03 58.02 -1.45
N ASN B 428 15.07 58.69 -2.08
CA ASN B 428 15.34 59.78 -3.00
C ASN B 428 14.41 60.94 -2.69
N GLU B 429 14.91 62.16 -2.88
CA GLU B 429 14.14 63.35 -2.54
C GLU B 429 12.98 63.60 -3.52
N GLU B 430 12.96 62.91 -4.66
CA GLU B 430 11.88 63.09 -5.62
C GLU B 430 10.60 62.47 -5.09
N LEU B 431 9.55 63.30 -4.97
CA LEU B 431 8.25 62.86 -4.46
C LEU B 431 8.37 62.20 -3.09
N SER B 432 9.21 62.78 -2.23
CA SER B 432 9.44 62.22 -0.91
C SER B 432 8.17 62.31 -0.05
N ILE B 433 7.91 61.24 0.70
CA ILE B 433 6.75 61.18 1.58
C ILE B 433 7.23 60.89 3.00
N ALA B 434 8.56 60.90 3.20
CA ALA B 434 9.18 60.66 4.50
C ALA B 434 8.81 59.30 5.07
N ASP B 435 8.51 58.33 4.20
CA ASP B 435 8.15 56.99 4.63
C ASP B 435 8.17 56.08 3.41
N ASN B 436 8.55 54.82 3.64
CA ASN B 436 8.56 53.79 2.59
C ASN B 436 9.45 54.21 1.43
N ASP B 437 10.75 54.32 1.74
CA ASP B 437 11.74 54.83 0.79
C ASP B 437 11.79 53.98 -0.47
N ASN B 438 11.35 54.56 -1.59
CA ASN B 438 11.40 54.01 -2.95
C ASN B 438 10.58 52.74 -3.12
N THR B 439 9.92 52.24 -2.07
CA THR B 439 9.06 51.06 -2.11
C THR B 439 9.75 49.88 -2.80
N PRO B 440 10.85 49.36 -2.24
CA PRO B 440 11.51 48.21 -2.90
C PRO B 440 10.63 46.97 -3.01
N PHE B 441 9.76 46.74 -2.04
CA PHE B 441 8.95 45.52 -2.00
C PHE B 441 7.45 45.81 -1.96
N GLN B 442 7.04 47.07 -2.09
CA GLN B 442 5.61 47.38 -2.04
C GLN B 442 4.86 46.85 -3.26
N VAL B 443 5.56 46.59 -4.37
CA VAL B 443 4.89 46.11 -5.57
C VAL B 443 4.44 44.66 -5.46
N LEU B 444 5.05 43.88 -4.58
CA LEU B 444 4.67 42.48 -4.39
C LEU B 444 3.63 42.42 -3.28
N GLN B 445 2.36 42.27 -3.66
CA GLN B 445 1.28 42.28 -2.68
C GLN B 445 1.23 40.97 -1.90
N LYS B 446 1.41 39.85 -2.58
CA LYS B 446 1.21 38.52 -1.99
C LYS B 446 2.54 37.85 -1.67
N LEU B 447 3.56 38.63 -1.35
CA LEU B 447 4.86 38.07 -1.02
C LEU B 447 4.78 37.34 0.31
N ARG B 448 4.79 36.01 0.27
CA ARG B 448 4.67 35.17 1.45
C ARG B 448 6.00 34.91 2.14
N ILE B 449 6.96 34.32 1.44
CA ILE B 449 8.22 33.89 2.03
C ILE B 449 9.35 34.71 1.44
N LEU B 450 10.20 35.24 2.32
CA LEU B 450 11.36 36.03 1.91
C LEU B 450 12.54 35.61 2.77
N HIS B 451 13.64 35.21 2.13
CA HIS B 451 14.85 34.79 2.83
C HIS B 451 15.97 35.76 2.47
N LEU B 452 16.57 36.38 3.49
CA LEU B 452 17.75 37.21 3.32
C LEU B 452 18.89 36.70 4.18
N ARG B 453 18.92 35.39 4.43
CA ARG B 453 19.95 34.80 5.27
C ARG B 453 21.34 35.04 4.70
N ASN B 454 22.29 35.32 5.59
CA ASN B 454 23.70 35.47 5.24
C ASN B 454 23.90 36.56 4.19
N ASN B 455 23.56 37.79 4.58
CA ASN B 455 23.80 38.98 3.76
C ASN B 455 24.44 40.05 4.64
N SER B 456 24.55 41.25 4.08
CA SER B 456 25.03 42.42 4.81
C SER B 456 23.96 43.51 4.89
N ILE B 457 22.70 43.11 5.00
CA ILE B 457 21.61 44.08 5.12
C ILE B 457 21.76 44.84 6.44
N SER B 458 21.61 46.16 6.38
CA SER B 458 21.81 46.97 7.57
C SER B 458 20.59 46.97 8.48
N THR B 459 19.46 47.48 7.98
CA THR B 459 18.28 47.66 8.80
C THR B 459 17.06 47.05 8.12
N ILE B 460 16.06 46.74 8.94
CA ILE B 460 14.80 46.19 8.42
C ILE B 460 14.03 47.30 7.70
N PHE B 461 13.64 47.02 6.46
CA PHE B 461 12.80 47.97 5.73
C PHE B 461 11.39 47.94 6.30
N GLN B 462 10.82 49.14 6.52
CA GLN B 462 9.49 49.23 7.11
C GLN B 462 8.43 48.63 6.18
N ASP B 463 8.73 48.52 4.88
CA ASP B 463 7.75 48.00 3.94
C ASP B 463 7.39 46.55 4.24
N TRP B 464 8.27 45.81 4.91
CA TRP B 464 7.99 44.42 5.23
C TRP B 464 6.90 44.31 6.30
N TYR B 465 6.81 45.31 7.18
CA TYR B 465 5.88 45.27 8.30
C TYR B 465 4.70 46.22 8.14
N ILE B 466 4.52 46.85 6.99
CA ILE B 466 3.46 47.83 6.77
C ILE B 466 2.46 47.36 5.72
N ASN B 467 2.91 47.17 4.48
CA ASN B 467 2.01 46.87 3.38
C ASN B 467 2.21 45.47 2.79
N ASN B 468 3.07 44.64 3.40
CA ASN B 468 3.21 43.24 3.01
C ASN B 468 2.36 42.42 3.97
N LEU B 469 1.04 42.56 3.83
CA LEU B 469 0.12 41.94 4.77
C LEU B 469 0.14 40.42 4.68
N GLU B 470 0.41 39.88 3.50
CA GLU B 470 0.33 38.44 3.27
C GLU B 470 1.58 37.69 3.72
N MET B 471 2.62 38.40 4.16
CA MET B 471 3.86 37.73 4.55
C MET B 471 3.60 36.70 5.64
N GLN B 472 4.16 35.50 5.44
CA GLN B 472 3.98 34.39 6.35
C GLN B 472 5.26 33.99 7.06
N SER B 473 6.42 34.25 6.47
CA SER B 473 7.70 33.90 7.07
C SER B 473 8.75 34.90 6.62
N LEU B 474 9.86 34.92 7.34
CA LEU B 474 10.98 35.81 7.03
C LEU B 474 12.20 35.28 7.78
N ASP B 475 13.38 35.49 7.21
CA ASP B 475 14.63 35.02 7.81
C ASP B 475 15.71 36.05 7.54
N LEU B 476 16.20 36.69 8.60
CA LEU B 476 17.27 37.67 8.51
C LEU B 476 18.51 37.24 9.30
N SER B 477 18.73 35.94 9.40
CA SER B 477 19.85 35.43 10.17
C SER B 477 21.17 35.80 9.52
N PHE B 478 22.23 35.78 10.33
CA PHE B 478 23.59 36.06 9.87
C PHE B 478 23.70 37.42 9.19
N ASN B 479 22.98 38.42 9.70
CA ASN B 479 22.95 39.74 9.10
C ASN B 479 23.30 40.81 10.12
N LYS B 480 23.76 41.95 9.60
CA LYS B 480 24.25 43.06 10.43
C LYS B 480 23.08 43.98 10.79
N LEU B 481 22.20 43.47 11.65
CA LEU B 481 21.12 44.31 12.16
C LEU B 481 21.57 45.01 13.43
N PRO B 482 21.42 46.33 13.53
CA PRO B 482 21.93 47.05 14.72
C PRO B 482 21.05 46.90 15.93
N GLY B 483 19.73 46.82 15.73
CA GLY B 483 18.82 46.73 16.86
C GLY B 483 17.42 46.38 16.41
N LEU B 484 16.54 46.27 17.41
CA LEU B 484 15.14 45.91 17.18
C LEU B 484 14.26 46.83 18.01
N SER B 485 13.02 47.02 17.54
CA SER B 485 12.06 47.84 18.26
C SER B 485 10.66 47.27 18.05
N TYR B 486 9.75 47.63 18.96
CA TYR B 486 8.37 47.19 18.83
C TYR B 486 7.73 47.73 17.56
N THR B 487 8.19 48.89 17.09
CA THR B 487 7.63 49.46 15.86
C THR B 487 7.89 48.56 14.66
N GLN B 488 8.98 47.77 14.70
CA GLN B 488 9.24 46.82 13.63
C GLN B 488 8.22 45.69 13.59
N LEU B 489 7.60 45.38 14.73
CA LEU B 489 6.63 44.29 14.80
C LEU B 489 5.22 44.84 14.63
N GLN B 490 4.82 44.95 13.36
CA GLN B 490 3.48 45.40 12.99
C GLN B 490 2.82 44.48 11.96
N PHE B 491 3.25 43.22 11.90
CA PHE B 491 2.73 42.30 10.91
C PHE B 491 1.26 41.98 11.17
N GLN B 492 0.53 41.69 10.09
CA GLN B 492 -0.89 41.40 10.16
C GLN B 492 -1.22 39.94 9.84
N SER B 493 -0.25 39.04 10.02
CA SER B 493 -0.47 37.62 9.78
C SER B 493 0.43 36.84 10.74
N ASN B 494 0.35 35.52 10.67
CA ASN B 494 1.11 34.64 11.55
C ASN B 494 2.56 34.60 11.08
N ILE B 495 3.25 35.72 11.26
CA ILE B 495 4.64 35.85 10.83
C ILE B 495 5.55 35.09 11.78
N THR B 496 6.53 34.39 11.23
CA THR B 496 7.57 33.73 12.01
C THR B 496 8.90 34.38 11.65
N LEU B 497 9.18 35.51 12.30
CA LEU B 497 10.40 36.25 12.04
C LEU B 497 11.58 35.54 12.68
N ASN B 498 12.73 35.56 12.00
CA ASN B 498 13.94 34.92 12.49
C ASN B 498 15.09 35.92 12.42
N LEU B 499 15.77 36.13 13.54
CA LEU B 499 16.91 37.04 13.64
C LEU B 499 18.09 36.36 14.32
N SER B 500 18.22 35.06 14.14
CA SER B 500 19.28 34.30 14.80
C SER B 500 20.65 34.76 14.34
N ASN B 501 21.57 34.85 15.31
CA ASN B 501 22.98 35.17 15.05
C ASN B 501 23.11 36.49 14.28
N ASN B 502 22.69 37.57 14.93
CA ASN B 502 22.77 38.90 14.36
C ASN B 502 23.67 39.77 15.23
N GLU B 503 23.72 41.07 14.91
CA GLU B 503 24.53 42.02 15.71
C GLU B 503 23.60 42.98 16.44
N ILE B 504 22.48 42.47 17.00
CA ILE B 504 21.49 43.38 17.62
C ILE B 504 21.96 43.75 19.02
N SER B 505 22.43 44.99 19.19
CA SER B 505 22.94 45.45 20.51
C SER B 505 21.81 45.46 21.55
N GLN B 506 20.63 45.97 21.18
CA GLN B 506 19.53 46.08 22.17
C GLN B 506 18.16 46.03 21.48
N VAL B 507 17.12 45.63 22.22
CA VAL B 507 15.76 45.68 21.70
C VAL B 507 14.94 46.62 22.57
N LEU B 508 14.17 47.51 21.93
CA LEU B 508 13.30 48.45 22.63
C LEU B 508 11.87 47.99 22.43
N LEU B 509 11.30 47.36 23.45
CA LEU B 509 9.95 46.81 23.39
C LEU B 509 9.04 47.61 24.30
N ILE B 510 7.88 48.00 23.78
CA ILE B 510 6.91 48.75 24.58
C ILE B 510 6.27 47.82 25.60
N ASP B 511 6.07 48.32 26.82
CA ASP B 511 5.49 47.51 27.88
C ASP B 511 4.06 47.10 27.55
N ASP B 512 3.29 47.99 26.92
CA ASP B 512 1.90 47.74 26.59
C ASP B 512 1.71 47.04 25.24
N LEU B 513 2.72 46.32 24.77
CA LEU B 513 2.63 45.63 23.49
C LEU B 513 1.51 44.59 23.53
N ASP B 514 0.66 44.60 22.50
CA ASP B 514 -0.43 43.65 22.39
C ASP B 514 -0.92 43.62 20.94
N LEU B 515 -1.54 42.50 20.58
CA LEU B 515 -2.14 42.33 19.27
C LEU B 515 -3.55 41.82 19.43
N GLN B 516 -4.48 42.45 18.73
CA GLN B 516 -5.90 42.13 18.84
C GLN B 516 -6.23 40.70 18.37
N PRO B 517 -5.79 40.27 17.19
CA PRO B 517 -6.17 38.92 16.74
C PRO B 517 -5.50 37.83 17.58
N TYR B 518 -6.08 36.64 17.52
CA TYR B 518 -5.52 35.49 18.24
C TYR B 518 -4.35 34.85 17.50
N GLN B 519 -4.03 35.33 16.31
CA GLN B 519 -2.88 34.80 15.57
C GLN B 519 -1.59 35.07 16.33
N ARG B 520 -0.68 34.11 16.26
CA ARG B 520 0.56 34.16 17.03
C ARG B 520 1.71 34.65 16.16
N ILE B 521 2.66 35.32 16.81
CA ILE B 521 3.87 35.82 16.16
C ILE B 521 5.07 35.17 16.83
N ASN B 522 5.95 34.58 16.03
CA ASN B 522 7.15 33.93 16.51
C ASN B 522 8.37 34.74 16.12
N VAL B 523 9.22 35.05 17.10
CA VAL B 523 10.41 35.85 16.90
C VAL B 523 11.58 35.17 17.60
N ASP B 524 12.71 35.05 16.91
CA ASP B 524 13.88 34.32 17.47
C ASP B 524 15.10 35.25 17.56
N LEU B 525 15.62 35.45 18.77
CA LEU B 525 16.78 36.35 19.01
C LEU B 525 18.02 35.52 19.39
N ASN B 526 18.04 34.23 19.08
CA ASN B 526 19.16 33.35 19.52
C ASN B 526 20.50 33.84 18.97
N HIS B 527 21.58 33.74 19.75
CA HIS B 527 22.94 34.14 19.31
C HIS B 527 23.01 35.63 18.96
N ASN B 528 22.24 36.48 19.64
CA ASN B 528 22.32 37.94 19.42
C ASN B 528 22.99 38.56 20.65
N PRO B 529 23.91 39.55 20.50
CA PRO B 529 24.65 40.07 21.66
C PRO B 529 23.68 40.63 22.70
N LEU B 530 22.68 41.42 22.31
CA LEU B 530 21.63 41.86 23.27
C LEU B 530 22.26 42.34 24.59
N ASN B 531 23.14 43.34 24.55
CA ASN B 531 23.84 43.77 25.79
C ASN B 531 22.78 44.07 26.85
N CYS B 532 22.97 43.58 28.08
CA CYS B 532 21.91 43.70 29.12
C CYS B 532 22.08 44.99 29.92
N ASN B 533 21.28 46.02 29.62
CA ASN B 533 21.32 47.28 30.41
C ASN B 533 19.92 47.57 30.98
N CYS B 534 19.71 48.75 31.57
CA CYS B 534 18.34 49.14 32.04
C CYS B 534 17.21 49.17 30.99
N ASN B 535 17.50 49.57 29.75
CA ASN B 535 16.46 49.63 28.67
C ASN B 535 15.94 48.22 28.38
N ALA B 536 16.72 47.18 28.67
CA ALA B 536 16.34 45.78 28.34
C ALA B 536 15.36 45.23 29.38
N LEU B 537 14.95 46.04 30.36
CA LEU B 537 14.03 45.58 31.43
C LEU B 537 12.70 45.12 30.82
N LYS B 538 12.26 45.73 29.72
CA LYS B 538 10.95 45.37 29.14
C LYS B 538 11.14 44.06 28.41
N PHE B 539 12.30 43.86 27.76
CA PHE B 539 12.59 42.58 27.14
C PHE B 539 12.74 41.49 28.20
N ILE B 540 13.33 41.81 29.34
CA ILE B 540 13.45 40.83 30.41
C ILE B 540 12.07 40.42 30.92
N GLN B 541 11.18 41.39 31.09
CA GLN B 541 9.82 41.09 31.54
C GLN B 541 9.08 40.24 30.51
N LEU B 542 9.24 40.56 29.23
CA LEU B 542 8.59 39.77 28.18
C LEU B 542 9.13 38.35 28.14
N ILE B 543 10.44 38.18 28.32
CA ILE B 543 11.03 36.84 28.36
C ILE B 543 10.58 36.09 29.60
N GLN B 544 10.29 36.81 30.68
CA GLN B 544 9.79 36.16 31.89
C GLN B 544 8.46 35.49 31.61
N SER B 545 8.23 34.37 32.30
CA SER B 545 7.06 33.54 32.04
C SER B 545 5.77 34.35 32.22
N LYS B 546 4.88 34.22 31.25
CA LYS B 546 3.59 34.91 31.28
C LYS B 546 2.50 33.93 30.87
N ALA B 547 1.28 34.20 31.33
CA ALA B 547 0.16 33.32 31.03
C ALA B 547 -0.12 33.26 29.54
N GLU B 548 -0.11 34.40 28.87
CA GLU B 548 -0.35 34.45 27.43
C GLU B 548 0.40 35.63 26.85
N HIS B 549 0.78 35.49 25.58
CA HIS B 549 1.50 36.54 24.88
C HIS B 549 1.33 36.34 23.38
N GLY B 550 1.61 37.40 22.63
CA GLY B 550 1.54 37.34 21.18
C GLY B 550 2.90 37.15 20.54
N LEU B 551 3.93 37.70 21.18
CA LEU B 551 5.30 37.63 20.66
C LEU B 551 6.04 36.53 21.41
N GLN B 552 5.95 35.31 20.89
CA GLN B 552 6.62 34.16 21.49
C GLN B 552 8.11 34.23 21.15
N PHE B 553 8.93 34.54 22.15
CA PHE B 553 10.37 34.70 21.95
C PHE B 553 11.08 33.38 22.16
N ASN B 554 11.97 33.03 21.24
CA ASN B 554 12.85 31.88 21.40
C ASN B 554 14.25 32.40 21.76
N VAL B 555 14.58 32.34 23.05
CA VAL B 555 15.82 32.89 23.57
C VAL B 555 16.67 31.86 24.30
N ASP B 556 16.50 30.57 23.97
CA ASP B 556 17.22 29.52 24.68
C ASP B 556 18.72 29.66 24.52
N GLN B 557 19.16 30.01 23.31
CA GLN B 557 20.62 30.13 23.03
C GLN B 557 21.02 31.60 22.95
N LEU B 558 20.26 32.49 23.58
CA LEU B 558 20.60 33.94 23.60
C LEU B 558 21.81 34.16 24.52
N ARG B 559 22.65 35.15 24.22
CA ARG B 559 23.84 35.46 25.07
C ARG B 559 23.86 36.97 25.35
N CYS B 560 24.56 37.39 26.41
CA CYS B 560 24.66 38.84 26.75
C CYS B 560 26.06 39.35 26.39
N SER B 561 26.14 40.42 25.61
CA SER B 561 27.45 40.97 25.17
C SER B 561 28.19 41.62 26.35
N GLU B 562 29.52 41.48 26.41
CA GLU B 562 30.35 42.06 27.50
C GLU B 562 29.47 42.26 28.75
N PRO B 563 28.99 41.20 29.47
CA PRO B 563 28.05 41.44 30.57
C PRO B 563 28.67 42.11 31.79
N PRO B 564 27.93 42.97 32.53
CA PRO B 564 28.44 43.54 33.78
C PRO B 564 28.66 42.38 34.75
N ASN B 565 27.76 41.38 34.73
CA ASN B 565 27.89 40.18 35.59
C ASN B 565 28.80 39.16 34.90
N LEU B 566 28.80 37.90 35.36
CA LEU B 566 29.73 36.89 34.80
C LEU B 566 29.47 36.72 33.30
N LEU B 567 30.52 36.53 32.50
CA LEU B 567 30.38 36.44 31.02
C LEU B 567 29.59 35.18 30.64
N ASP B 568 28.88 35.22 29.51
CA ASP B 568 28.07 34.07 29.05
C ASP B 568 26.97 33.77 30.08
N ALA B 569 26.29 34.82 30.57
CA ALA B 569 25.23 34.65 31.53
C ALA B 569 23.96 34.14 30.85
N THR B 570 23.26 33.25 31.53
CA THR B 570 22.01 32.68 31.02
C THR B 570 20.81 33.50 31.49
N MET B 571 19.75 33.49 30.68
CA MET B 571 18.53 34.18 31.06
C MET B 571 17.85 33.53 32.27
N ASP B 572 18.17 32.26 32.53
CA ASP B 572 17.64 31.62 33.73
C ASP B 572 18.15 32.29 35.00
N GLN B 573 19.34 32.89 34.94
CA GLN B 573 19.91 33.60 36.07
C GLN B 573 19.59 35.09 36.06
N LEU B 574 18.78 35.55 35.13
CA LEU B 574 18.45 36.97 35.06
C LEU B 574 17.67 37.40 36.30
N GLN B 575 17.97 38.61 36.78
CA GLN B 575 17.33 39.14 37.98
C GLN B 575 17.10 40.63 37.82
N THR B 576 16.17 41.17 38.60
CA THR B 576 15.87 42.59 38.56
C THR B 576 17.06 43.43 39.03
N LYS B 577 17.77 42.97 40.06
CA LYS B 577 18.92 43.72 40.56
C LYS B 577 20.04 43.78 39.53
N ASP B 578 20.18 42.70 38.74
CA ASP B 578 21.25 42.62 37.70
C ASP B 578 20.97 43.62 36.57
N LEU B 579 19.75 44.17 36.51
CA LEU B 579 19.36 45.11 35.43
C LEU B 579 20.06 46.46 35.63
N LEU B 580 20.65 46.70 36.81
CA LEU B 580 21.26 48.02 37.09
C LEU B 580 22.34 48.32 36.04
N CYS B 581 22.37 49.55 35.53
CA CYS B 581 23.33 49.90 34.44
C CYS B 581 24.11 51.17 34.83
N ASP B 582 25.37 51.26 34.41
CA ASP B 582 26.21 52.46 34.71
C ASP B 582 25.54 53.71 34.13
N PHE B 583 25.39 54.76 34.92
CA PHE B 583 24.73 55.97 34.45
C PHE B 583 25.64 56.73 33.49
N GLU B 584 25.01 57.44 32.55
CA GLU B 584 25.72 58.23 31.55
C GLU B 584 25.87 59.70 31.93
N SER B 585 25.42 60.09 33.12
CA SER B 585 25.52 61.47 33.57
C SER B 585 26.82 61.63 34.35
N ALA B 586 27.80 62.29 33.75
CA ALA B 586 29.09 62.46 34.40
C ALA B 586 29.00 63.43 35.58
N ASP B 587 28.27 64.54 35.43
CA ASP B 587 28.19 65.53 36.49
C ASP B 587 27.33 65.05 37.65
N ASP B 588 26.24 64.33 37.35
CA ASP B 588 25.29 63.95 38.40
C ASP B 588 25.91 63.00 39.40
N CYS B 589 26.69 62.01 38.93
CA CYS B 589 27.23 61.01 39.81
C CYS B 589 28.75 61.14 39.90
N PRO B 590 29.36 60.73 41.02
CA PRO B 590 30.81 60.85 41.15
C PRO B 590 31.55 60.01 40.12
N LYS B 591 32.73 60.47 39.74
CA LYS B 591 33.52 59.78 38.73
C LYS B 591 34.01 58.42 39.21
N ASP B 592 34.10 58.23 40.54
CA ASP B 592 34.58 56.95 41.06
C ASP B 592 33.65 55.81 40.65
N CYS B 593 32.36 55.95 40.91
CA CYS B 593 31.38 54.98 40.47
C CYS B 593 30.09 55.71 40.14
N GLN B 594 29.34 55.15 39.19
CA GLN B 594 28.14 55.77 38.66
C GLN B 594 26.92 55.32 39.45
N CYS B 595 25.82 56.06 39.27
CA CYS B 595 24.57 55.72 39.94
C CYS B 595 23.93 54.51 39.27
N ALA B 596 23.32 53.65 40.07
CA ALA B 596 22.71 52.44 39.52
C ALA B 596 21.58 52.79 38.55
N MET B 597 20.63 53.61 38.99
CA MET B 597 19.51 54.05 38.15
C MET B 597 18.78 52.88 37.52
N ARG B 598 18.63 51.81 38.30
CA ARG B 598 18.00 50.59 37.81
C ARG B 598 16.49 50.80 37.64
N LEU B 599 15.94 50.13 36.64
CA LEU B 599 14.51 50.20 36.34
C LEU B 599 13.71 49.09 36.97
N LEU B 600 14.08 47.83 36.73
CA LEU B 600 13.39 46.71 37.37
C LEU B 600 13.61 46.74 38.88
N ASP B 601 14.85 47.00 39.31
CA ASP B 601 15.13 47.10 40.74
C ASP B 601 14.58 48.39 41.32
N HIS B 602 14.47 49.44 40.50
CA HIS B 602 13.95 50.75 40.93
C HIS B 602 14.77 51.32 42.08
N THR B 603 16.09 51.13 42.02
CA THR B 603 17.00 51.62 43.05
C THR B 603 18.19 52.30 42.41
N VAL B 604 18.72 53.30 43.10
CA VAL B 604 19.92 54.03 42.68
C VAL B 604 20.94 53.94 43.80
N ILE B 605 22.13 53.44 43.47
CA ILE B 605 23.19 53.25 44.46
C ILE B 605 24.52 53.20 43.74
N VAL B 606 25.58 53.66 44.42
CA VAL B 606 26.92 53.60 43.85
C VAL B 606 27.39 52.15 43.83
N ASN B 607 28.05 51.77 42.73
CA ASN B 607 28.51 50.40 42.58
C ASN B 607 29.59 50.06 43.61
N CYS B 608 30.47 51.01 43.90
CA CYS B 608 31.59 50.78 44.81
C CYS B 608 31.49 51.72 46.01
N SER B 609 31.96 51.22 47.16
CA SER B 609 32.01 52.06 48.35
C SER B 609 33.01 53.20 48.18
N GLY B 610 34.16 52.92 47.57
CA GLY B 610 35.17 53.94 47.35
C GLY B 610 35.88 54.31 48.65
N ARG B 611 36.62 55.41 48.57
CA ARG B 611 37.31 55.93 49.76
C ARG B 611 36.32 56.32 50.84
N GLY B 612 35.22 56.93 50.45
CA GLY B 612 34.18 57.34 51.36
C GLY B 612 34.29 58.82 51.72
N LEU B 613 33.16 59.37 52.17
CA LEU B 613 33.10 60.77 52.55
C LEU B 613 32.18 60.92 53.75
N THR B 614 32.39 61.99 54.51
CA THR B 614 31.53 62.25 55.67
C THR B 614 30.09 62.51 55.25
N GLU B 615 29.90 63.26 54.15
CA GLU B 615 28.58 63.60 53.65
C GLU B 615 28.41 63.02 52.26
N PHE B 616 27.31 62.31 52.03
CA PHE B 616 27.04 61.74 50.72
C PHE B 616 26.74 62.85 49.72
N PRO B 617 27.20 62.72 48.47
CA PRO B 617 26.92 63.75 47.46
C PRO B 617 25.43 63.83 47.15
N ASP B 618 25.00 65.03 46.77
CA ASP B 618 23.61 65.31 46.44
C ASP B 618 23.45 65.44 44.94
N LEU B 619 22.52 64.67 44.38
CA LEU B 619 22.24 64.68 42.95
C LEU B 619 20.75 64.56 42.72
N PRO B 620 20.25 65.08 41.60
CA PRO B 620 18.83 64.90 41.29
C PRO B 620 18.52 63.45 40.95
N ILE B 621 17.24 63.11 41.03
CA ILE B 621 16.83 61.73 40.75
C ILE B 621 17.13 61.41 39.28
N PRO B 622 17.90 60.35 38.99
CA PRO B 622 18.17 60.03 37.58
C PRO B 622 16.92 59.70 36.79
N SER B 623 15.91 59.11 37.43
CA SER B 623 14.68 58.77 36.73
C SER B 623 13.94 60.03 36.28
N GLN B 624 13.98 61.10 37.09
CA GLN B 624 13.28 62.34 36.79
C GLN B 624 11.80 62.10 36.57
N LEU B 625 11.18 61.31 37.45
CA LEU B 625 9.76 60.94 37.45
C LEU B 625 9.39 60.04 36.28
N HIS B 626 10.36 59.65 35.44
CA HIS B 626 10.08 58.73 34.34
C HIS B 626 10.12 57.27 34.76
N GLU B 627 10.52 56.98 35.99
CA GLU B 627 10.62 55.62 36.49
C GLU B 627 10.49 55.60 38.01
N ASP B 628 10.25 54.41 38.56
CA ASP B 628 10.13 54.29 40.01
C ASP B 628 11.48 54.34 40.69
N PHE B 629 12.56 54.41 39.91
CA PHE B 629 13.91 54.39 40.47
C PHE B 629 14.13 55.55 41.42
N ASN B 630 14.75 55.24 42.56
CA ASN B 630 15.14 56.22 43.56
C ASN B 630 16.25 55.65 44.42
N ALA B 631 17.01 56.54 45.05
CA ALA B 631 18.11 56.11 45.89
C ALA B 631 17.61 55.35 47.11
N LEU B 632 18.15 54.15 47.33
CA LEU B 632 17.71 53.29 48.42
C LEU B 632 18.83 52.63 49.20
N GLU B 633 20.08 52.68 48.73
CA GLU B 633 21.18 51.98 49.36
C GLU B 633 22.35 52.93 49.59
N VAL B 634 23.26 52.52 50.47
CA VAL B 634 24.46 53.28 50.79
C VAL B 634 25.66 52.46 50.36
N HIS B 635 26.57 53.08 49.59
CA HIS B 635 27.72 52.36 49.06
C HIS B 635 28.67 51.93 50.17
N VAL B 636 28.86 52.77 51.18
CA VAL B 636 29.84 52.49 52.22
C VAL B 636 29.41 51.26 53.02
N GLU B 637 30.31 50.30 53.16
CA GLU B 637 30.06 49.07 53.89
C GLU B 637 31.31 48.69 54.67
N ASN B 638 31.13 48.34 55.94
CA ASN B 638 32.22 47.91 56.81
C ASN B 638 33.34 48.95 56.85
N ASN B 639 32.95 50.22 56.91
CA ASN B 639 33.89 51.33 56.94
C ASN B 639 33.54 52.28 58.07
N ARG B 640 34.55 52.94 58.60
CA ARG B 640 34.36 53.91 59.69
C ARG B 640 33.94 55.23 59.08
N LEU B 641 32.63 55.48 59.05
CA LEU B 641 32.08 56.70 58.48
C LEU B 641 32.20 57.82 59.50
N THR B 642 32.63 59.00 59.04
CA THR B 642 32.77 60.15 59.92
C THR B 642 31.41 60.59 60.48
N LYS B 643 30.39 60.64 59.62
CA LYS B 643 29.07 61.06 60.03
C LYS B 643 28.04 60.52 59.06
N LEU B 644 26.78 60.52 59.50
CA LEU B 644 25.65 60.08 58.69
C LEU B 644 24.55 61.13 58.77
N PRO B 645 24.73 62.28 58.10
CA PRO B 645 23.75 63.35 58.19
C PRO B 645 22.61 63.20 57.19
N ASN B 646 21.40 63.59 57.60
CA ASN B 646 20.24 63.51 56.71
C ASN B 646 20.35 64.50 55.57
N LEU B 647 20.92 65.68 55.83
CA LEU B 647 20.99 66.71 54.80
C LEU B 647 21.91 66.29 53.66
N THR B 648 22.76 65.29 53.89
CA THR B 648 23.70 64.80 52.88
C THR B 648 23.01 63.83 51.92
N LYS B 649 21.93 64.33 51.31
CA LYS B 649 21.11 63.63 50.31
C LYS B 649 20.38 62.42 50.89
N HIS B 650 20.53 62.13 52.18
CA HIS B 650 19.78 61.02 52.78
C HIS B 650 18.28 61.29 52.75
N ASN B 651 17.88 62.53 53.03
CA ASN B 651 16.47 62.89 52.94
C ASN B 651 15.98 62.79 51.50
N GLU B 652 16.81 63.20 50.54
CA GLU B 652 16.44 63.06 49.13
C GLU B 652 16.32 61.60 48.74
N ILE B 653 17.16 60.74 49.31
CA ILE B 653 17.06 59.31 49.06
C ILE B 653 15.73 58.78 49.58
N THR B 654 15.05 57.97 48.77
CA THR B 654 13.77 57.41 49.19
C THR B 654 13.94 56.50 50.40
N GLN B 655 14.99 55.69 50.42
CA GLN B 655 15.25 54.78 51.53
C GLN B 655 16.75 54.75 51.79
N LEU B 656 17.11 54.22 52.97
CA LEU B 656 18.49 54.07 53.38
C LEU B 656 18.76 52.61 53.75
N TYR B 657 19.81 52.04 53.17
CA TYR B 657 20.22 50.67 53.45
C TYR B 657 21.71 50.66 53.75
N ALA B 658 22.07 50.28 54.98
CA ALA B 658 23.45 50.22 55.40
C ALA B 658 23.87 48.78 55.66
N ARG B 659 25.15 48.50 55.40
CA ARG B 659 25.72 47.17 55.59
C ARG B 659 26.94 47.27 56.48
N ASN B 660 26.85 46.73 57.69
CA ASN B 660 27.95 46.72 58.65
C ASN B 660 28.48 48.12 58.92
N ASN B 661 27.59 49.10 59.06
CA ASN B 661 27.95 50.47 59.37
C ASN B 661 27.66 50.74 60.85
N SER B 662 28.69 51.14 61.59
CA SER B 662 28.59 51.35 63.02
C SER B 662 28.68 52.84 63.32
N ILE B 663 27.72 53.34 64.09
CA ILE B 663 27.69 54.73 64.52
C ILE B 663 27.63 54.75 66.05
N GLN B 664 28.58 55.45 66.67
CA GLN B 664 28.61 55.54 68.13
C GLN B 664 27.40 56.30 68.65
N ASN B 665 27.02 57.39 67.99
CA ASN B 665 25.90 58.21 68.40
C ASN B 665 24.97 58.43 67.22
N LEU B 666 23.66 58.37 67.50
CA LEU B 666 22.64 58.60 66.50
C LEU B 666 21.70 59.71 66.97
N LEU B 667 21.28 60.55 66.04
CA LEU B 667 20.42 61.68 66.35
C LEU B 667 19.22 61.72 65.42
N PRO B 668 18.09 62.24 65.88
CA PRO B 668 16.93 62.38 64.98
C PRO B 668 17.20 63.26 63.78
N HIS B 669 17.99 64.31 63.96
CA HIS B 669 18.36 65.17 62.83
C HIS B 669 19.18 64.40 61.81
N ASN B 670 20.09 63.55 62.28
CA ASN B 670 20.88 62.73 61.36
C ASN B 670 20.00 61.74 60.61
N ILE B 671 18.99 61.19 61.28
CA ILE B 671 18.06 60.26 60.61
C ILE B 671 17.27 61.03 59.57
N PRO B 672 17.10 60.49 58.35
CA PRO B 672 16.38 61.24 57.32
C PRO B 672 14.87 61.10 57.42
N SER B 673 14.19 62.21 57.72
CA SER B 673 12.74 62.18 57.84
C SER B 673 12.07 62.09 56.46
N LYS B 674 12.62 62.80 55.47
CA LYS B 674 12.05 62.74 54.13
C LYS B 674 12.21 61.35 53.53
N LEU B 675 13.25 60.62 53.95
CA LEU B 675 13.39 59.20 53.51
C LEU B 675 12.30 58.37 54.19
N ARG B 676 11.65 57.46 53.46
CA ARG B 676 10.52 56.68 54.03
C ARG B 676 11.01 55.83 55.21
N ILE B 677 12.16 55.17 55.08
CA ILE B 677 12.69 54.30 56.17
C ILE B 677 14.22 54.21 56.07
N ILE B 678 14.88 53.95 57.20
CA ILE B 678 16.37 53.75 57.19
C ILE B 678 16.71 52.33 57.64
N ASP B 679 17.67 51.67 56.96
CA ASP B 679 18.11 50.36 57.40
C ASP B 679 19.60 50.40 57.71
N LEU B 680 19.97 49.85 58.86
CA LEU B 680 21.36 49.85 59.30
C LEU B 680 21.71 48.47 59.86
N SER B 681 23.00 48.14 59.78
CA SER B 681 23.50 46.87 60.28
C SER B 681 24.77 47.12 61.09
N GLN B 682 24.95 46.29 62.12
CA GLN B 682 26.11 46.39 63.02
C GLN B 682 26.22 47.77 63.65
N ASN B 683 25.08 48.34 64.02
CA ASN B 683 25.07 49.65 64.67
C ASN B 683 25.61 49.53 66.09
N LEU B 684 26.36 50.55 66.51
CA LEU B 684 26.97 50.57 67.83
C LEU B 684 26.09 51.22 68.89
N LEU B 685 24.97 51.82 68.51
CA LEU B 685 24.08 52.50 69.44
C LEU B 685 22.67 51.97 69.28
N LYS B 686 22.03 51.63 70.40
CA LYS B 686 20.66 51.16 70.41
C LYS B 686 19.66 52.26 70.73
N MET B 687 20.10 53.50 70.88
CA MET B 687 19.19 54.59 71.20
C MET B 687 18.21 54.83 70.06
N ILE B 688 17.00 55.26 70.42
CA ILE B 688 15.93 55.48 69.47
C ILE B 688 15.78 56.98 69.24
N ASP B 689 15.79 57.40 67.98
CA ASP B 689 15.63 58.80 67.62
C ASP B 689 14.15 59.18 67.62
N ASP B 690 13.89 60.47 67.37
CA ASP B 690 12.51 60.94 67.30
C ASP B 690 11.78 60.28 66.13
N SER B 691 12.45 60.15 64.98
CA SER B 691 11.87 59.41 63.87
C SER B 691 11.71 57.93 64.22
N THR B 692 12.68 57.37 64.95
CA THR B 692 12.59 55.97 65.35
C THR B 692 11.47 55.74 66.36
N LEU B 693 11.04 56.79 67.06
CA LEU B 693 9.92 56.66 67.98
C LEU B 693 8.64 56.25 67.26
N ALA B 694 8.47 56.67 66.02
CA ALA B 694 7.39 56.19 65.16
C ALA B 694 7.91 55.03 64.34
N GLN B 695 7.08 53.97 64.20
CA GLN B 695 7.48 52.81 63.36
C GLN B 695 7.43 53.24 61.89
N ILE B 696 8.41 52.79 61.09
CA ILE B 696 8.46 53.14 59.64
C ILE B 696 7.17 52.67 58.94
N ASN B 697 6.90 53.19 57.74
CA ASN B 697 5.62 52.88 57.04
C ASN B 697 5.57 51.38 56.70
N ARG B 698 4.39 50.76 56.87
CA ARG B 698 4.22 49.33 56.49
C ARG B 698 4.37 49.19 54.97
N SER B 699 3.83 50.14 54.20
CA SER B 699 3.87 50.04 52.72
C SER B 699 4.79 51.12 52.13
N SER B 700 5.60 50.76 51.13
CA SER B 700 6.53 51.71 50.45
C SER B 700 7.77 51.97 51.30
N HIS B 701 7.92 51.24 52.41
CA HIS B 701 9.14 51.37 53.26
C HIS B 701 9.69 49.98 53.57
N LEU B 702 10.34 49.35 52.59
CA LEU B 702 10.88 47.97 52.76
C LEU B 702 11.93 47.97 53.89
N GLU B 703 12.75 49.03 53.95
CA GLU B 703 13.81 49.13 54.99
C GLU B 703 13.15 49.18 56.38
N THR B 704 13.77 48.53 57.37
CA THR B 704 13.22 48.52 58.75
C THR B 704 14.36 48.31 59.74
N ILE B 705 14.03 48.10 61.03
CA ILE B 705 15.07 47.84 62.02
C ILE B 705 15.17 46.34 62.27
N ARG B 706 16.38 45.87 62.54
CA ARG B 706 16.65 44.45 62.77
C ARG B 706 17.26 44.26 64.14
N LEU B 707 16.77 43.25 64.87
CA LEU B 707 17.29 42.96 66.19
C LEU B 707 18.74 42.49 66.12
N SER B 708 19.07 41.69 65.12
CA SER B 708 20.42 41.16 64.98
C SER B 708 21.40 42.27 64.62
N GLN B 709 22.67 42.06 64.99
CA GLN B 709 23.74 43.03 64.74
C GLN B 709 23.44 44.38 65.35
N ASN B 710 23.10 44.38 66.64
CA ASN B 710 22.79 45.60 67.37
C ASN B 710 23.59 45.64 68.67
N GLN B 711 24.10 46.81 69.01
CA GLN B 711 24.86 47.03 70.23
C GLN B 711 24.06 47.94 71.15
N TRP B 712 23.85 47.50 72.39
CA TRP B 712 23.03 48.24 73.33
C TRP B 712 23.81 49.38 73.96
N LEU B 713 23.12 50.51 74.16
CA LEU B 713 23.65 51.65 74.89
C LEU B 713 22.70 51.98 76.02
N CYS B 714 23.24 52.15 77.22
CA CYS B 714 22.44 52.33 78.42
C CYS B 714 22.56 53.77 78.91
N ASP B 715 21.40 54.43 79.06
CA ASP B 715 21.34 55.79 79.58
C ASP B 715 19.92 56.05 80.07
N CYS B 716 19.82 56.82 81.15
CA CYS B 716 18.51 57.10 81.72
C CYS B 716 17.58 57.87 80.78
N PRO B 717 17.99 58.97 80.14
CA PRO B 717 17.06 59.61 79.19
C PRO B 717 16.70 58.72 78.01
N ALA B 718 17.63 57.86 77.58
CA ALA B 718 17.36 56.99 76.43
C ALA B 718 16.46 55.82 76.81
N SER B 719 16.22 55.62 78.11
CA SER B 719 15.38 54.50 78.53
C SER B 719 13.96 54.64 78.01
N SER B 720 13.40 55.84 78.07
CA SER B 720 12.06 56.06 77.54
C SER B 720 12.01 55.82 76.03
N PHE B 721 13.02 56.31 75.30
CA PHE B 721 13.10 56.04 73.87
C PHE B 721 13.29 54.55 73.62
N LEU B 722 14.13 53.89 74.43
CA LEU B 722 14.29 52.45 74.31
C LEU B 722 12.98 51.73 74.62
N ILE B 723 12.22 52.23 75.59
CA ILE B 723 10.92 51.64 75.91
C ILE B 723 9.97 51.78 74.72
N PHE B 724 9.97 52.97 74.08
CA PHE B 724 9.13 53.17 72.91
C PHE B 724 9.52 52.24 71.77
N VAL B 725 10.83 52.06 71.57
CA VAL B 725 11.30 51.15 70.51
C VAL B 725 10.88 49.72 70.83
N GLN B 726 11.01 49.30 72.09
CA GLN B 726 10.65 47.94 72.46
C GLN B 726 9.15 47.71 72.34
N GLN B 727 8.35 48.76 72.57
CA GLN B 727 6.90 48.62 72.44
C GLN B 727 6.51 48.23 71.02
N ASN B 728 7.12 48.86 70.02
CA ASN B 728 6.85 48.49 68.63
C ASN B 728 7.55 47.19 68.27
N SER B 729 8.74 46.95 68.84
CA SER B 729 9.51 45.76 68.52
C SER B 729 8.82 44.51 69.04
N ARG B 730 8.88 43.43 68.26
CA ARG B 730 8.28 42.16 68.64
C ARG B 730 9.25 40.98 68.60
N LEU B 731 10.39 41.11 67.92
CA LEU B 731 11.34 40.01 67.86
C LEU B 731 11.90 39.67 69.24
N ILE B 732 12.25 40.70 70.01
CA ILE B 732 12.81 40.51 71.35
C ILE B 732 12.65 41.82 72.11
N SER B 733 12.70 41.74 73.44
CA SER B 733 12.62 42.94 74.25
C SER B 733 13.81 43.87 73.99
N ASP B 734 15.00 43.29 73.83
CA ASP B 734 16.19 44.05 73.52
C ASP B 734 17.04 43.26 72.55
N MET B 735 18.21 43.79 72.23
CA MET B 735 19.13 43.11 71.32
C MET B 735 19.59 41.80 71.93
N SER B 736 19.72 40.77 71.08
CA SER B 736 20.15 39.46 71.56
C SER B 736 21.57 39.53 72.12
N ALA B 737 22.48 40.20 71.41
CA ALA B 737 23.86 40.36 71.87
C ALA B 737 24.01 41.72 72.57
N ILE B 738 23.29 41.85 73.69
CA ILE B 738 23.29 43.08 74.48
C ILE B 738 23.76 42.71 75.88
N ARG B 739 24.97 43.19 76.25
CA ARG B 739 25.53 43.00 77.57
C ARG B 739 26.04 44.36 78.07
N CYS B 740 25.14 45.13 78.68
CA CYS B 740 25.46 46.45 79.19
C CYS B 740 24.78 46.63 80.53
N HIS B 741 25.55 47.05 81.54
CA HIS B 741 25.01 47.27 82.89
C HIS B 741 25.94 48.21 83.64
N PRO B 742 25.84 49.51 83.38
CA PRO B 742 26.67 50.49 84.10
C PRO B 742 26.09 50.83 85.48
N SER B 743 26.22 49.88 86.40
CA SER B 743 25.68 49.91 87.76
C SER B 743 24.16 49.90 87.76
N GLY B 744 23.51 49.54 86.65
CA GLY B 744 22.07 49.47 86.59
C GLY B 744 21.62 48.88 85.28
N LYS B 745 20.30 48.72 85.14
CA LYS B 745 19.69 48.17 83.93
C LYS B 745 18.95 49.30 83.22
N SER B 746 19.39 49.62 82.01
CA SER B 746 18.77 50.68 81.21
C SER B 746 18.48 50.22 79.77
N LEU B 747 18.60 48.92 79.51
CA LEU B 747 18.34 48.43 78.17
C LEU B 747 16.84 48.46 77.86
N ASP B 748 16.50 48.16 76.61
CA ASP B 748 15.10 48.09 76.22
C ASP B 748 14.38 46.99 76.97
N SER B 749 15.05 45.85 77.20
CA SER B 749 14.46 44.79 78.00
C SER B 749 14.29 45.21 79.44
N ILE B 750 15.11 46.17 79.91
CA ILE B 750 15.03 46.61 81.30
C ILE B 750 13.71 47.33 81.53
N THR B 751 13.13 47.11 82.71
CA THR B 751 11.83 47.70 83.04
C THR B 751 11.99 49.17 83.44
N VAL B 752 10.85 49.80 83.70
CA VAL B 752 10.86 51.21 84.07
C VAL B 752 11.51 51.42 85.43
N ASN B 753 11.31 50.46 86.35
CA ASN B 753 11.85 50.61 87.70
C ASN B 753 13.37 50.67 87.68
N GLU B 754 14.02 49.84 86.87
CA GLU B 754 15.47 49.86 86.77
C GLU B 754 15.93 51.16 86.12
N LEU B 755 17.07 51.67 86.57
CA LEU B 755 17.63 52.92 86.08
C LEU B 755 19.03 52.69 85.54
N CYS B 756 19.52 53.67 84.79
CA CYS B 756 20.85 53.56 84.19
C CYS B 756 21.95 53.61 85.25
N PHE B 757 21.73 54.39 86.29
CA PHE B 757 22.73 54.52 87.36
C PHE B 757 22.92 53.21 88.11
C1 NAG C . -17.18 -38.84 -5.66
C2 NAG C . -15.80 -38.60 -6.26
C3 NAG C . -15.08 -39.92 -6.47
C4 NAG C . -15.06 -40.73 -5.18
C5 NAG C . -16.46 -40.85 -4.60
C6 NAG C . -16.48 -41.50 -3.23
C7 NAG C . -15.54 -36.59 -7.66
C8 NAG C . -14.98 -35.92 -6.43
N2 NAG C . -15.91 -37.86 -7.51
O3 NAG C . -13.77 -39.68 -6.93
O4 NAG C . -14.54 -42.03 -5.48
O5 NAG C . -17.04 -39.55 -4.44
O6 NAG C . -16.40 -42.93 -3.33
O7 NAG C . -15.65 -36.00 -8.73
C1 NAG C . -13.42 -42.50 -4.69
C2 NAG C . -12.61 -41.40 -4.00
C3 NAG C . -11.54 -42.00 -3.08
C4 NAG C . -12.16 -43.02 -2.13
C5 NAG C . -12.93 -44.06 -2.92
C6 NAG C . -13.64 -45.07 -2.04
C7 NAG C . -11.66 -39.23 -4.70
C8 NAG C . -11.02 -38.47 -5.82
N2 NAG C . -11.98 -40.51 -4.97
O3 NAG C . -10.90 -40.97 -2.33
O4 NAG C . -11.14 -43.65 -1.37
O5 NAG C . -13.95 -43.42 -3.70
O6 NAG C . -12.77 -46.15 -1.70
O7 NAG C . -11.88 -38.72 -3.61
C1 NAG D . 12.52 0.08 14.27
C2 NAG D . 11.92 1.43 13.90
C3 NAG D . 10.43 1.43 14.22
C4 NAG D . 9.73 0.25 13.55
C5 NAG D . 10.45 -1.05 13.91
C6 NAG D . 9.91 -2.25 13.15
C7 NAG D . 13.07 3.59 13.94
C8 NAG D . 13.74 4.63 14.79
N2 NAG D . 12.59 2.52 14.58
O3 NAG D . 9.87 2.67 13.77
O4 NAG D . 8.39 0.12 14.00
O5 NAG D . 11.84 -0.96 13.58
O6 NAG D . 10.57 -2.42 11.91
O7 NAG D . 12.97 3.71 12.72
C1 NAG D . 7.40 0.96 13.35
C2 NAG D . 6.91 0.41 12.00
C3 NAG D . 5.77 1.25 11.46
C4 NAG D . 4.66 1.38 12.50
C5 NAG D . 5.24 1.94 13.80
C6 NAG D . 4.22 2.01 14.92
C7 NAG D . 8.35 -0.75 10.37
C8 NAG D . 9.49 -0.61 9.40
N2 NAG D . 8.00 0.36 11.03
O3 NAG D . 5.25 0.65 10.28
O4 NAG D . 3.64 2.26 12.03
O5 NAG D . 6.30 1.08 14.25
O6 NAG D . 2.89 2.06 14.41
O7 NAG D . 7.76 -1.82 10.55
C1 NAG E . 27.75 33.10 3.77
C2 NAG E . 28.39 31.74 4.07
C3 NAG E . 29.89 31.79 3.80
C4 NAG E . 30.16 32.31 2.39
C5 NAG E . 29.42 33.62 2.14
C6 NAG E . 29.52 34.11 0.72
C7 NAG E . 28.51 32.02 6.53
C8 NAG E . 28.14 31.42 7.85
N2 NAG E . 28.13 31.33 5.44
O3 NAG E . 30.44 30.49 3.95
O4 NAG E . 31.56 32.52 2.22
O5 NAG E . 28.03 33.46 2.42
O6 NAG E . 28.28 34.65 0.27
O7 NAG E . 29.11 33.08 6.45
C1 NAG E . 32.05 31.75 1.10
C2 NAG E . 33.31 32.44 0.59
C3 NAG E . 33.90 31.65 -0.58
C4 NAG E . 34.12 30.20 -0.19
C5 NAG E . 32.83 29.60 0.38
C6 NAG E . 33.01 28.20 0.91
C7 NAG E . 33.16 34.85 1.02
C8 NAG E . 32.83 36.19 0.44
N2 NAG E . 33.04 33.82 0.19
O3 NAG E . 35.14 32.24 -0.97
O4 NAG E . 34.52 29.45 -1.32
O5 NAG E . 32.36 30.40 1.47
O6 NAG E . 33.97 27.48 0.15
O7 NAG E . 33.49 34.71 2.19
C1 NAG F . 2.08 -7.94 -16.83
C2 NAG F . 0.85 -8.18 -15.98
C3 NAG F . -0.17 -7.08 -16.22
C4 NAG F . 0.45 -5.70 -16.05
C5 NAG F . 1.76 -5.60 -16.86
C6 NAG F . 2.54 -4.32 -16.57
C7 NAG F . -0.22 -10.29 -15.31
C8 NAG F . -0.78 -11.60 -15.77
N2 NAG F . 0.27 -9.49 -16.26
O3 NAG F . -1.27 -7.24 -15.33
O4 NAG F . -0.48 -4.73 -16.53
O5 NAG F . 2.63 -6.68 -16.53
O6 NAG F . 2.89 -4.24 -15.20
O7 NAG F . -0.21 -9.97 -14.12
C1 NAG F . -0.75 -3.59 -15.66
C2 NAG F . -0.61 -3.92 -14.16
C3 NAG F . -0.78 -2.65 -13.33
C4 NAG F . 0.16 -1.56 -13.81
C5 NAG F . -0.06 -1.30 -15.30
C6 NAG F . 0.89 -0.29 -15.88
C7 NAG F . -1.37 -5.71 -12.68
C8 NAG F . -2.47 -6.71 -12.40
N2 NAG F . -1.56 -4.93 -13.75
O3 NAG F . -0.50 -2.94 -11.96
O4 NAG F . -0.09 -0.35 -13.09
O5 NAG F . 0.14 -2.52 -16.03
O6 NAG F . 0.43 1.04 -15.67
O7 NAG F . -0.37 -5.64 -11.98
C1 NAG G . -32.39 -10.94 -7.52
C2 NAG G . -33.39 -10.33 -6.53
C3 NAG G . -33.89 -8.98 -7.04
C4 NAG G . -32.71 -8.06 -7.35
C5 NAG G . -31.76 -8.74 -8.31
C6 NAG G . -30.51 -7.94 -8.59
C7 NAG G . -35.27 -11.20 -5.20
C8 NAG G . -36.38 -12.20 -5.13
N2 NAG G . -34.50 -11.24 -6.30
O3 NAG G . -34.73 -8.38 -6.06
O4 NAG G . -33.18 -6.85 -7.93
O5 NAG G . -31.33 -10.00 -7.76
O6 NAG G . -30.80 -6.55 -8.62
O7 NAG G . -35.07 -10.38 -4.31
C1 NAG H . 17.56 1.88 29.67
C2 NAG H . 18.97 2.47 29.71
C3 NAG H . 19.16 3.30 30.98
C4 NAG H . 18.05 4.34 31.12
C5 NAG H . 16.69 3.67 31.01
C6 NAG H . 15.55 4.66 31.02
C7 NAG H . 20.58 1.09 28.48
C8 NAG H . 21.59 -0.01 28.57
N2 NAG H . 19.98 1.44 29.63
O3 NAG H . 20.43 3.95 30.94
O4 NAG H . 18.15 5.01 32.37
O5 NAG H . 16.60 2.94 29.79
O6 NAG H . 15.00 4.82 29.72
O7 NAG H . 20.31 1.64 27.42
C1 NAG I . -40.50 -43.74 -41.62
C2 NAG I . -40.29 -44.93 -42.55
C3 NAG I . -38.88 -44.90 -43.13
C4 NAG I . -38.59 -43.56 -43.79
C5 NAG I . -38.89 -42.42 -42.81
C6 NAG I . -38.74 -41.05 -43.45
C7 NAG I . -41.52 -47.02 -42.18
C8 NAG I . -41.63 -48.27 -41.36
N2 NAG I . -40.53 -46.19 -41.85
O3 NAG I . -38.73 -45.95 -44.08
O4 NAG I . -37.24 -43.49 -44.19
O5 NAG I . -40.23 -42.52 -42.34
O6 NAG I . -37.69 -41.03 -44.39
O7 NAG I . -42.30 -46.77 -43.09
C1 NAG J . 0.60 -11.77 -32.78
C2 NAG J . 1.07 -13.05 -33.47
C3 NAG J . 0.04 -13.51 -34.50
C4 NAG J . -1.34 -13.64 -33.87
C5 NAG J . -1.71 -12.33 -33.17
C6 NAG J . -3.02 -12.42 -32.42
C7 NAG J . 3.32 -13.80 -34.07
C8 NAG J . 4.60 -13.45 -34.77
N2 NAG J . 2.37 -12.87 -34.08
O3 NAG J . 0.44 -14.76 -35.05
O4 NAG J . -2.31 -13.95 -34.85
O5 NAG J . -0.71 -11.97 -32.22
O6 NAG J . -3.29 -13.75 -31.99
O7 NAG J . 3.16 -14.89 -33.52
#